data_6W9N
#
_entry.id   6W9N
#
loop_
_entity.id
_entity.type
_entity.pdbx_description
1 polymer 'WD repeat and FYVE domain-containing protein 3'
2 non-polymer 'ZINC ION'
#
_entity_poly.entity_id   1
_entity_poly.type   'polypeptide(L)'
_entity_poly.pdbx_seq_one_letter_code
;SNAGRSAADHWVKDEGGDSCSGCSVRFSLTERRHHCRNCGQLFCQKCSRFQSEIKRLKISSPVRVCQNCYYNLQHERG
;
_entity_poly.pdbx_strand_id   A
#
# COMPACT_ATOMS: atom_id res chain seq x y z
N SER A 1 -18.66 -18.18 -19.40
CA SER A 1 -17.38 -18.22 -20.09
C SER A 1 -16.34 -17.33 -19.39
N ASN A 2 -15.61 -17.91 -18.45
CA ASN A 2 -14.60 -17.19 -17.71
C ASN A 2 -13.24 -17.89 -17.79
N ALA A 3 -12.29 -17.41 -17.00
CA ALA A 3 -10.96 -18.00 -16.97
C ALA A 3 -10.27 -17.73 -15.64
N GLY A 4 -9.24 -18.53 -15.34
CA GLY A 4 -8.51 -18.36 -14.10
C GLY A 4 -7.38 -17.36 -14.22
N ARG A 5 -6.33 -17.55 -13.43
CA ARG A 5 -5.18 -16.66 -13.44
C ARG A 5 -4.05 -17.20 -12.58
N SER A 6 -2.82 -17.02 -13.03
CA SER A 6 -1.65 -17.49 -12.29
C SER A 6 -0.36 -17.08 -12.99
N ALA A 7 0.76 -17.54 -12.46
CA ALA A 7 2.07 -17.23 -13.03
C ALA A 7 2.83 -18.49 -13.40
N ALA A 8 4.09 -18.33 -13.80
CA ALA A 8 4.93 -19.46 -14.17
C ALA A 8 6.01 -19.71 -13.13
N ASP A 9 6.26 -18.71 -12.28
CA ASP A 9 7.28 -18.83 -11.24
C ASP A 9 6.75 -18.28 -9.92
N HIS A 10 5.98 -19.11 -9.22
CA HIS A 10 5.40 -18.72 -7.93
C HIS A 10 5.13 -19.94 -7.06
N TRP A 11 6.07 -20.26 -6.18
CA TRP A 11 5.93 -21.41 -5.29
C TRP A 11 5.45 -20.97 -3.91
N VAL A 12 4.72 -19.86 -3.86
CA VAL A 12 4.21 -19.34 -2.60
C VAL A 12 3.30 -18.14 -2.83
N LYS A 13 2.46 -17.83 -1.84
CA LYS A 13 1.54 -16.71 -1.94
C LYS A 13 0.87 -16.44 -0.59
N ASP A 14 1.33 -15.40 0.09
CA ASP A 14 0.76 -15.03 1.39
C ASP A 14 1.06 -13.58 1.72
N GLU A 15 1.25 -12.77 0.68
CA GLU A 15 1.54 -11.35 0.85
C GLU A 15 0.28 -10.58 1.20
N GLY A 16 -0.29 -10.88 2.37
CA GLY A 16 -1.49 -10.20 2.80
C GLY A 16 -1.65 -10.19 4.32
N GLY A 17 -0.80 -9.44 5.00
CA GLY A 17 -0.87 -9.37 6.45
C GLY A 17 0.28 -8.59 7.04
N ASP A 18 1.49 -8.87 6.57
CA ASP A 18 2.69 -8.18 7.07
C ASP A 18 3.83 -8.29 6.06
N SER A 19 3.48 -8.21 4.78
CA SER A 19 4.48 -8.30 3.72
C SER A 19 4.13 -7.37 2.56
N CYS A 20 5.14 -6.70 2.02
CA CYS A 20 4.94 -5.78 0.90
C CYS A 20 4.16 -6.45 -0.23
N SER A 21 3.48 -5.63 -1.03
CA SER A 21 2.69 -6.15 -2.15
C SER A 21 3.50 -6.10 -3.45
N GLY A 22 4.35 -5.09 -3.56
CA GLY A 22 5.17 -4.95 -4.75
C GLY A 22 6.57 -5.49 -4.58
N CYS A 23 6.82 -6.11 -3.43
CA CYS A 23 8.13 -6.67 -3.13
C CYS A 23 8.00 -7.95 -2.30
N SER A 24 6.95 -8.01 -1.49
CA SER A 24 6.71 -9.18 -0.65
C SER A 24 7.73 -9.25 0.49
N VAL A 25 8.50 -8.17 0.63
CA VAL A 25 9.51 -8.11 1.68
C VAL A 25 8.88 -8.08 3.07
N ARG A 26 9.15 -9.11 3.86
CA ARG A 26 8.61 -9.21 5.21
C ARG A 26 8.97 -7.98 6.03
N PHE A 27 7.97 -7.16 6.34
CA PHE A 27 8.18 -5.95 7.13
C PHE A 27 8.88 -6.27 8.44
N SER A 28 9.65 -5.31 8.95
CA SER A 28 10.38 -5.50 10.20
C SER A 28 10.77 -4.15 10.79
N LEU A 29 11.59 -4.19 11.84
CA LEU A 29 12.04 -2.97 12.51
C LEU A 29 12.82 -2.08 11.54
N THR A 30 13.35 -2.68 10.50
CA THR A 30 14.12 -1.94 9.50
C THR A 30 13.26 -1.61 8.28
N GLU A 31 12.19 -2.39 8.09
CA GLU A 31 11.30 -2.17 6.96
C GLU A 31 9.93 -1.68 7.44
N ARG A 32 9.63 -0.41 7.16
CA ARG A 32 8.35 0.18 7.57
C ARG A 32 7.21 -0.34 6.70
N ARG A 33 6.03 -0.46 7.30
CA ARG A 33 4.86 -0.95 6.58
C ARG A 33 3.76 0.12 6.54
N HIS A 34 2.90 0.02 5.54
CA HIS A 34 1.80 0.97 5.38
C HIS A 34 0.75 0.44 4.42
N HIS A 35 -0.50 0.39 4.89
CA HIS A 35 -1.61 -0.10 4.09
C HIS A 35 -2.24 1.03 3.28
N CYS A 36 -2.07 0.99 1.97
CA CYS A 36 -2.63 2.01 1.09
C CYS A 36 -4.14 2.13 1.29
N ARG A 37 -4.59 3.33 1.66
CA ARG A 37 -6.02 3.56 1.88
C ARG A 37 -6.74 3.76 0.55
N ASN A 38 -6.00 3.63 -0.55
CA ASN A 38 -6.57 3.79 -1.88
C ASN A 38 -6.88 2.44 -2.51
N CYS A 39 -5.93 1.51 -2.39
CA CYS A 39 -6.10 0.17 -2.95
C CYS A 39 -6.35 -0.85 -1.84
N GLY A 40 -5.69 -0.66 -0.71
CA GLY A 40 -5.86 -1.57 0.41
C GLY A 40 -4.75 -2.61 0.49
N GLN A 41 -3.59 -2.26 -0.04
CA GLN A 41 -2.45 -3.18 -0.04
C GLN A 41 -1.31 -2.62 0.81
N LEU A 42 -0.50 -3.52 1.36
CA LEU A 42 0.62 -3.12 2.20
C LEU A 42 1.91 -3.03 1.38
N PHE A 43 2.56 -1.86 1.44
CA PHE A 43 3.80 -1.65 0.71
C PHE A 43 4.92 -1.20 1.64
N CYS A 44 6.15 -1.30 1.17
CA CYS A 44 7.31 -0.92 1.96
C CYS A 44 7.65 0.55 1.75
N GLN A 45 8.39 1.13 2.70
CA GLN A 45 8.78 2.54 2.62
C GLN A 45 9.52 2.81 1.31
N LYS A 46 10.08 1.76 0.72
CA LYS A 46 10.83 1.89 -0.53
C LYS A 46 9.90 1.73 -1.73
N CYS A 47 8.72 1.17 -1.49
CA CYS A 47 7.75 0.96 -2.56
C CYS A 47 6.97 2.24 -2.84
N SER A 48 6.43 2.85 -1.79
CA SER A 48 5.65 4.08 -1.95
C SER A 48 6.52 5.30 -1.62
N ARG A 49 7.37 5.17 -0.61
CA ARG A 49 8.25 6.25 -0.20
C ARG A 49 7.55 7.61 -0.35
N PHE A 50 6.23 7.60 -0.21
CA PHE A 50 5.44 8.81 -0.33
C PHE A 50 4.32 8.85 0.71
N GLN A 51 3.65 9.99 0.81
CA GLN A 51 2.56 10.15 1.76
C GLN A 51 1.67 11.32 1.38
N SER A 52 0.36 11.08 1.33
CA SER A 52 -0.60 12.12 0.97
C SER A 52 -2.02 11.61 1.13
N GLU A 53 -2.99 12.53 1.02
CA GLU A 53 -4.40 12.17 1.15
C GLU A 53 -4.93 11.56 -0.14
N ILE A 54 -6.17 11.09 -0.11
CA ILE A 54 -6.80 10.49 -1.28
C ILE A 54 -8.19 11.05 -1.51
N LYS A 55 -8.25 12.22 -2.12
CA LYS A 55 -9.54 12.87 -2.41
C LYS A 55 -10.44 11.93 -3.20
N ARG A 56 -9.84 11.12 -4.06
CA ARG A 56 -10.61 10.18 -4.88
C ARG A 56 -11.34 9.16 -4.00
N LEU A 57 -10.87 9.01 -2.76
CA LEU A 57 -11.47 8.07 -1.83
C LEU A 57 -12.19 8.81 -0.71
N LYS A 58 -12.47 10.09 -0.93
CA LYS A 58 -13.16 10.91 0.06
C LYS A 58 -12.27 11.14 1.29
N ILE A 59 -10.96 11.06 1.09
CA ILE A 59 -10.01 11.26 2.17
C ILE A 59 -9.29 12.60 2.03
N SER A 60 -9.57 13.52 2.95
CA SER A 60 -8.95 14.84 2.93
C SER A 60 -7.67 14.85 3.76
N SER A 61 -7.54 13.87 4.65
CA SER A 61 -6.37 13.77 5.50
C SER A 61 -5.26 12.97 4.81
N PRO A 62 -4.00 13.35 5.09
CA PRO A 62 -2.83 12.70 4.50
C PRO A 62 -2.63 11.28 5.05
N VAL A 63 -2.59 10.30 4.16
CA VAL A 63 -2.40 8.91 4.55
C VAL A 63 -1.36 8.22 3.68
N ARG A 64 -1.11 6.95 3.95
CA ARG A 64 -0.14 6.17 3.17
C ARG A 64 -0.72 5.80 1.81
N VAL A 65 0.04 6.10 0.75
CA VAL A 65 -0.39 5.80 -0.61
C VAL A 65 0.78 5.34 -1.46
N CYS A 66 0.56 4.29 -2.24
CA CYS A 66 1.61 3.76 -3.11
C CYS A 66 1.98 4.76 -4.20
N GLN A 67 3.19 4.64 -4.73
CA GLN A 67 3.68 5.54 -5.76
C GLN A 67 2.66 5.64 -6.90
N ASN A 68 2.11 4.50 -7.30
CA ASN A 68 1.13 4.46 -8.38
C ASN A 68 -0.04 5.39 -8.08
N CYS A 69 -0.37 5.53 -6.80
CA CYS A 69 -1.47 6.38 -6.38
C CYS A 69 -1.00 7.82 -6.19
N TYR A 70 0.08 7.99 -5.43
CA TYR A 70 0.63 9.31 -5.17
C TYR A 70 0.81 10.10 -6.46
N TYR A 71 1.44 9.47 -7.44
CA TYR A 71 1.67 10.11 -8.74
C TYR A 71 0.38 10.68 -9.31
N ASN A 72 -0.72 9.97 -9.08
CA ASN A 72 -2.03 10.40 -9.56
C ASN A 72 -2.67 11.38 -8.60
N LEU A 73 -2.25 11.34 -7.34
CA LEU A 73 -2.79 12.24 -6.32
C LEU A 73 -2.24 13.65 -6.49
N GLN A 74 -1.02 13.74 -7.02
CA GLN A 74 -0.38 15.04 -7.24
C GLN A 74 -0.82 15.64 -8.57
N HIS A 75 -1.11 14.78 -9.54
CA HIS A 75 -1.54 15.23 -10.86
C HIS A 75 -3.06 15.21 -10.97
N GLU A 76 -3.73 15.06 -9.83
CA GLU A 76 -5.19 15.02 -9.80
C GLU A 76 -5.78 16.39 -10.14
N ARG A 77 -5.05 17.44 -9.82
CA ARG A 77 -5.49 18.80 -10.09
C ARG A 77 -5.28 19.17 -11.54
N GLY A 78 -4.25 18.58 -12.16
CA GLY A 78 -3.96 18.86 -13.55
C GLY A 78 -3.44 17.64 -14.29
N SER A 1 0.02 -39.37 -11.56
CA SER A 1 0.20 -38.14 -12.33
C SER A 1 -0.80 -37.08 -11.89
N ASN A 2 -0.42 -35.81 -12.07
CA ASN A 2 -1.28 -34.69 -11.68
C ASN A 2 -1.06 -33.50 -12.61
N ALA A 3 -1.74 -32.40 -12.31
CA ALA A 3 -1.63 -31.18 -13.12
C ALA A 3 -1.80 -29.94 -12.26
N GLY A 4 -1.32 -28.80 -12.75
CA GLY A 4 -1.43 -27.57 -12.02
C GLY A 4 -0.45 -27.48 -10.87
N ARG A 5 -0.97 -27.47 -9.65
CA ARG A 5 -0.15 -27.39 -8.45
C ARG A 5 -1.00 -27.39 -7.19
N SER A 6 -1.68 -26.28 -6.94
CA SER A 6 -2.52 -26.14 -5.76
C SER A 6 -3.19 -24.77 -5.73
N ALA A 7 -2.41 -23.73 -6.00
CA ALA A 7 -2.92 -22.37 -6.00
C ALA A 7 -2.02 -21.44 -6.81
N ALA A 8 -2.32 -20.15 -6.77
CA ALA A 8 -1.53 -19.16 -7.50
C ALA A 8 -0.12 -19.05 -6.93
N ASP A 9 0.05 -19.57 -5.71
CA ASP A 9 1.35 -19.55 -5.06
C ASP A 9 1.31 -20.30 -3.73
N HIS A 10 0.42 -19.86 -2.84
CA HIS A 10 0.29 -20.49 -1.53
C HIS A 10 1.59 -20.40 -0.75
N TRP A 11 2.41 -19.40 -1.06
CA TRP A 11 3.67 -19.21 -0.38
C TRP A 11 3.57 -18.13 0.69
N VAL A 12 2.36 -17.94 1.21
CA VAL A 12 2.12 -16.94 2.24
C VAL A 12 1.08 -17.42 3.24
N LYS A 13 1.34 -17.18 4.52
CA LYS A 13 0.42 -17.59 5.57
C LYS A 13 0.61 -16.73 6.83
N ASP A 14 -0.42 -15.94 7.16
CA ASP A 14 -0.36 -15.07 8.33
C ASP A 14 -1.66 -14.29 8.48
N GLU A 15 -2.77 -14.92 8.10
CA GLU A 15 -4.07 -14.28 8.20
C GLU A 15 -4.15 -13.05 7.29
N GLY A 16 -3.62 -11.93 7.78
CA GLY A 16 -3.64 -10.70 7.00
C GLY A 16 -2.59 -10.69 5.90
N GLY A 17 -1.49 -9.99 6.14
CA GLY A 17 -0.43 -9.91 5.16
C GLY A 17 0.58 -8.84 5.48
N ASP A 18 1.51 -9.15 6.37
CA ASP A 18 2.54 -8.20 6.77
C ASP A 18 3.73 -8.25 5.80
N SER A 19 3.43 -8.18 4.51
CA SER A 19 4.47 -8.22 3.49
C SER A 19 4.14 -7.27 2.34
N CYS A 20 5.16 -6.56 1.86
CA CYS A 20 4.97 -5.61 0.77
C CYS A 20 4.26 -6.28 -0.41
N SER A 21 3.58 -5.46 -1.22
CA SER A 21 2.85 -5.97 -2.37
C SER A 21 3.69 -5.82 -3.65
N GLY A 22 4.54 -4.80 -3.67
CA GLY A 22 5.37 -4.57 -4.83
C GLY A 22 6.78 -5.11 -4.66
N CYS A 23 7.08 -5.58 -3.45
CA CYS A 23 8.40 -6.13 -3.15
C CYS A 23 8.28 -7.50 -2.49
N SER A 24 7.13 -7.76 -1.89
CA SER A 24 6.89 -9.03 -1.21
C SER A 24 7.80 -9.17 0.01
N VAL A 25 8.41 -8.07 0.42
CA VAL A 25 9.29 -8.07 1.58
C VAL A 25 8.50 -8.14 2.88
N ARG A 26 8.98 -8.96 3.81
CA ARG A 26 8.32 -9.13 5.10
C ARG A 26 8.65 -7.97 6.04
N PHE A 27 7.65 -7.13 6.32
CA PHE A 27 7.84 -5.99 7.20
C PHE A 27 8.41 -6.42 8.55
N SER A 28 9.37 -5.64 9.05
CA SER A 28 10.00 -5.95 10.33
C SER A 28 10.52 -4.68 11.00
N LEU A 29 11.33 -4.86 12.03
CA LEU A 29 11.89 -3.72 12.76
C LEU A 29 12.74 -2.85 11.84
N THR A 30 13.13 -3.42 10.69
CA THR A 30 13.94 -2.69 9.73
C THR A 30 13.12 -2.28 8.51
N GLU A 31 11.95 -2.90 8.36
CA GLU A 31 11.07 -2.61 7.24
C GLU A 31 9.67 -2.22 7.73
N ARG A 32 9.33 -0.94 7.58
CA ARG A 32 8.03 -0.45 8.00
C ARG A 32 6.94 -0.85 7.01
N ARG A 33 5.70 -0.87 7.49
CA ARG A 33 4.57 -1.24 6.65
C ARG A 33 3.63 -0.06 6.43
N HIS A 34 2.97 -0.04 5.28
CA HIS A 34 2.04 1.05 4.95
C HIS A 34 0.89 0.53 4.09
N HIS A 35 -0.33 0.72 4.57
CA HIS A 35 -1.51 0.28 3.83
C HIS A 35 -2.12 1.43 3.03
N CYS A 36 -2.03 1.34 1.70
CA CYS A 36 -2.56 2.37 0.83
C CYS A 36 -4.08 2.47 0.98
N ARG A 37 -4.57 3.67 1.30
CA ARG A 37 -6.00 3.90 1.46
C ARG A 37 -6.68 4.09 0.11
N ASN A 38 -5.90 3.95 -0.97
CA ASN A 38 -6.43 4.12 -2.31
C ASN A 38 -6.82 2.76 -2.91
N CYS A 39 -6.03 1.75 -2.62
CA CYS A 39 -6.29 0.40 -3.12
C CYS A 39 -6.50 -0.59 -1.97
N GLY A 40 -5.75 -0.38 -0.88
CA GLY A 40 -5.86 -1.25 0.27
C GLY A 40 -4.74 -2.28 0.32
N GLN A 41 -3.64 -1.98 -0.34
CA GLN A 41 -2.49 -2.88 -0.37
C GLN A 41 -1.39 -2.41 0.58
N LEU A 42 -0.61 -3.35 1.09
CA LEU A 42 0.48 -3.02 2.01
C LEU A 42 1.80 -2.89 1.26
N PHE A 43 2.49 -1.77 1.48
CA PHE A 43 3.77 -1.52 0.83
C PHE A 43 4.82 -1.08 1.84
N CYS A 44 6.09 -1.11 1.43
CA CYS A 44 7.19 -0.72 2.29
C CYS A 44 7.54 0.75 2.10
N GLN A 45 8.24 1.32 3.07
CA GLN A 45 8.64 2.72 3.01
C GLN A 45 9.48 2.98 1.76
N LYS A 46 10.04 1.93 1.19
CA LYS A 46 10.86 2.04 -0.01
C LYS A 46 10.00 1.94 -1.27
N CYS A 47 8.79 1.42 -1.11
CA CYS A 47 7.87 1.27 -2.23
C CYS A 47 7.12 2.58 -2.50
N SER A 48 6.54 3.14 -1.44
CA SER A 48 5.80 4.40 -1.57
C SER A 48 6.70 5.60 -1.33
N ARG A 49 7.60 5.48 -0.36
CA ARG A 49 8.52 6.56 -0.03
C ARG A 49 7.84 7.92 -0.18
N PHE A 50 6.53 7.94 0.01
CA PHE A 50 5.76 9.17 -0.10
C PHE A 50 4.67 9.23 0.96
N GLN A 51 3.98 10.37 1.03
CA GLN A 51 2.91 10.55 2.00
C GLN A 51 1.95 11.65 1.55
N SER A 52 0.66 11.34 1.54
CA SER A 52 -0.36 12.30 1.13
C SER A 52 -1.76 11.73 1.32
N GLU A 53 -2.76 12.59 1.20
CA GLU A 53 -4.15 12.17 1.36
C GLU A 53 -4.67 11.55 0.07
N ILE A 54 -5.94 11.14 0.09
CA ILE A 54 -6.57 10.53 -1.07
C ILE A 54 -8.01 11.01 -1.24
N LYS A 55 -8.16 12.16 -1.90
CA LYS A 55 -9.48 12.73 -2.14
C LYS A 55 -10.36 11.76 -2.94
N ARG A 56 -9.72 10.93 -3.76
CA ARG A 56 -10.44 9.97 -4.58
C ARG A 56 -11.26 9.02 -3.72
N LEU A 57 -10.80 8.80 -2.48
CA LEU A 57 -11.49 7.91 -1.56
C LEU A 57 -12.15 8.71 -0.44
N LYS A 58 -12.31 10.01 -0.66
CA LYS A 58 -12.94 10.88 0.33
C LYS A 58 -12.01 11.09 1.52
N ILE A 59 -10.72 10.94 1.30
CA ILE A 59 -9.73 11.11 2.37
C ILE A 59 -9.02 12.45 2.24
N SER A 60 -9.29 13.35 3.18
CA SER A 60 -8.68 14.68 3.18
C SER A 60 -7.43 14.70 4.05
N SER A 61 -7.32 13.70 4.92
CA SER A 61 -6.17 13.61 5.83
C SER A 61 -5.01 12.89 5.16
N PRO A 62 -3.78 13.20 5.59
CA PRO A 62 -2.56 12.60 5.06
C PRO A 62 -2.43 11.13 5.45
N VAL A 63 -2.31 10.26 4.45
CA VAL A 63 -2.17 8.83 4.69
C VAL A 63 -1.10 8.22 3.79
N ARG A 64 -0.90 6.92 3.93
CA ARG A 64 0.09 6.21 3.13
C ARG A 64 -0.44 5.93 1.72
N VAL A 65 0.39 6.18 0.71
CA VAL A 65 0.00 5.97 -0.68
C VAL A 65 1.17 5.45 -1.50
N CYS A 66 0.91 4.45 -2.34
CA CYS A 66 1.95 3.87 -3.18
C CYS A 66 2.37 4.84 -4.27
N GLN A 67 3.63 4.75 -4.68
CA GLN A 67 4.16 5.62 -5.72
C GLN A 67 3.26 5.62 -6.95
N ASN A 68 2.58 4.49 -7.18
CA ASN A 68 1.69 4.35 -8.32
C ASN A 68 0.45 5.23 -8.16
N CYS A 69 0.00 5.39 -6.92
CA CYS A 69 -1.17 6.20 -6.63
C CYS A 69 -0.78 7.66 -6.41
N TYR A 70 0.22 7.88 -5.56
CA TYR A 70 0.69 9.23 -5.26
C TYR A 70 0.95 10.01 -6.55
N TYR A 71 1.49 9.32 -7.56
CA TYR A 71 1.79 9.95 -8.83
C TYR A 71 0.53 10.55 -9.46
N ASN A 72 -0.58 9.85 -9.30
CA ASN A 72 -1.85 10.31 -9.85
C ASN A 72 -2.55 11.28 -8.89
N LEU A 73 -2.22 11.16 -7.61
CA LEU A 73 -2.82 12.02 -6.59
C LEU A 73 -2.31 13.45 -6.74
N GLN A 74 -1.03 13.59 -7.06
CA GLN A 74 -0.42 14.91 -7.24
C GLN A 74 -0.65 15.43 -8.65
N HIS A 75 -0.89 14.51 -9.59
CA HIS A 75 -1.12 14.88 -10.97
C HIS A 75 -2.55 15.38 -11.17
N GLU A 76 -3.45 14.93 -10.30
CA GLU A 76 -4.85 15.33 -10.37
C GLU A 76 -5.02 16.80 -10.01
N ARG A 77 -4.06 17.34 -9.25
CA ARG A 77 -4.11 18.73 -8.83
C ARG A 77 -3.97 19.67 -10.03
N GLY A 78 -3.19 19.25 -11.02
CA GLY A 78 -2.99 20.06 -12.21
C GLY A 78 -4.22 20.09 -13.10
N SER A 1 1.01 -1.74 -28.12
CA SER A 1 0.38 -2.93 -28.69
C SER A 1 1.06 -4.20 -28.21
N ASN A 2 1.46 -4.20 -26.94
CA ASN A 2 2.13 -5.35 -26.34
C ASN A 2 1.13 -6.20 -25.55
N ALA A 3 1.65 -7.20 -24.85
CA ALA A 3 0.81 -8.10 -24.05
C ALA A 3 1.60 -8.66 -22.87
N GLY A 4 2.51 -9.58 -23.15
CA GLY A 4 3.31 -10.18 -22.11
C GLY A 4 2.68 -11.45 -21.55
N ARG A 5 3.45 -12.20 -20.77
CA ARG A 5 2.96 -13.44 -20.19
C ARG A 5 3.95 -13.99 -19.16
N SER A 6 3.42 -14.58 -18.10
CA SER A 6 4.26 -15.14 -17.04
C SER A 6 5.12 -14.06 -16.39
N ALA A 7 5.85 -14.43 -15.34
CA ALA A 7 6.71 -13.49 -14.64
C ALA A 7 8.09 -14.08 -14.42
N ALA A 8 9.01 -13.26 -13.93
CA ALA A 8 10.38 -13.70 -13.67
C ALA A 8 10.53 -14.21 -12.24
N ASP A 9 9.56 -13.86 -11.39
CA ASP A 9 9.59 -14.28 -10.00
C ASP A 9 8.25 -13.99 -9.31
N HIS A 10 7.59 -15.05 -8.83
CA HIS A 10 6.30 -14.90 -8.17
C HIS A 10 5.88 -16.21 -7.53
N TRP A 11 6.41 -16.50 -6.34
CA TRP A 11 6.09 -17.72 -5.63
C TRP A 11 5.22 -17.43 -4.42
N VAL A 12 4.44 -16.36 -4.50
CA VAL A 12 3.56 -15.96 -3.40
C VAL A 12 2.24 -15.40 -3.93
N LYS A 13 1.13 -15.88 -3.37
CA LYS A 13 -0.18 -15.43 -3.79
C LYS A 13 -1.05 -15.10 -2.57
N ASP A 14 -0.41 -14.67 -1.49
CA ASP A 14 -1.13 -14.32 -0.27
C ASP A 14 -0.62 -13.00 0.29
N GLU A 15 -0.08 -12.15 -0.58
CA GLU A 15 0.43 -10.85 -0.17
C GLU A 15 -0.69 -9.96 0.36
N GLY A 16 -0.90 -10.02 1.66
CA GLY A 16 -1.94 -9.21 2.28
C GLY A 16 -2.06 -9.45 3.77
N GLY A 17 -1.08 -8.99 4.53
CA GLY A 17 -1.10 -9.17 5.96
C GLY A 17 0.05 -8.46 6.66
N ASP A 18 1.27 -8.79 6.26
CA ASP A 18 2.45 -8.17 6.85
C ASP A 18 3.64 -8.27 5.90
N SER A 19 3.38 -8.08 4.62
CA SER A 19 4.43 -8.15 3.61
C SER A 19 4.11 -7.23 2.42
N CYS A 20 5.13 -6.53 1.93
CA CYS A 20 4.96 -5.62 0.81
C CYS A 20 4.23 -6.32 -0.35
N SER A 21 3.57 -5.52 -1.18
CA SER A 21 2.82 -6.06 -2.32
C SER A 21 3.63 -5.89 -3.60
N GLY A 22 4.46 -4.85 -3.65
CA GLY A 22 5.27 -4.61 -4.83
C GLY A 22 6.68 -5.15 -4.69
N CYS A 23 6.99 -5.69 -3.50
CA CYS A 23 8.31 -6.24 -3.25
C CYS A 23 8.20 -7.59 -2.54
N SER A 24 7.10 -7.79 -1.82
CA SER A 24 6.89 -9.04 -1.10
C SER A 24 7.84 -9.16 0.09
N VAL A 25 8.53 -8.06 0.39
CA VAL A 25 9.48 -8.05 1.51
C VAL A 25 8.75 -8.07 2.84
N ARG A 26 9.09 -9.05 3.68
CA ARG A 26 8.48 -9.18 5.00
C ARG A 26 8.84 -8.01 5.89
N PHE A 27 7.85 -7.17 6.21
CA PHE A 27 8.08 -6.00 7.06
C PHE A 27 8.72 -6.41 8.38
N SER A 28 9.57 -5.54 8.90
CA SER A 28 10.26 -5.80 10.17
C SER A 28 10.65 -4.50 10.86
N LEU A 29 11.49 -4.61 11.88
CA LEU A 29 11.95 -3.44 12.62
C LEU A 29 12.76 -2.50 11.72
N THR A 30 13.19 -3.03 10.58
CA THR A 30 13.97 -2.24 9.64
C THR A 30 13.14 -1.84 8.43
N GLU A 31 12.08 -2.60 8.17
CA GLU A 31 11.19 -2.33 7.05
C GLU A 31 9.82 -1.88 7.53
N ARG A 32 9.51 -0.60 7.32
CA ARG A 32 8.23 -0.05 7.73
C ARG A 32 7.11 -0.51 6.81
N ARG A 33 5.88 -0.49 7.31
CA ARG A 33 4.72 -0.91 6.54
C ARG A 33 3.64 0.16 6.54
N HIS A 34 2.75 0.11 5.56
CA HIS A 34 1.67 1.07 5.45
C HIS A 34 0.61 0.59 4.47
N HIS A 35 -0.64 0.52 4.94
CA HIS A 35 -1.74 0.08 4.10
C HIS A 35 -2.34 1.25 3.32
N CYS A 36 -2.16 1.23 2.00
CA CYS A 36 -2.67 2.28 1.14
C CYS A 36 -4.19 2.40 1.29
N ARG A 37 -4.65 3.60 1.61
CA ARG A 37 -6.08 3.85 1.77
C ARG A 37 -6.76 4.03 0.42
N ASN A 38 -5.99 3.89 -0.65
CA ASN A 38 -6.52 4.04 -2.01
C ASN A 38 -6.91 2.68 -2.58
N CYS A 39 -6.10 1.67 -2.31
CA CYS A 39 -6.35 0.32 -2.80
C CYS A 39 -6.52 -0.66 -1.65
N GLY A 40 -5.75 -0.45 -0.58
CA GLY A 40 -5.83 -1.32 0.57
C GLY A 40 -4.71 -2.35 0.60
N GLN A 41 -3.60 -2.04 -0.05
CA GLN A 41 -2.46 -2.95 -0.11
C GLN A 41 -1.33 -2.46 0.80
N LEU A 42 -0.45 -3.38 1.18
CA LEU A 42 0.67 -3.06 2.04
C LEU A 42 1.95 -2.86 1.23
N PHE A 43 2.64 -1.76 1.50
CA PHE A 43 3.87 -1.44 0.79
C PHE A 43 4.96 -1.00 1.77
N CYS A 44 6.22 -1.13 1.35
CA CYS A 44 7.35 -0.73 2.19
C CYS A 44 7.70 0.73 1.97
N GLN A 45 8.43 1.30 2.92
CA GLN A 45 8.84 2.70 2.84
C GLN A 45 9.62 2.97 1.56
N LYS A 46 10.18 1.90 0.98
CA LYS A 46 10.96 2.01 -0.25
C LYS A 46 10.06 1.86 -1.47
N CYS A 47 8.85 1.34 -1.27
CA CYS A 47 7.90 1.14 -2.35
C CYS A 47 7.13 2.43 -2.63
N SER A 48 6.56 3.02 -1.58
CA SER A 48 5.80 4.26 -1.72
C SER A 48 6.66 5.47 -1.40
N ARG A 49 7.50 5.34 -0.38
CA ARG A 49 8.38 6.42 0.03
C ARG A 49 7.69 7.77 -0.13
N PHE A 50 6.38 7.78 -0.01
CA PHE A 50 5.59 9.00 -0.16
C PHE A 50 4.47 9.07 0.89
N GLN A 51 3.80 10.21 0.96
CA GLN A 51 2.71 10.39 1.91
C GLN A 51 1.82 11.56 1.49
N SER A 52 0.52 11.32 1.45
CA SER A 52 -0.44 12.36 1.06
C SER A 52 -1.88 11.86 1.22
N GLU A 53 -2.83 12.75 0.99
CA GLU A 53 -4.24 12.40 1.10
C GLU A 53 -4.73 11.68 -0.15
N ILE A 54 -6.01 11.32 -0.16
CA ILE A 54 -6.58 10.61 -1.30
C ILE A 54 -7.99 11.14 -1.61
N LYS A 55 -8.05 12.25 -2.34
CA LYS A 55 -9.32 12.85 -2.71
C LYS A 55 -10.23 11.84 -3.39
N ARG A 56 -9.63 10.97 -4.21
CA ARG A 56 -10.38 9.94 -4.92
C ARG A 56 -11.12 9.03 -3.95
N LEU A 57 -10.67 9.02 -2.69
CA LEU A 57 -11.29 8.19 -1.67
C LEU A 57 -12.00 9.05 -0.63
N LYS A 58 -12.26 10.31 -0.99
CA LYS A 58 -12.95 11.23 -0.09
C LYS A 58 -12.08 11.54 1.12
N ILE A 59 -10.76 11.41 0.97
CA ILE A 59 -9.83 11.69 2.05
C ILE A 59 -9.07 12.99 1.80
N SER A 60 -9.27 13.96 2.69
CA SER A 60 -8.61 15.25 2.56
C SER A 60 -7.34 15.29 3.40
N SER A 61 -7.29 14.45 4.42
CA SER A 61 -6.13 14.39 5.31
C SER A 61 -5.04 13.51 4.72
N PRO A 62 -3.78 13.76 5.12
CA PRO A 62 -2.63 13.00 4.65
C PRO A 62 -2.62 11.57 5.18
N VAL A 63 -2.59 10.61 4.26
CA VAL A 63 -2.57 9.20 4.63
C VAL A 63 -1.56 8.42 3.81
N ARG A 64 -1.47 7.11 4.06
CA ARG A 64 -0.53 6.26 3.33
C ARG A 64 -0.99 6.06 1.89
N VAL A 65 -0.05 6.20 0.96
CA VAL A 65 -0.35 6.03 -0.46
C VAL A 65 0.86 5.54 -1.23
N CYS A 66 0.65 4.56 -2.10
CA CYS A 66 1.74 4.00 -2.90
C CYS A 66 2.13 4.94 -4.03
N GLN A 67 3.37 4.82 -4.48
CA GLN A 67 3.87 5.67 -5.57
C GLN A 67 2.90 5.68 -6.74
N ASN A 68 2.34 4.52 -7.05
CA ASN A 68 1.39 4.39 -8.15
C ASN A 68 0.20 5.34 -7.96
N CYS A 69 -0.28 5.44 -6.73
CA CYS A 69 -1.40 6.31 -6.42
C CYS A 69 -0.95 7.75 -6.24
N TYR A 70 0.06 7.95 -5.40
CA TYR A 70 0.59 9.28 -5.12
C TYR A 70 0.87 10.02 -6.43
N TYR A 71 1.49 9.31 -7.37
CA TYR A 71 1.82 9.91 -8.67
C TYR A 71 0.62 10.63 -9.27
N ASN A 72 -0.56 10.09 -9.03
CA ASN A 72 -1.80 10.68 -9.55
C ASN A 72 -2.34 11.72 -8.58
N LEU A 73 -2.34 11.39 -7.29
CA LEU A 73 -2.82 12.30 -6.27
C LEU A 73 -2.12 13.65 -6.36
N GLN A 74 -0.80 13.62 -6.44
CA GLN A 74 0.00 14.83 -6.53
C GLN A 74 -0.51 15.73 -7.66
N HIS A 75 -0.92 15.11 -8.75
CA HIS A 75 -1.43 15.85 -9.90
C HIS A 75 -2.96 15.82 -9.95
N GLU A 76 -3.57 15.40 -8.84
CA GLU A 76 -5.01 15.32 -8.75
C GLU A 76 -5.59 16.57 -8.09
N ARG A 77 -4.75 17.59 -7.93
CA ARG A 77 -5.18 18.84 -7.32
C ARG A 77 -5.50 18.64 -5.83
N GLY A 78 -4.82 17.68 -5.21
CA GLY A 78 -5.04 17.41 -3.80
C GLY A 78 -4.46 18.48 -2.90
N SER A 1 22.33 -21.40 28.73
CA SER A 1 20.94 -21.52 28.32
C SER A 1 20.72 -22.78 27.48
N ASN A 2 19.75 -23.59 27.88
CA ASN A 2 19.43 -24.82 27.18
C ASN A 2 18.26 -24.63 26.22
N ALA A 3 18.18 -25.46 25.19
CA ALA A 3 17.10 -25.38 24.22
C ALA A 3 17.12 -24.03 23.50
N GLY A 4 16.06 -23.78 22.73
CA GLY A 4 15.98 -22.52 21.99
C GLY A 4 14.57 -22.24 21.50
N ARG A 5 14.39 -21.06 20.90
CA ARG A 5 13.08 -20.68 20.39
C ARG A 5 12.07 -20.55 21.51
N SER A 6 11.07 -19.69 21.31
CA SER A 6 10.03 -19.48 22.31
C SER A 6 9.02 -18.44 21.84
N ALA A 7 7.74 -18.81 21.85
CA ALA A 7 6.69 -17.91 21.41
C ALA A 7 6.95 -17.37 20.02
N ALA A 8 7.60 -18.18 19.19
CA ALA A 8 7.91 -17.80 17.82
C ALA A 8 6.64 -17.62 16.99
N ASP A 9 5.54 -18.16 17.49
CA ASP A 9 4.26 -18.07 16.80
C ASP A 9 3.10 -18.25 17.78
N HIS A 10 3.24 -19.20 18.69
CA HIS A 10 2.21 -19.49 19.68
C HIS A 10 0.92 -19.97 19.00
N TRP A 11 1.07 -20.59 17.84
CA TRP A 11 -0.07 -21.09 17.09
C TRP A 11 -0.97 -19.95 16.64
N VAL A 12 -0.37 -18.79 16.39
CA VAL A 12 -1.12 -17.62 15.95
C VAL A 12 -0.37 -16.87 14.85
N LYS A 13 -1.06 -16.57 13.76
CA LYS A 13 -0.47 -15.84 12.64
C LYS A 13 -1.53 -15.38 11.65
N ASP A 14 -2.73 -15.13 12.17
CA ASP A 14 -3.83 -14.67 11.33
C ASP A 14 -3.95 -13.15 11.34
N GLU A 15 -2.83 -12.49 11.61
CA GLU A 15 -2.82 -11.02 11.67
C GLU A 15 -2.93 -10.43 10.27
N GLY A 16 -2.69 -11.26 9.26
CA GLY A 16 -2.78 -10.80 7.89
C GLY A 16 -1.61 -11.27 7.04
N GLY A 17 -0.55 -10.47 7.01
CA GLY A 17 0.63 -10.82 6.23
C GLY A 17 1.87 -10.12 6.71
N ASP A 18 1.81 -8.81 6.81
CA ASP A 18 2.96 -8.01 7.26
C ASP A 18 4.08 -8.06 6.24
N SER A 19 3.73 -7.93 4.96
CA SER A 19 4.71 -7.97 3.88
C SER A 19 4.31 -7.02 2.76
N CYS A 20 5.30 -6.54 2.01
CA CYS A 20 5.06 -5.64 0.89
C CYS A 20 4.29 -6.34 -0.22
N SER A 21 3.57 -5.56 -1.02
CA SER A 21 2.79 -6.11 -2.11
C SER A 21 3.56 -6.03 -3.43
N GLY A 22 4.40 -5.00 -3.55
CA GLY A 22 5.19 -4.83 -4.75
C GLY A 22 6.61 -5.33 -4.59
N CYS A 23 6.92 -5.86 -3.41
CA CYS A 23 8.26 -6.38 -3.14
C CYS A 23 8.17 -7.69 -2.37
N SER A 24 7.12 -7.84 -1.57
CA SER A 24 6.93 -9.05 -0.77
C SER A 24 7.94 -9.12 0.37
N VAL A 25 8.61 -7.99 0.63
CA VAL A 25 9.61 -7.92 1.69
C VAL A 25 8.94 -7.88 3.06
N ARG A 26 9.18 -8.91 3.86
CA ARG A 26 8.61 -9.00 5.20
C ARG A 26 9.02 -7.80 6.05
N PHE A 27 8.06 -6.94 6.35
CA PHE A 27 8.32 -5.75 7.15
C PHE A 27 8.98 -6.12 8.47
N SER A 28 9.87 -5.25 8.95
CA SER A 28 10.59 -5.49 10.20
C SER A 28 11.00 -4.17 10.85
N LEU A 29 11.85 -4.26 11.86
CA LEU A 29 12.34 -3.08 12.56
C LEU A 29 13.07 -2.14 11.62
N THR A 30 13.49 -2.67 10.47
CA THR A 30 14.22 -1.88 9.48
C THR A 30 13.32 -1.52 8.30
N GLU A 31 12.26 -2.30 8.11
CA GLU A 31 11.32 -2.07 7.02
C GLU A 31 9.94 -1.71 7.56
N ARG A 32 9.55 -0.45 7.38
CA ARG A 32 8.25 0.03 7.85
C ARG A 32 7.14 -0.49 6.96
N ARG A 33 5.92 -0.50 7.49
CA ARG A 33 4.76 -0.96 6.74
C ARG A 33 3.67 0.10 6.70
N HIS A 34 2.80 0.02 5.70
CA HIS A 34 1.72 0.98 5.54
C HIS A 34 0.67 0.46 4.56
N HIS A 35 -0.57 0.38 5.01
CA HIS A 35 -1.67 -0.10 4.16
C HIS A 35 -2.28 1.04 3.37
N CYS A 36 -2.12 1.01 2.05
CA CYS A 36 -2.66 2.04 1.18
C CYS A 36 -4.17 2.18 1.38
N ARG A 37 -4.60 3.39 1.74
CA ARG A 37 -6.01 3.65 1.96
C ARG A 37 -6.74 3.85 0.64
N ASN A 38 -6.02 3.68 -0.47
CA ASN A 38 -6.60 3.83 -1.79
C ASN A 38 -6.88 2.47 -2.42
N CYS A 39 -5.95 1.55 -2.27
CA CYS A 39 -6.10 0.20 -2.82
C CYS A 39 -6.34 -0.82 -1.71
N GLY A 40 -5.68 -0.61 -0.57
CA GLY A 40 -5.83 -1.52 0.55
C GLY A 40 -4.73 -2.56 0.61
N GLN A 41 -3.57 -2.22 0.07
CA GLN A 41 -2.43 -3.15 0.06
C GLN A 41 -1.30 -2.61 0.93
N LEU A 42 -0.46 -3.52 1.42
CA LEU A 42 0.66 -3.14 2.26
C LEU A 42 1.94 -2.98 1.43
N PHE A 43 2.58 -1.83 1.57
CA PHE A 43 3.81 -1.56 0.83
C PHE A 43 4.91 -1.09 1.77
N CYS A 44 6.15 -1.14 1.30
CA CYS A 44 7.30 -0.72 2.08
C CYS A 44 7.66 0.73 1.82
N GLN A 45 8.40 1.34 2.74
CA GLN A 45 8.81 2.73 2.59
C GLN A 45 9.58 2.95 1.29
N LYS A 46 10.10 1.85 0.74
CA LYS A 46 10.87 1.92 -0.50
C LYS A 46 9.95 1.74 -1.71
N CYS A 47 8.73 1.26 -1.46
CA CYS A 47 7.77 1.05 -2.54
C CYS A 47 6.98 2.32 -2.81
N SER A 48 6.41 2.90 -1.76
CA SER A 48 5.62 4.12 -1.89
C SER A 48 6.48 5.35 -1.60
N ARG A 49 7.35 5.24 -0.61
CA ARG A 49 8.23 6.34 -0.23
C ARG A 49 7.51 7.68 -0.35
N PHE A 50 6.18 7.65 -0.19
CA PHE A 50 5.38 8.85 -0.29
C PHE A 50 4.26 8.85 0.75
N GLN A 51 3.58 9.97 0.90
CA GLN A 51 2.49 10.10 1.86
C GLN A 51 1.62 11.31 1.55
N SER A 52 0.31 11.10 1.48
CA SER A 52 -0.63 12.17 1.20
C SER A 52 -2.07 11.69 1.31
N GLU A 53 -3.01 12.61 1.15
CA GLU A 53 -4.42 12.27 1.24
C GLU A 53 -4.91 11.61 -0.04
N ILE A 54 -6.17 11.19 -0.04
CA ILE A 54 -6.76 10.53 -1.21
C ILE A 54 -8.13 11.11 -1.52
N LYS A 55 -8.16 12.19 -2.29
CA LYS A 55 -9.41 12.84 -2.68
C LYS A 55 -10.25 11.92 -3.53
N ARG A 56 -9.60 10.99 -4.23
CA ARG A 56 -10.29 10.04 -5.10
C ARG A 56 -11.21 9.14 -4.27
N LEU A 57 -10.97 9.09 -2.97
CA LEU A 57 -11.77 8.25 -2.08
C LEU A 57 -12.46 9.10 -1.02
N LYS A 58 -12.55 10.41 -1.27
CA LYS A 58 -13.19 11.33 -0.35
C LYS A 58 -12.34 11.53 0.90
N ILE A 59 -11.03 11.32 0.76
CA ILE A 59 -10.11 11.48 1.88
C ILE A 59 -9.29 12.75 1.72
N SER A 60 -9.51 13.71 2.61
CA SER A 60 -8.79 14.97 2.58
C SER A 60 -7.55 14.91 3.46
N SER A 61 -7.60 14.07 4.49
CA SER A 61 -6.48 13.92 5.41
C SER A 61 -5.37 13.08 4.78
N PRO A 62 -4.12 13.42 5.12
CA PRO A 62 -2.95 12.71 4.61
C PRO A 62 -2.83 11.29 5.16
N VAL A 63 -2.77 10.30 4.27
CA VAL A 63 -2.65 8.91 4.68
C VAL A 63 -1.64 8.17 3.80
N ARG A 64 -1.48 6.88 4.07
CA ARG A 64 -0.54 6.05 3.31
C ARG A 64 -1.05 5.83 1.89
N VAL A 65 -0.15 6.01 0.92
CA VAL A 65 -0.50 5.82 -0.48
C VAL A 65 0.70 5.36 -1.30
N CYS A 66 0.49 4.36 -2.15
CA CYS A 66 1.56 3.83 -2.99
C CYS A 66 1.95 4.83 -4.07
N GLN A 67 3.17 4.70 -4.58
CA GLN A 67 3.67 5.58 -5.62
C GLN A 67 2.68 5.70 -6.76
N ASN A 68 2.12 4.56 -7.17
CA ASN A 68 1.15 4.53 -8.26
C ASN A 68 -0.03 5.46 -7.97
N CYS A 69 -0.36 5.60 -6.70
CA CYS A 69 -1.47 6.45 -6.28
C CYS A 69 -0.99 7.89 -6.08
N TYR A 70 0.06 8.06 -5.29
CA TYR A 70 0.62 9.38 -5.01
C TYR A 70 0.83 10.17 -6.30
N TYR A 71 1.48 9.54 -7.27
CA TYR A 71 1.75 10.18 -8.55
C TYR A 71 0.46 10.75 -9.15
N ASN A 72 -0.65 10.05 -8.94
CA ASN A 72 -1.94 10.48 -9.46
C ASN A 72 -2.61 11.48 -8.50
N LEU A 73 -2.22 11.41 -7.24
CA LEU A 73 -2.77 12.29 -6.22
C LEU A 73 -2.20 13.71 -6.36
N GLN A 74 -0.98 13.80 -6.88
CA GLN A 74 -0.33 15.09 -7.06
C GLN A 74 -0.73 15.72 -8.38
N HIS A 75 -1.03 14.88 -9.37
CA HIS A 75 -1.43 15.35 -10.69
C HIS A 75 -2.89 15.81 -10.67
N GLU A 76 -3.68 15.22 -9.79
CA GLU A 76 -5.10 15.56 -9.68
C GLU A 76 -5.28 16.85 -8.89
N ARG A 77 -4.33 17.14 -8.00
CA ARG A 77 -4.39 18.34 -7.18
C ARG A 77 -3.31 19.34 -7.58
N GLY A 78 -3.60 20.14 -8.60
CA GLY A 78 -2.64 21.12 -9.07
C GLY A 78 -1.99 20.72 -10.39
N SER A 1 5.39 -39.02 -11.52
CA SER A 1 6.48 -39.27 -10.57
C SER A 1 6.12 -38.77 -9.18
N ASN A 2 4.93 -39.14 -8.71
CA ASN A 2 4.46 -38.74 -7.39
C ASN A 2 4.39 -37.22 -7.29
N ALA A 3 4.07 -36.73 -6.10
CA ALA A 3 3.96 -35.30 -5.86
C ALA A 3 3.64 -35.01 -4.40
N GLY A 4 3.42 -33.73 -4.09
CA GLY A 4 3.10 -33.34 -2.74
C GLY A 4 1.90 -32.42 -2.66
N ARG A 5 2.08 -31.27 -2.03
CA ARG A 5 1.00 -30.29 -1.89
C ARG A 5 1.50 -29.00 -1.25
N SER A 6 0.74 -27.93 -1.41
CA SER A 6 1.12 -26.63 -0.85
C SER A 6 0.06 -25.58 -1.17
N ALA A 7 0.27 -24.36 -0.68
CA ALA A 7 -0.66 -23.27 -0.91
C ALA A 7 0.01 -22.12 -1.67
N ALA A 8 -0.79 -21.39 -2.44
CA ALA A 8 -0.27 -20.27 -3.22
C ALA A 8 -0.77 -18.95 -2.66
N ASP A 9 -1.83 -19.01 -1.85
CA ASP A 9 -2.40 -17.81 -1.26
C ASP A 9 -2.62 -17.99 0.24
N HIS A 10 -1.63 -18.58 0.91
CA HIS A 10 -1.73 -18.82 2.35
C HIS A 10 -0.37 -19.24 2.92
N TRP A 11 0.58 -18.31 2.91
CA TRP A 11 1.92 -18.59 3.42
C TRP A 11 2.23 -17.72 4.63
N VAL A 12 1.19 -17.33 5.36
CA VAL A 12 1.36 -16.48 6.54
C VAL A 12 0.04 -16.28 7.27
N LYS A 13 0.11 -15.89 8.53
CA LYS A 13 -1.09 -15.66 9.34
C LYS A 13 -0.96 -14.37 10.13
N ASP A 14 -1.41 -13.27 9.54
CA ASP A 14 -1.36 -11.97 10.19
C ASP A 14 -2.58 -11.13 9.83
N GLU A 15 -3.67 -11.80 9.48
CA GLU A 15 -4.91 -11.11 9.11
C GLU A 15 -4.81 -10.56 7.70
N GLY A 16 -3.63 -10.05 7.33
CA GLY A 16 -3.43 -9.50 6.02
C GLY A 16 -2.28 -10.15 5.27
N GLY A 17 -1.10 -10.11 5.87
CA GLY A 17 0.07 -10.70 5.25
C GLY A 17 1.37 -10.19 5.85
N ASP A 18 1.36 -8.95 6.30
CA ASP A 18 2.55 -8.34 6.90
C ASP A 18 3.73 -8.42 5.95
N SER A 19 3.47 -8.20 4.66
CA SER A 19 4.51 -8.24 3.65
C SER A 19 4.16 -7.35 2.47
N CYS A 20 5.16 -6.63 1.95
CA CYS A 20 4.96 -5.73 0.83
C CYS A 20 4.24 -6.45 -0.32
N SER A 21 3.54 -5.68 -1.15
CA SER A 21 2.79 -6.23 -2.27
C SER A 21 3.59 -6.08 -3.56
N GLY A 22 4.40 -5.03 -3.64
CA GLY A 22 5.20 -4.80 -4.83
C GLY A 22 6.62 -5.32 -4.69
N CYS A 23 6.95 -5.81 -3.51
CA CYS A 23 8.28 -6.35 -3.24
C CYS A 23 8.19 -7.70 -2.54
N SER A 24 7.10 -7.91 -1.81
CA SER A 24 6.90 -9.17 -1.09
C SER A 24 7.86 -9.26 0.10
N VAL A 25 8.52 -8.15 0.41
CA VAL A 25 9.48 -8.11 1.52
C VAL A 25 8.75 -8.15 2.86
N ARG A 26 9.18 -9.05 3.74
CA ARG A 26 8.57 -9.18 5.06
C ARG A 26 8.92 -7.98 5.94
N PHE A 27 7.91 -7.18 6.26
CA PHE A 27 8.11 -6.00 7.10
C PHE A 27 8.77 -6.37 8.41
N SER A 28 9.57 -5.45 8.95
CA SER A 28 10.27 -5.69 10.21
C SER A 28 10.72 -4.37 10.84
N LEU A 29 11.50 -4.46 11.90
CA LEU A 29 11.99 -3.27 12.59
C LEU A 29 12.76 -2.37 11.64
N THR A 30 13.29 -2.94 10.56
CA THR A 30 14.04 -2.20 9.58
C THR A 30 13.18 -1.83 8.38
N GLU A 31 12.10 -2.59 8.18
CA GLU A 31 11.19 -2.35 7.06
C GLU A 31 9.82 -1.92 7.57
N ARG A 32 9.49 -0.66 7.35
CA ARG A 32 8.19 -0.12 7.79
C ARG A 32 7.07 -0.61 6.88
N ARG A 33 5.85 -0.60 7.41
CA ARG A 33 4.69 -1.05 6.64
C ARG A 33 3.60 0.02 6.65
N HIS A 34 2.72 -0.04 5.65
CA HIS A 34 1.63 0.92 5.53
C HIS A 34 0.57 0.43 4.54
N HIS A 35 -0.67 0.35 5.01
CA HIS A 35 -1.77 -0.12 4.17
C HIS A 35 -2.36 1.04 3.36
N CYS A 36 -2.21 0.97 2.04
CA CYS A 36 -2.72 2.01 1.15
C CYS A 36 -4.23 2.16 1.31
N ARG A 37 -4.66 3.36 1.69
CA ARG A 37 -6.08 3.64 1.88
C ARG A 37 -6.78 3.83 0.53
N ASN A 38 -6.03 3.67 -0.56
CA ASN A 38 -6.57 3.82 -1.89
C ASN A 38 -6.86 2.47 -2.53
N CYS A 39 -5.94 1.53 -2.34
CA CYS A 39 -6.10 0.18 -2.89
C CYS A 39 -6.37 -0.83 -1.78
N GLY A 40 -5.71 -0.65 -0.64
CA GLY A 40 -5.90 -1.55 0.48
C GLY A 40 -4.81 -2.60 0.55
N GLN A 41 -3.63 -2.28 0.02
CA GLN A 41 -2.52 -3.21 0.03
C GLN A 41 -1.40 -2.71 0.93
N LEU A 42 -0.48 -3.61 1.28
CA LEU A 42 0.65 -3.25 2.14
C LEU A 42 1.91 -3.05 1.32
N PHE A 43 2.57 -1.91 1.52
CA PHE A 43 3.80 -1.59 0.79
C PHE A 43 4.89 -1.13 1.75
N CYS A 44 6.13 -1.21 1.32
CA CYS A 44 7.27 -0.80 2.14
C CYS A 44 7.62 0.66 1.87
N GLN A 45 8.34 1.27 2.82
CA GLN A 45 8.75 2.66 2.68
C GLN A 45 9.53 2.89 1.40
N LYS A 46 10.08 1.81 0.84
CA LYS A 46 10.85 1.88 -0.39
C LYS A 46 9.95 1.72 -1.61
N CYS A 47 8.74 1.22 -1.38
CA CYS A 47 7.79 1.01 -2.46
C CYS A 47 7.01 2.29 -2.75
N SER A 48 6.42 2.87 -1.70
CA SER A 48 5.65 4.09 -1.84
C SER A 48 6.49 5.32 -1.54
N ARG A 49 7.36 5.20 -0.54
CA ARG A 49 8.23 6.30 -0.15
C ARG A 49 7.51 7.65 -0.29
N PHE A 50 6.20 7.61 -0.14
CA PHE A 50 5.40 8.83 -0.24
C PHE A 50 4.28 8.83 0.80
N GLN A 51 3.60 9.96 0.93
CA GLN A 51 2.50 10.09 1.89
C GLN A 51 1.63 11.29 1.55
N SER A 52 0.31 11.06 1.48
CA SER A 52 -0.64 12.11 1.16
C SER A 52 -2.07 11.61 1.29
N GLU A 53 -3.02 12.53 1.19
CA GLU A 53 -4.44 12.18 1.31
C GLU A 53 -4.96 11.58 0.00
N ILE A 54 -6.22 11.14 0.01
CA ILE A 54 -6.82 10.55 -1.17
C ILE A 54 -8.21 11.14 -1.42
N LYS A 55 -8.24 12.31 -2.05
CA LYS A 55 -9.50 12.98 -2.36
C LYS A 55 -10.39 12.10 -3.24
N ARG A 56 -9.75 11.29 -4.08
CA ARG A 56 -10.48 10.40 -4.97
C ARG A 56 -11.36 9.43 -4.18
N LEU A 57 -11.04 9.26 -2.91
CA LEU A 57 -11.80 8.37 -2.04
C LEU A 57 -12.49 9.15 -0.92
N LYS A 58 -12.63 10.46 -1.12
CA LYS A 58 -13.27 11.31 -0.13
C LYS A 58 -12.39 11.45 1.12
N ILE A 59 -11.09 11.28 0.94
CA ILE A 59 -10.15 11.40 2.04
C ILE A 59 -9.38 12.70 1.98
N SER A 60 -9.69 13.62 2.89
CA SER A 60 -9.02 14.91 2.94
C SER A 60 -7.79 14.87 3.83
N SER A 61 -7.72 13.84 4.68
CA SER A 61 -6.59 13.67 5.59
C SER A 61 -5.46 12.89 4.92
N PRO A 62 -4.22 13.25 5.25
CA PRO A 62 -3.03 12.60 4.70
C PRO A 62 -2.87 11.18 5.21
N VAL A 63 -2.74 10.22 4.29
CA VAL A 63 -2.57 8.83 4.66
C VAL A 63 -1.51 8.16 3.79
N ARG A 64 -1.26 6.87 4.03
CA ARG A 64 -0.28 6.12 3.28
C ARG A 64 -0.81 5.76 1.89
N VAL A 65 -0.05 6.09 0.86
CA VAL A 65 -0.45 5.80 -0.51
C VAL A 65 0.74 5.34 -1.35
N CYS A 66 0.54 4.29 -2.13
CA CYS A 66 1.60 3.76 -2.98
C CYS A 66 2.00 4.77 -4.06
N GLN A 67 3.23 4.64 -4.56
CA GLN A 67 3.73 5.54 -5.59
C GLN A 67 2.74 5.65 -6.74
N ASN A 68 2.21 4.51 -7.17
CA ASN A 68 1.26 4.47 -8.27
C ASN A 68 0.08 5.40 -8.00
N CYS A 69 -0.27 5.54 -6.72
CA CYS A 69 -1.38 6.39 -6.32
C CYS A 69 -0.91 7.83 -6.11
N TYR A 70 0.14 7.99 -5.32
CA TYR A 70 0.68 9.31 -5.03
C TYR A 70 0.88 10.11 -6.32
N TYR A 71 1.55 9.49 -7.29
CA TYR A 71 1.82 10.13 -8.57
C TYR A 71 0.54 10.69 -9.17
N ASN A 72 -0.57 9.99 -8.97
CA ASN A 72 -1.87 10.41 -9.49
C ASN A 72 -2.54 11.40 -8.54
N LEU A 73 -2.16 11.34 -7.28
CA LEU A 73 -2.72 12.24 -6.26
C LEU A 73 -2.17 13.66 -6.43
N GLN A 74 -0.94 13.76 -6.93
CA GLN A 74 -0.31 15.05 -7.13
C GLN A 74 -0.72 15.66 -8.48
N HIS A 75 -1.05 14.79 -9.43
CA HIS A 75 -1.47 15.24 -10.76
C HIS A 75 -2.96 15.55 -10.78
N GLU A 76 -3.72 14.88 -9.92
CA GLU A 76 -5.16 15.10 -9.85
C GLU A 76 -5.48 16.38 -9.09
N ARG A 77 -4.58 16.78 -8.20
CA ARG A 77 -4.77 17.98 -7.41
C ARG A 77 -4.07 19.17 -8.05
N GLY A 78 -3.00 18.89 -8.78
CA GLY A 78 -2.25 19.95 -9.44
C GLY A 78 -3.04 20.62 -10.55
N SER A 1 -17.34 9.62 -21.20
CA SER A 1 -17.47 8.19 -21.45
C SER A 1 -17.13 7.39 -20.20
N ASN A 2 -17.32 8.01 -19.04
CA ASN A 2 -17.03 7.36 -17.77
C ASN A 2 -18.02 7.80 -16.69
N ALA A 3 -17.75 7.41 -15.45
CA ALA A 3 -18.61 7.78 -14.33
C ALA A 3 -17.79 8.06 -13.07
N GLY A 4 -17.02 7.06 -12.64
CA GLY A 4 -16.20 7.22 -11.45
C GLY A 4 -16.90 6.74 -10.19
N ARG A 5 -16.18 5.99 -9.36
CA ARG A 5 -16.73 5.47 -8.13
C ARG A 5 -15.70 4.66 -7.36
N SER A 6 -16.13 3.96 -6.32
CA SER A 6 -15.24 3.16 -5.50
C SER A 6 -14.58 2.06 -6.33
N ALA A 7 -13.90 1.14 -5.67
CA ALA A 7 -13.21 0.04 -6.34
C ALA A 7 -14.21 -1.03 -6.78
N ALA A 8 -15.12 -0.66 -7.67
CA ALA A 8 -16.12 -1.60 -8.16
C ALA A 8 -15.47 -2.72 -8.96
N ASP A 9 -14.23 -2.50 -9.38
CA ASP A 9 -13.50 -3.50 -10.15
C ASP A 9 -12.48 -4.23 -9.28
N HIS A 10 -11.41 -3.53 -8.92
CA HIS A 10 -10.37 -4.11 -8.09
C HIS A 10 -9.88 -5.44 -8.66
N TRP A 11 -9.23 -5.37 -9.82
CA TRP A 11 -8.72 -6.56 -10.49
C TRP A 11 -7.42 -7.02 -9.84
N VAL A 12 -7.47 -7.31 -8.55
CA VAL A 12 -6.30 -7.76 -7.81
C VAL A 12 -6.65 -8.12 -6.37
N LYS A 13 -5.76 -8.84 -5.70
CA LYS A 13 -5.97 -9.24 -4.32
C LYS A 13 -4.72 -9.87 -3.74
N ASP A 14 -3.86 -9.04 -3.16
CA ASP A 14 -2.61 -9.51 -2.57
C ASP A 14 -2.65 -9.35 -1.05
N GLU A 15 -3.85 -9.20 -0.50
CA GLU A 15 -4.02 -9.04 0.93
C GLU A 15 -3.33 -10.17 1.69
N GLY A 16 -2.14 -9.88 2.21
CA GLY A 16 -1.39 -10.89 2.95
C GLY A 16 -1.57 -10.74 4.46
N GLY A 17 -1.01 -9.68 5.02
CA GLY A 17 -1.13 -9.46 6.45
C GLY A 17 0.02 -8.63 7.00
N ASP A 18 1.23 -8.93 6.56
CA ASP A 18 2.42 -8.21 7.01
C ASP A 18 3.58 -8.39 6.03
N SER A 19 3.33 -8.06 4.76
CA SER A 19 4.35 -8.19 3.73
C SER A 19 4.02 -7.31 2.53
N CYS A 20 5.02 -6.64 1.99
CA CYS A 20 4.85 -5.77 0.84
C CYS A 20 4.11 -6.49 -0.28
N SER A 21 3.43 -5.73 -1.14
CA SER A 21 2.68 -6.29 -2.25
C SER A 21 3.48 -6.21 -3.55
N GLY A 22 4.33 -5.19 -3.65
CA GLY A 22 5.13 -5.01 -4.85
C GLY A 22 6.53 -5.57 -4.68
N CYS A 23 6.85 -6.03 -3.47
CA CYS A 23 8.16 -6.59 -3.19
C CYS A 23 8.04 -7.91 -2.44
N SER A 24 6.94 -8.07 -1.71
CA SER A 24 6.71 -9.29 -0.94
C SER A 24 7.66 -9.39 0.24
N VAL A 25 8.36 -8.29 0.51
CA VAL A 25 9.32 -8.24 1.61
C VAL A 25 8.60 -8.21 2.96
N ARG A 26 8.93 -9.17 3.83
CA ARG A 26 8.33 -9.24 5.15
C ARG A 26 8.70 -8.04 6.00
N PHE A 27 7.72 -7.19 6.29
CA PHE A 27 7.96 -6.00 7.09
C PHE A 27 8.59 -6.35 8.43
N SER A 28 9.40 -5.45 8.95
CA SER A 28 10.08 -5.66 10.23
C SER A 28 10.53 -4.34 10.84
N LEU A 29 11.30 -4.43 11.91
CA LEU A 29 11.80 -3.24 12.60
C LEU A 29 12.61 -2.36 11.64
N THR A 30 13.12 -2.97 10.58
CA THR A 30 13.92 -2.24 9.59
C THR A 30 13.08 -1.89 8.37
N GLU A 31 12.00 -2.63 8.16
CA GLU A 31 11.12 -2.40 7.02
C GLU A 31 9.75 -1.91 7.49
N ARG A 32 9.45 -0.65 7.23
CA ARG A 32 8.17 -0.07 7.63
C ARG A 32 7.04 -0.56 6.72
N ARG A 33 5.82 -0.53 7.25
CA ARG A 33 4.66 -0.97 6.48
C ARG A 33 3.59 0.12 6.43
N HIS A 34 2.75 0.06 5.40
CA HIS A 34 1.69 1.05 5.22
C HIS A 34 0.64 0.55 4.25
N HIS A 35 -0.61 0.52 4.70
CA HIS A 35 -1.72 0.06 3.87
C HIS A 35 -2.32 1.21 3.07
N CYS A 36 -2.12 1.18 1.76
CA CYS A 36 -2.65 2.23 0.89
C CYS A 36 -4.16 2.36 1.04
N ARG A 37 -4.61 3.57 1.37
CA ARG A 37 -6.03 3.83 1.55
C ARG A 37 -6.73 3.99 0.21
N ASN A 38 -5.96 3.87 -0.87
CA ASN A 38 -6.51 4.01 -2.22
C ASN A 38 -6.78 2.64 -2.84
N CYS A 39 -5.82 1.73 -2.70
CA CYS A 39 -5.94 0.40 -3.25
C CYS A 39 -6.24 -0.61 -2.14
N GLY A 40 -5.65 -0.40 -0.98
CA GLY A 40 -5.87 -1.30 0.14
C GLY A 40 -4.80 -2.38 0.24
N GLN A 41 -3.61 -2.08 -0.27
CA GLN A 41 -2.51 -3.04 -0.25
C GLN A 41 -1.37 -2.53 0.64
N LEU A 42 -0.58 -3.47 1.15
CA LEU A 42 0.55 -3.12 2.02
C LEU A 42 1.84 -2.99 1.22
N PHE A 43 2.51 -1.86 1.37
CA PHE A 43 3.76 -1.62 0.67
C PHE A 43 4.86 -1.18 1.63
N CYS A 44 6.10 -1.26 1.18
CA CYS A 44 7.24 -0.87 2.00
C CYS A 44 7.65 0.57 1.72
N GLN A 45 8.38 1.16 2.65
CA GLN A 45 8.83 2.55 2.51
C GLN A 45 9.64 2.71 1.23
N LYS A 46 10.14 1.60 0.69
CA LYS A 46 10.93 1.63 -0.53
C LYS A 46 10.04 1.46 -1.75
N CYS A 47 8.81 1.01 -1.53
CA CYS A 47 7.86 0.82 -2.62
C CYS A 47 7.10 2.11 -2.93
N SER A 48 6.53 2.71 -1.89
CA SER A 48 5.79 3.95 -2.04
C SER A 48 6.65 5.16 -1.72
N ARG A 49 7.49 5.02 -0.70
CA ARG A 49 8.37 6.10 -0.28
C ARG A 49 7.66 7.45 -0.35
N PHE A 50 6.33 7.40 -0.32
CA PHE A 50 5.52 8.62 -0.39
C PHE A 50 4.32 8.53 0.54
N GLN A 51 3.61 9.64 0.71
CA GLN A 51 2.44 9.68 1.57
C GLN A 51 1.62 10.94 1.31
N SER A 52 0.30 10.78 1.20
CA SER A 52 -0.59 11.90 0.95
C SER A 52 -2.04 11.47 1.06
N GLU A 53 -2.95 12.45 1.11
CA GLU A 53 -4.37 12.18 1.22
C GLU A 53 -4.91 11.57 -0.07
N ILE A 54 -6.15 11.10 -0.02
CA ILE A 54 -6.79 10.49 -1.18
C ILE A 54 -8.23 10.98 -1.34
N LYS A 55 -8.38 12.14 -1.96
CA LYS A 55 -9.70 12.72 -2.18
C LYS A 55 -10.59 11.76 -2.97
N ARG A 56 -9.96 10.87 -3.72
CA ARG A 56 -10.69 9.90 -4.52
C ARG A 56 -11.50 8.95 -3.63
N LEU A 57 -11.02 8.74 -2.41
CA LEU A 57 -11.70 7.86 -1.46
C LEU A 57 -12.33 8.66 -0.34
N LYS A 58 -12.51 9.96 -0.56
CA LYS A 58 -13.10 10.84 0.43
C LYS A 58 -12.16 11.06 1.61
N ILE A 59 -10.86 10.92 1.36
CA ILE A 59 -9.86 11.11 2.39
C ILE A 59 -9.16 12.45 2.25
N SER A 60 -9.49 13.38 3.13
CA SER A 60 -8.90 14.71 3.11
C SER A 60 -7.59 14.74 3.89
N SER A 61 -7.45 13.81 4.84
CA SER A 61 -6.25 13.74 5.65
C SER A 61 -5.14 12.99 4.93
N PRO A 62 -3.88 13.35 5.22
CA PRO A 62 -2.71 12.73 4.61
C PRO A 62 -2.51 11.29 5.08
N VAL A 63 -2.51 10.36 4.13
CA VAL A 63 -2.32 8.95 4.45
C VAL A 63 -1.26 8.31 3.55
N ARG A 64 -0.96 7.05 3.80
CA ARG A 64 0.03 6.33 3.01
C ARG A 64 -0.51 5.95 1.65
N VAL A 65 0.23 6.27 0.60
CA VAL A 65 -0.19 5.96 -0.77
C VAL A 65 0.98 5.45 -1.60
N CYS A 66 0.73 4.41 -2.39
CA CYS A 66 1.76 3.82 -3.23
C CYS A 66 2.24 4.82 -4.28
N GLN A 67 3.48 4.64 -4.73
CA GLN A 67 4.06 5.53 -5.73
C GLN A 67 3.13 5.68 -6.92
N ASN A 68 2.46 4.60 -7.30
CA ASN A 68 1.54 4.62 -8.42
C ASN A 68 0.36 5.56 -8.16
N CYS A 69 -0.05 5.65 -6.90
CA CYS A 69 -1.16 6.52 -6.51
C CYS A 69 -0.68 7.94 -6.28
N TYR A 70 0.40 8.09 -5.51
CA TYR A 70 0.95 9.40 -5.22
C TYR A 70 1.15 10.20 -6.50
N TYR A 71 1.85 9.61 -7.46
CA TYR A 71 2.12 10.26 -8.73
C TYR A 71 0.84 10.83 -9.33
N ASN A 72 -0.27 10.13 -9.11
CA ASN A 72 -1.57 10.55 -9.63
C ASN A 72 -2.23 11.55 -8.68
N LEU A 73 -1.94 11.42 -7.39
CA LEU A 73 -2.51 12.31 -6.38
C LEU A 73 -1.87 13.68 -6.45
N GLN A 74 -0.66 13.75 -7.00
CA GLN A 74 0.05 15.02 -7.13
C GLN A 74 -0.35 15.73 -8.41
N HIS A 75 -0.69 14.97 -9.43
CA HIS A 75 -1.10 15.54 -10.71
C HIS A 75 -2.46 16.22 -10.59
N GLU A 76 -3.30 15.72 -9.69
CA GLU A 76 -4.62 16.29 -9.47
C GLU A 76 -4.57 17.42 -8.46
N ARG A 77 -3.58 17.37 -7.57
CA ARG A 77 -3.43 18.40 -6.55
C ARG A 77 -2.77 19.65 -7.12
N GLY A 78 -1.87 19.45 -8.08
CA GLY A 78 -1.19 20.57 -8.70
C GLY A 78 -0.95 20.36 -10.18
N SER A 1 -23.49 -22.68 -9.03
CA SER A 1 -22.57 -23.60 -8.38
C SER A 1 -21.23 -22.93 -8.12
N ASN A 2 -20.99 -22.53 -6.88
CA ASN A 2 -19.75 -21.87 -6.49
C ASN A 2 -19.08 -22.61 -5.34
N ALA A 3 -17.91 -22.12 -4.93
CA ALA A 3 -17.16 -22.72 -3.84
C ALA A 3 -15.96 -21.88 -3.46
N GLY A 4 -15.09 -22.43 -2.62
CA GLY A 4 -13.91 -21.71 -2.19
C GLY A 4 -12.86 -21.59 -3.29
N ARG A 5 -11.62 -21.93 -2.95
CA ARG A 5 -10.54 -21.86 -3.93
C ARG A 5 -9.31 -22.64 -3.43
N SER A 6 -8.36 -22.88 -4.33
CA SER A 6 -7.15 -23.61 -3.98
C SER A 6 -6.11 -22.67 -3.37
N ALA A 7 -5.57 -23.06 -2.21
CA ALA A 7 -4.56 -22.26 -1.53
C ALA A 7 -5.14 -20.90 -1.10
N ALA A 8 -5.09 -19.93 -2.00
CA ALA A 8 -5.60 -18.60 -1.71
C ALA A 8 -4.69 -17.85 -0.75
N ASP A 9 -3.70 -18.56 -0.21
CA ASP A 9 -2.75 -17.97 0.72
C ASP A 9 -1.81 -19.03 1.30
N HIS A 10 -1.47 -20.02 0.47
CA HIS A 10 -0.58 -21.09 0.89
C HIS A 10 0.88 -20.66 0.80
N TRP A 11 1.11 -19.53 0.13
CA TRP A 11 2.47 -19.01 -0.04
C TRP A 11 2.76 -17.94 1.02
N VAL A 12 2.11 -18.06 2.17
CA VAL A 12 2.30 -17.11 3.25
C VAL A 12 1.52 -17.54 4.50
N LYS A 13 1.93 -17.02 5.65
CA LYS A 13 1.28 -17.34 6.92
C LYS A 13 1.42 -16.19 7.91
N ASP A 14 0.45 -15.28 7.90
CA ASP A 14 0.47 -14.14 8.80
C ASP A 14 -0.93 -13.56 8.99
N GLU A 15 -1.95 -14.41 8.75
CA GLU A 15 -3.34 -13.98 8.89
C GLU A 15 -3.72 -13.00 7.77
N GLY A 16 -3.26 -11.76 7.90
CA GLY A 16 -3.57 -10.76 6.90
C GLY A 16 -2.51 -10.68 5.82
N GLY A 17 -1.39 -10.02 6.14
CA GLY A 17 -0.31 -9.87 5.19
C GLY A 17 0.70 -8.83 5.61
N ASP A 18 1.68 -9.24 6.40
CA ASP A 18 2.72 -8.33 6.88
C ASP A 18 3.90 -8.29 5.90
N SER A 19 3.58 -8.19 4.62
CA SER A 19 4.61 -8.15 3.59
C SER A 19 4.21 -7.19 2.46
N CYS A 20 5.22 -6.55 1.85
CA CYS A 20 4.97 -5.61 0.77
C CYS A 20 4.22 -6.28 -0.38
N SER A 21 3.50 -5.49 -1.16
CA SER A 21 2.74 -6.01 -2.29
C SER A 21 3.52 -5.86 -3.58
N GLY A 22 4.36 -4.84 -3.65
CA GLY A 22 5.16 -4.61 -4.84
C GLY A 22 6.57 -5.14 -4.70
N CYS A 23 6.91 -5.61 -3.51
CA CYS A 23 8.24 -6.17 -3.24
C CYS A 23 8.15 -7.53 -2.58
N SER A 24 7.03 -7.79 -1.91
CA SER A 24 6.81 -9.06 -1.23
C SER A 24 7.77 -9.20 -0.05
N VAL A 25 8.39 -8.10 0.34
CA VAL A 25 9.33 -8.11 1.46
C VAL A 25 8.59 -8.12 2.79
N ARG A 26 8.93 -9.09 3.63
CA ARG A 26 8.30 -9.23 4.94
C ARG A 26 8.70 -8.07 5.86
N PHE A 27 7.73 -7.22 6.17
CA PHE A 27 7.98 -6.07 7.04
C PHE A 27 8.60 -6.51 8.36
N SER A 28 9.61 -5.78 8.81
CA SER A 28 10.30 -6.09 10.05
C SER A 28 10.80 -4.83 10.74
N LEU A 29 11.62 -5.01 11.76
CA LEU A 29 12.17 -3.88 12.50
C LEU A 29 13.01 -2.98 11.59
N THR A 30 13.42 -3.53 10.45
CA THR A 30 14.21 -2.78 9.49
C THR A 30 13.37 -2.30 8.31
N GLU A 31 12.24 -2.98 8.09
CA GLU A 31 11.34 -2.62 7.00
C GLU A 31 9.95 -2.28 7.53
N ARG A 32 9.60 -1.00 7.44
CA ARG A 32 8.30 -0.54 7.91
C ARG A 32 7.19 -0.97 6.97
N ARG A 33 5.94 -0.82 7.40
CA ARG A 33 4.79 -1.19 6.60
C ARG A 33 3.84 -0.02 6.43
N HIS A 34 3.12 0.00 5.31
CA HIS A 34 2.16 1.07 5.04
C HIS A 34 0.97 0.55 4.23
N HIS A 35 -0.23 0.72 4.76
CA HIS A 35 -1.43 0.27 4.09
C HIS A 35 -2.07 1.41 3.29
N CYS A 36 -2.01 1.30 1.98
CA CYS A 36 -2.59 2.33 1.11
C CYS A 36 -4.10 2.41 1.28
N ARG A 37 -4.60 3.60 1.58
CA ARG A 37 -6.03 3.81 1.77
C ARG A 37 -6.73 4.02 0.44
N ASN A 38 -5.97 3.95 -0.64
CA ASN A 38 -6.52 4.12 -1.99
C ASN A 38 -6.92 2.79 -2.59
N CYS A 39 -6.10 1.77 -2.38
CA CYS A 39 -6.36 0.44 -2.90
C CYS A 39 -6.57 -0.56 -1.76
N GLY A 40 -5.82 -0.38 -0.68
CA GLY A 40 -5.93 -1.27 0.46
C GLY A 40 -4.82 -2.31 0.49
N GLN A 41 -3.70 -1.98 -0.12
CA GLN A 41 -2.56 -2.89 -0.17
C GLN A 41 -1.44 -2.40 0.74
N LEU A 42 -0.64 -3.33 1.25
CA LEU A 42 0.46 -3.00 2.14
C LEU A 42 1.77 -2.89 1.36
N PHE A 43 2.48 -1.78 1.56
CA PHE A 43 3.74 -1.54 0.87
C PHE A 43 4.83 -1.12 1.86
N CYS A 44 6.07 -1.13 1.39
CA CYS A 44 7.20 -0.74 2.25
C CYS A 44 7.55 0.73 2.04
N GLN A 45 8.28 1.30 3.00
CA GLN A 45 8.68 2.70 2.92
C GLN A 45 9.47 2.97 1.65
N LYS A 46 10.01 1.91 1.06
CA LYS A 46 10.80 2.03 -0.17
C LYS A 46 9.91 1.93 -1.40
N CYS A 47 8.69 1.42 -1.20
CA CYS A 47 7.74 1.26 -2.29
C CYS A 47 6.98 2.57 -2.53
N SER A 48 6.44 3.13 -1.46
CA SER A 48 5.69 4.38 -1.55
C SER A 48 6.59 5.58 -1.34
N ARG A 49 7.49 5.48 -0.36
CA ARG A 49 8.41 6.56 -0.05
C ARG A 49 7.74 7.92 -0.23
N PHE A 50 6.42 7.94 -0.04
CA PHE A 50 5.65 9.18 -0.18
C PHE A 50 4.56 9.26 0.89
N GLN A 51 3.87 10.39 0.93
CA GLN A 51 2.80 10.60 1.90
C GLN A 51 1.88 11.72 1.46
N SER A 52 0.57 11.43 1.42
CA SER A 52 -0.42 12.42 1.02
C SER A 52 -1.83 11.87 1.21
N GLU A 53 -2.82 12.74 1.00
CA GLU A 53 -4.22 12.35 1.15
C GLU A 53 -4.73 11.65 -0.10
N ILE A 54 -6.03 11.33 -0.11
CA ILE A 54 -6.64 10.66 -1.25
C ILE A 54 -8.04 11.20 -1.51
N LYS A 55 -8.11 12.32 -2.24
CA LYS A 55 -9.39 12.94 -2.56
C LYS A 55 -10.31 11.94 -3.25
N ARG A 56 -9.72 11.04 -4.03
CA ARG A 56 -10.50 10.03 -4.75
C ARG A 56 -11.23 9.12 -3.78
N LEU A 57 -10.71 9.00 -2.56
CA LEU A 57 -11.31 8.16 -1.54
C LEU A 57 -12.00 9.00 -0.47
N LYS A 58 -12.25 10.28 -0.80
CA LYS A 58 -12.91 11.19 0.13
C LYS A 58 -12.02 11.48 1.32
N ILE A 59 -10.72 11.33 1.14
CA ILE A 59 -9.76 11.58 2.21
C ILE A 59 -8.98 12.88 1.97
N SER A 60 -9.06 13.79 2.92
CA SER A 60 -8.37 15.08 2.81
C SER A 60 -7.10 15.08 3.65
N SER A 61 -7.08 14.26 4.69
CA SER A 61 -5.92 14.17 5.58
C SER A 61 -4.81 13.34 4.93
N PRO A 62 -3.56 13.63 5.32
CA PRO A 62 -2.39 12.92 4.80
C PRO A 62 -2.32 11.47 5.28
N VAL A 63 -2.26 10.54 4.34
CA VAL A 63 -2.19 9.12 4.67
C VAL A 63 -1.18 8.41 3.78
N ARG A 64 -1.02 7.10 4.01
CA ARG A 64 -0.10 6.30 3.22
C ARG A 64 -0.62 6.07 1.81
N VAL A 65 0.26 6.16 0.83
CA VAL A 65 -0.11 5.97 -0.57
C VAL A 65 1.06 5.43 -1.38
N CYS A 66 0.78 4.44 -2.23
CA CYS A 66 1.80 3.84 -3.07
C CYS A 66 2.22 4.80 -4.18
N GLN A 67 3.47 4.67 -4.62
CA GLN A 67 3.99 5.52 -5.69
C GLN A 67 3.06 5.49 -6.90
N ASN A 68 2.37 4.38 -7.09
CA ASN A 68 1.44 4.23 -8.22
C ASN A 68 0.22 5.12 -8.04
N CYS A 69 -0.20 5.30 -6.79
CA CYS A 69 -1.35 6.13 -6.49
C CYS A 69 -0.95 7.59 -6.32
N TYR A 70 0.07 7.83 -5.50
CA TYR A 70 0.56 9.17 -5.25
C TYR A 70 0.79 9.92 -6.57
N TYR A 71 1.27 9.20 -7.57
CA TYR A 71 1.55 9.79 -8.88
C TYR A 71 0.27 10.35 -9.50
N ASN A 72 -0.82 9.61 -9.35
CA ASN A 72 -2.11 10.04 -9.91
C ASN A 72 -2.80 11.04 -8.97
N LEU A 73 -2.42 11.00 -7.70
CA LEU A 73 -2.99 11.90 -6.71
C LEU A 73 -2.61 13.35 -6.99
N GLN A 74 -1.41 13.54 -7.52
CA GLN A 74 -0.92 14.87 -7.85
C GLN A 74 -1.39 15.31 -9.23
N HIS A 75 -1.68 14.32 -10.09
CA HIS A 75 -2.15 14.60 -11.44
C HIS A 75 -3.65 14.83 -11.47
N GLU A 76 -4.36 14.23 -10.52
CA GLU A 76 -5.80 14.38 -10.43
C GLU A 76 -6.17 15.73 -9.83
N ARG A 77 -5.26 16.31 -9.06
CA ARG A 77 -5.50 17.60 -8.43
C ARG A 77 -4.87 18.72 -9.25
N GLY A 78 -5.31 18.85 -10.51
CA GLY A 78 -4.78 19.88 -11.37
C GLY A 78 -5.18 21.27 -10.92
N SER A 1 0.81 -35.36 -15.90
CA SER A 1 1.97 -35.44 -16.79
C SER A 1 1.71 -34.67 -18.08
N ASN A 2 0.47 -34.68 -18.54
CA ASN A 2 0.09 -33.99 -19.76
C ASN A 2 -0.23 -32.53 -19.48
N ALA A 3 -0.45 -31.76 -20.54
CA ALA A 3 -0.78 -30.35 -20.41
C ALA A 3 0.27 -29.62 -19.58
N GLY A 4 0.02 -28.34 -19.31
CA GLY A 4 0.95 -27.56 -18.52
C GLY A 4 0.58 -27.51 -17.05
N ARG A 5 1.39 -26.82 -16.26
CA ARG A 5 1.14 -26.70 -14.83
C ARG A 5 2.11 -25.70 -14.19
N SER A 6 2.08 -25.63 -12.86
CA SER A 6 2.95 -24.72 -12.13
C SER A 6 2.72 -23.28 -12.55
N ALA A 7 3.49 -22.37 -11.97
CA ALA A 7 3.37 -20.95 -12.30
C ALA A 7 4.73 -20.33 -12.59
N ALA A 8 4.72 -19.11 -13.12
CA ALA A 8 5.96 -18.41 -13.44
C ALA A 8 6.30 -17.35 -12.39
N ASP A 9 5.29 -16.99 -11.61
CA ASP A 9 5.47 -15.98 -10.56
C ASP A 9 4.68 -16.35 -9.30
N HIS A 10 5.31 -17.11 -8.41
CA HIS A 10 4.66 -17.54 -7.18
C HIS A 10 5.70 -17.88 -6.12
N TRP A 11 6.06 -16.89 -5.30
CA TRP A 11 7.04 -17.09 -4.25
C TRP A 11 6.48 -16.67 -2.89
N VAL A 12 5.16 -16.79 -2.75
CA VAL A 12 4.49 -16.42 -1.50
C VAL A 12 3.01 -16.74 -1.56
N LYS A 13 2.38 -16.84 -0.39
CA LYS A 13 0.96 -17.15 -0.31
C LYS A 13 0.34 -16.49 0.93
N ASP A 14 0.90 -15.36 1.34
CA ASP A 14 0.39 -14.63 2.50
C ASP A 14 0.96 -13.22 2.54
N GLU A 15 1.27 -12.67 1.37
CA GLU A 15 1.82 -11.33 1.27
C GLU A 15 0.79 -10.29 1.73
N GLY A 16 -0.46 -10.71 1.80
CA GLY A 16 -1.52 -9.80 2.22
C GLY A 16 -1.80 -9.88 3.71
N GLY A 17 -0.91 -9.31 4.51
CA GLY A 17 -1.08 -9.33 5.95
C GLY A 17 0.07 -8.66 6.68
N ASP A 18 1.29 -9.04 6.34
CA ASP A 18 2.47 -8.47 6.97
C ASP A 18 3.67 -8.55 6.03
N SER A 19 3.48 -8.17 4.78
CA SER A 19 4.54 -8.20 3.78
C SER A 19 4.21 -7.30 2.60
N CYS A 20 5.20 -6.56 2.14
CA CYS A 20 5.02 -5.65 1.00
C CYS A 20 4.36 -6.39 -0.17
N SER A 21 3.66 -5.63 -1.01
CA SER A 21 2.98 -6.20 -2.17
C SER A 21 3.81 -6.01 -3.44
N GLY A 22 4.57 -4.92 -3.47
CA GLY A 22 5.40 -4.65 -4.63
C GLY A 22 6.82 -5.13 -4.46
N CYS A 23 7.11 -5.70 -3.29
CA CYS A 23 8.44 -6.21 -3.00
C CYS A 23 8.37 -7.57 -2.32
N SER A 24 7.30 -7.79 -1.56
CA SER A 24 7.11 -9.04 -0.85
C SER A 24 8.02 -9.13 0.36
N VAL A 25 8.73 -8.03 0.63
CA VAL A 25 9.65 -7.98 1.77
C VAL A 25 8.89 -7.97 3.10
N ARG A 26 9.20 -8.94 3.95
CA ARG A 26 8.56 -9.05 5.26
C ARG A 26 8.84 -7.82 6.10
N PHE A 27 7.80 -7.05 6.41
CA PHE A 27 7.93 -5.84 7.21
C PHE A 27 8.65 -6.15 8.54
N SER A 28 9.56 -5.27 8.93
CA SER A 28 10.31 -5.45 10.16
C SER A 28 10.82 -4.11 10.69
N LEU A 29 11.66 -4.16 11.72
CA LEU A 29 12.22 -2.96 12.31
C LEU A 29 12.94 -2.12 11.26
N THR A 30 13.39 -2.78 10.20
CA THR A 30 14.10 -2.09 9.12
C THR A 30 13.17 -1.78 7.96
N GLU A 31 12.06 -2.53 7.87
CA GLU A 31 11.09 -2.33 6.80
C GLU A 31 9.74 -1.91 7.36
N ARG A 32 9.38 -0.66 7.13
CA ARG A 32 8.11 -0.12 7.62
C ARG A 32 6.95 -0.65 6.79
N ARG A 33 5.75 -0.66 7.39
CA ARG A 33 4.56 -1.15 6.71
C ARG A 33 3.48 -0.07 6.68
N HIS A 34 2.62 -0.13 5.66
CA HIS A 34 1.54 0.85 5.52
C HIS A 34 0.51 0.37 4.50
N HIS A 35 -0.73 0.25 4.93
CA HIS A 35 -1.81 -0.20 4.05
C HIS A 35 -2.40 0.97 3.28
N CYS A 36 -2.17 0.99 1.96
CA CYS A 36 -2.67 2.06 1.12
C CYS A 36 -4.19 2.21 1.28
N ARG A 37 -4.62 3.40 1.65
CA ARG A 37 -6.04 3.68 1.84
C ARG A 37 -6.73 3.88 0.50
N ASN A 38 -5.98 3.73 -0.59
CA ASN A 38 -6.53 3.90 -1.93
C ASN A 38 -6.82 2.54 -2.57
N CYS A 39 -5.88 1.61 -2.43
CA CYS A 39 -6.06 0.27 -2.99
C CYS A 39 -6.32 -0.75 -1.89
N GLY A 40 -5.66 -0.57 -0.75
CA GLY A 40 -5.84 -1.49 0.37
C GLY A 40 -4.74 -2.54 0.44
N GLN A 41 -3.56 -2.20 -0.08
CA GLN A 41 -2.43 -3.12 -0.08
C GLN A 41 -1.31 -2.61 0.82
N LEU A 42 -0.49 -3.53 1.32
CA LEU A 42 0.61 -3.16 2.20
C LEU A 42 1.90 -2.99 1.41
N PHE A 43 2.54 -1.84 1.57
CA PHE A 43 3.78 -1.54 0.86
C PHE A 43 4.87 -1.09 1.84
N CYS A 44 6.12 -1.11 1.38
CA CYS A 44 7.24 -0.70 2.22
C CYS A 44 7.61 0.75 1.95
N GLN A 45 8.32 1.36 2.90
CA GLN A 45 8.75 2.75 2.77
C GLN A 45 9.54 2.95 1.50
N LYS A 46 10.09 1.87 0.95
CA LYS A 46 10.88 1.94 -0.26
C LYS A 46 10.00 1.76 -1.50
N CYS A 47 8.77 1.28 -1.28
CA CYS A 47 7.83 1.07 -2.36
C CYS A 47 7.05 2.34 -2.67
N SER A 48 6.46 2.92 -1.64
CA SER A 48 5.68 4.15 -1.80
C SER A 48 6.53 5.38 -1.49
N ARG A 49 7.38 5.26 -0.49
CA ARG A 49 8.26 6.36 -0.09
C ARG A 49 7.55 7.71 -0.24
N PHE A 50 6.23 7.68 -0.09
CA PHE A 50 5.42 8.89 -0.20
C PHE A 50 4.30 8.91 0.84
N GLN A 51 3.63 10.05 0.95
CA GLN A 51 2.54 10.19 1.92
C GLN A 51 1.66 11.39 1.57
N SER A 52 0.35 11.16 1.50
CA SER A 52 -0.59 12.22 1.18
C SER A 52 -2.03 11.73 1.32
N GLU A 53 -2.98 12.64 1.16
CA GLU A 53 -4.40 12.31 1.28
C GLU A 53 -4.92 11.71 -0.03
N ILE A 54 -6.17 11.24 0.00
CA ILE A 54 -6.78 10.64 -1.17
C ILE A 54 -8.18 11.22 -1.42
N LYS A 55 -8.23 12.35 -2.13
CA LYS A 55 -9.50 13.00 -2.43
C LYS A 55 -10.37 12.11 -3.32
N ARG A 56 -9.72 11.31 -4.16
CA ARG A 56 -10.43 10.41 -5.06
C ARG A 56 -11.28 9.42 -4.28
N LEU A 57 -11.00 9.27 -2.99
CA LEU A 57 -11.74 8.36 -2.14
C LEU A 57 -12.44 9.12 -1.00
N LYS A 58 -12.59 10.43 -1.18
CA LYS A 58 -13.24 11.27 -0.19
C LYS A 58 -12.37 11.41 1.06
N ILE A 59 -11.06 11.26 0.88
CA ILE A 59 -10.12 11.38 1.98
C ILE A 59 -9.29 12.64 1.87
N SER A 60 -9.58 13.63 2.71
CA SER A 60 -8.85 14.89 2.70
C SER A 60 -7.63 14.82 3.60
N SER A 61 -7.66 13.91 4.58
CA SER A 61 -6.54 13.74 5.50
C SER A 61 -5.41 12.95 4.85
N PRO A 62 -4.16 13.31 5.21
CA PRO A 62 -2.97 12.65 4.68
C PRO A 62 -2.81 11.22 5.20
N VAL A 63 -2.74 10.27 4.27
CA VAL A 63 -2.60 8.86 4.64
C VAL A 63 -1.55 8.18 3.77
N ARG A 64 -1.31 6.90 4.03
CA ARG A 64 -0.34 6.13 3.27
C ARG A 64 -0.85 5.82 1.88
N VAL A 65 -0.04 6.14 0.86
CA VAL A 65 -0.42 5.89 -0.53
C VAL A 65 0.79 5.43 -1.34
N CYS A 66 0.58 4.41 -2.16
CA CYS A 66 1.64 3.87 -3.01
C CYS A 66 2.04 4.89 -4.08
N GLN A 67 3.27 4.75 -4.58
CA GLN A 67 3.77 5.65 -5.61
C GLN A 67 2.79 5.76 -6.78
N ASN A 68 2.23 4.61 -7.18
CA ASN A 68 1.27 4.58 -8.27
C ASN A 68 0.09 5.51 -8.00
N CYS A 69 -0.26 5.65 -6.72
CA CYS A 69 -1.38 6.50 -6.33
C CYS A 69 -0.90 7.94 -6.12
N TYR A 70 0.14 8.10 -5.32
CA TYR A 70 0.69 9.43 -5.03
C TYR A 70 0.90 10.21 -6.33
N TYR A 71 1.56 9.59 -7.30
CA TYR A 71 1.83 10.23 -8.58
C TYR A 71 0.56 10.81 -9.18
N ASN A 72 -0.56 10.11 -8.97
CA ASN A 72 -1.85 10.56 -9.49
C ASN A 72 -2.50 11.55 -8.53
N LEU A 73 -2.14 11.46 -7.25
CA LEU A 73 -2.69 12.34 -6.23
C LEU A 73 -2.07 13.73 -6.32
N GLN A 74 -0.80 13.78 -6.72
CA GLN A 74 -0.08 15.05 -6.84
C GLN A 74 -0.39 15.72 -8.18
N HIS A 75 -0.75 14.92 -9.17
CA HIS A 75 -1.07 15.43 -10.49
C HIS A 75 -2.48 16.02 -10.52
N GLU A 76 -3.36 15.46 -9.70
CA GLU A 76 -4.74 15.93 -9.63
C GLU A 76 -4.86 17.14 -8.73
N ARG A 77 -3.97 17.23 -7.73
CA ARG A 77 -3.98 18.34 -6.79
C ARG A 77 -2.69 19.13 -6.88
N GLY A 78 -2.37 19.60 -8.08
CA GLY A 78 -1.14 20.37 -8.28
C GLY A 78 -0.96 20.79 -9.73
N SER A 1 -21.55 6.83 13.01
CA SER A 1 -21.72 5.61 12.25
C SER A 1 -21.42 5.84 10.77
N ASN A 2 -20.23 6.35 10.49
CA ASN A 2 -19.83 6.62 9.11
C ASN A 2 -18.33 6.40 8.94
N ALA A 3 -17.81 6.76 7.77
CA ALA A 3 -16.39 6.61 7.47
C ALA A 3 -16.06 7.13 6.08
N GLY A 4 -16.67 6.53 5.06
CA GLY A 4 -16.42 6.94 3.70
C GLY A 4 -17.34 6.26 2.70
N ARG A 5 -16.78 5.84 1.58
CA ARG A 5 -17.56 5.16 0.54
C ARG A 5 -16.81 3.94 0.01
N SER A 6 -17.47 3.20 -0.87
CA SER A 6 -16.88 1.99 -1.45
C SER A 6 -17.82 1.34 -2.45
N ALA A 7 -17.43 0.17 -2.95
CA ALA A 7 -18.25 -0.56 -3.91
C ALA A 7 -19.52 -1.07 -3.26
N ALA A 8 -19.57 -1.04 -1.93
CA ALA A 8 -20.73 -1.51 -1.19
C ALA A 8 -20.94 -3.01 -1.39
N ASP A 9 -19.88 -3.71 -1.72
CA ASP A 9 -19.94 -5.15 -1.94
C ASP A 9 -18.56 -5.73 -2.20
N HIS A 10 -18.25 -6.84 -1.53
CA HIS A 10 -16.96 -7.49 -1.68
C HIS A 10 -16.93 -8.81 -0.91
N TRP A 11 -16.94 -8.73 0.40
CA TRP A 11 -16.91 -9.91 1.25
C TRP A 11 -15.59 -10.66 1.09
N VAL A 12 -14.53 -9.93 0.81
CA VAL A 12 -13.21 -10.52 0.62
C VAL A 12 -12.13 -9.67 1.27
N LYS A 13 -11.28 -10.30 2.08
CA LYS A 13 -10.20 -9.61 2.75
C LYS A 13 -8.93 -10.47 2.79
N ASP A 14 -8.11 -10.35 1.76
CA ASP A 14 -6.88 -11.12 1.68
C ASP A 14 -5.80 -10.34 0.93
N GLU A 15 -5.79 -9.02 1.11
CA GLU A 15 -4.82 -8.16 0.44
C GLU A 15 -3.40 -8.55 0.84
N GLY A 16 -3.27 -9.24 1.96
CA GLY A 16 -1.96 -9.65 2.43
C GLY A 16 -1.94 -9.93 3.92
N GLY A 17 -1.33 -9.03 4.69
CA GLY A 17 -1.25 -9.21 6.13
C GLY A 17 -0.12 -8.41 6.75
N ASP A 18 1.10 -8.70 6.33
CA ASP A 18 2.28 -8.01 6.84
C ASP A 18 3.47 -8.19 5.91
N SER A 19 3.26 -7.89 4.64
CA SER A 19 4.33 -8.01 3.64
C SER A 19 4.04 -7.12 2.44
N CYS A 20 5.08 -6.43 1.96
CA CYS A 20 4.95 -5.54 0.81
C CYS A 20 4.28 -6.26 -0.36
N SER A 21 3.63 -5.48 -1.23
CA SER A 21 2.95 -6.04 -2.39
C SER A 21 3.81 -5.91 -3.64
N GLY A 22 4.63 -4.87 -3.68
CA GLY A 22 5.48 -4.64 -4.82
C GLY A 22 6.89 -5.16 -4.61
N CYS A 23 7.15 -5.69 -3.42
CA CYS A 23 8.46 -6.24 -3.09
C CYS A 23 8.33 -7.57 -2.37
N SER A 24 7.22 -7.75 -1.65
CA SER A 24 6.98 -8.98 -0.91
C SER A 24 7.89 -9.07 0.32
N VAL A 25 8.56 -7.96 0.63
CA VAL A 25 9.46 -7.92 1.76
C VAL A 25 8.69 -7.94 3.08
N ARG A 26 8.95 -8.96 3.90
CA ARG A 26 8.27 -9.09 5.18
C ARG A 26 8.63 -7.95 6.11
N PHE A 27 7.66 -7.07 6.37
CA PHE A 27 7.88 -5.92 7.24
C PHE A 27 8.41 -6.37 8.61
N SER A 28 9.42 -5.66 9.10
CA SER A 28 10.02 -5.98 10.39
C SER A 28 10.46 -4.71 11.12
N LEU A 29 11.24 -4.89 12.18
CA LEU A 29 11.73 -3.76 12.97
C LEU A 29 12.53 -2.80 12.09
N THR A 30 13.01 -3.29 10.95
CA THR A 30 13.78 -2.47 10.03
C THR A 30 12.93 -2.02 8.85
N GLU A 31 11.85 -2.74 8.58
CA GLU A 31 10.96 -2.41 7.49
C GLU A 31 9.54 -2.17 7.99
N ARG A 32 9.11 -0.91 7.96
CA ARG A 32 7.77 -0.55 8.41
C ARG A 32 6.72 -0.92 7.37
N ARG A 33 5.49 -1.09 7.83
CA ARG A 33 4.39 -1.44 6.93
C ARG A 33 3.39 -0.29 6.80
N HIS A 34 2.74 -0.20 5.64
CA HIS A 34 1.77 0.84 5.40
C HIS A 34 0.74 0.40 4.35
N HIS A 35 -0.54 0.47 4.73
CA HIS A 35 -1.61 0.08 3.83
C HIS A 35 -2.15 1.28 3.05
N CYS A 36 -2.17 1.17 1.74
CA CYS A 36 -2.65 2.25 0.87
C CYS A 36 -4.16 2.41 1.01
N ARG A 37 -4.60 3.62 1.31
CA ARG A 37 -6.02 3.90 1.45
C ARG A 37 -6.68 4.08 0.09
N ASN A 38 -5.90 3.91 -0.97
CA ASN A 38 -6.41 4.05 -2.33
C ASN A 38 -6.80 2.70 -2.92
N CYS A 39 -6.00 1.68 -2.62
CA CYS A 39 -6.26 0.33 -3.12
C CYS A 39 -6.45 -0.64 -1.95
N GLY A 40 -5.68 -0.44 -0.88
CA GLY A 40 -5.77 -1.31 0.27
C GLY A 40 -4.66 -2.34 0.32
N GLN A 41 -3.54 -2.03 -0.34
CA GLN A 41 -2.40 -2.94 -0.37
C GLN A 41 -1.30 -2.46 0.57
N LEU A 42 -0.42 -3.38 0.96
CA LEU A 42 0.69 -3.05 1.85
C LEU A 42 1.97 -2.80 1.06
N PHE A 43 2.63 -1.69 1.35
CA PHE A 43 3.88 -1.34 0.67
C PHE A 43 4.91 -0.84 1.67
N CYS A 44 6.19 -1.02 1.32
CA CYS A 44 7.28 -0.60 2.19
C CYS A 44 7.66 0.86 1.91
N GLN A 45 8.33 1.49 2.86
CA GLN A 45 8.75 2.88 2.73
C GLN A 45 9.61 3.06 1.48
N LYS A 46 10.16 1.96 0.98
CA LYS A 46 11.01 1.99 -0.21
C LYS A 46 10.17 1.80 -1.48
N CYS A 47 8.94 1.31 -1.30
CA CYS A 47 8.05 1.09 -2.42
C CYS A 47 7.28 2.35 -2.78
N SER A 48 6.64 2.96 -1.78
CA SER A 48 5.88 4.18 -1.98
C SER A 48 6.72 5.41 -1.68
N ARG A 49 7.56 5.31 -0.65
CA ARG A 49 8.42 6.41 -0.24
C ARG A 49 7.70 7.75 -0.40
N PHE A 50 6.38 7.73 -0.25
CA PHE A 50 5.57 8.93 -0.36
C PHE A 50 4.51 9.00 0.72
N GLN A 51 3.82 10.12 0.81
CA GLN A 51 2.77 10.30 1.81
C GLN A 51 1.85 11.46 1.42
N SER A 52 0.54 11.18 1.44
CA SER A 52 -0.45 12.20 1.08
C SER A 52 -1.87 11.65 1.25
N GLU A 53 -2.84 12.55 1.22
CA GLU A 53 -4.24 12.15 1.35
C GLU A 53 -4.79 11.61 0.04
N ILE A 54 -6.03 11.16 0.07
CA ILE A 54 -6.68 10.61 -1.12
C ILE A 54 -8.12 11.11 -1.25
N LYS A 55 -8.26 12.32 -1.81
CA LYS A 55 -9.58 12.92 -1.99
C LYS A 55 -10.50 11.97 -2.77
N ARG A 56 -9.92 11.25 -3.73
CA ARG A 56 -10.69 10.32 -4.54
C ARG A 56 -11.33 9.24 -3.68
N LEU A 57 -10.81 9.08 -2.46
CA LEU A 57 -11.34 8.08 -1.53
C LEU A 57 -12.03 8.75 -0.35
N LYS A 58 -12.35 10.03 -0.50
CA LYS A 58 -13.01 10.78 0.56
C LYS A 58 -12.08 10.98 1.75
N ILE A 59 -10.78 10.93 1.49
CA ILE A 59 -9.78 11.10 2.55
C ILE A 59 -9.09 12.45 2.44
N SER A 60 -9.36 13.34 3.39
CA SER A 60 -8.76 14.67 3.40
C SER A 60 -7.50 14.69 4.26
N SER A 61 -7.33 13.67 5.09
CA SER A 61 -6.17 13.57 5.97
C SER A 61 -5.01 12.87 5.25
N PRO A 62 -3.78 13.20 5.67
CA PRO A 62 -2.57 12.63 5.10
C PRO A 62 -2.40 11.15 5.45
N VAL A 63 -2.34 10.31 4.42
CA VAL A 63 -2.17 8.87 4.63
C VAL A 63 -1.11 8.30 3.70
N ARG A 64 -0.86 7.00 3.81
CA ARG A 64 0.13 6.33 2.98
C ARG A 64 -0.44 6.01 1.61
N VAL A 65 0.33 6.29 0.56
CA VAL A 65 -0.10 6.02 -0.80
C VAL A 65 1.06 5.53 -1.67
N CYS A 66 0.83 4.46 -2.41
CA CYS A 66 1.86 3.90 -3.28
C CYS A 66 2.24 4.89 -4.39
N GLN A 67 3.50 4.81 -4.83
CA GLN A 67 3.99 5.70 -5.88
C GLN A 67 3.05 5.69 -7.08
N ASN A 68 2.38 4.56 -7.30
CA ASN A 68 1.46 4.42 -8.42
C ASN A 68 0.24 5.32 -8.22
N CYS A 69 -0.19 5.47 -6.98
CA CYS A 69 -1.35 6.30 -6.66
C CYS A 69 -0.93 7.75 -6.43
N TYR A 70 0.11 7.94 -5.63
CA TYR A 70 0.60 9.28 -5.33
C TYR A 70 0.85 10.08 -6.61
N TYR A 71 1.54 9.44 -7.55
CA TYR A 71 1.85 10.09 -8.83
C TYR A 71 0.58 10.65 -9.47
N ASN A 72 -0.50 9.89 -9.39
CA ASN A 72 -1.78 10.31 -9.97
C ASN A 72 -2.49 11.30 -9.04
N LEU A 73 -2.17 11.23 -7.76
CA LEU A 73 -2.78 12.11 -6.78
C LEU A 73 -2.29 13.55 -6.95
N GLN A 74 -0.98 13.70 -7.17
CA GLN A 74 -0.39 15.01 -7.36
C GLN A 74 -0.65 15.53 -8.77
N HIS A 75 -0.95 14.62 -9.68
CA HIS A 75 -1.22 14.99 -11.07
C HIS A 75 -2.44 15.91 -11.16
N GLU A 76 -3.34 15.79 -10.18
CA GLU A 76 -4.55 16.61 -10.16
C GLU A 76 -4.23 18.03 -9.74
N ARG A 77 -3.15 18.19 -8.99
CA ARG A 77 -2.72 19.52 -8.52
C ARG A 77 -1.36 19.88 -9.09
N GLY A 78 -1.16 19.60 -10.38
CA GLY A 78 0.09 19.91 -11.02
C GLY A 78 1.05 18.73 -11.03
N SER A 1 7.12 -33.12 -21.26
CA SER A 1 6.90 -32.87 -19.84
C SER A 1 6.89 -31.38 -19.54
N ASN A 2 5.73 -30.87 -19.14
CA ASN A 2 5.58 -29.44 -18.82
C ASN A 2 5.59 -29.22 -17.31
N ALA A 3 5.45 -27.97 -16.91
CA ALA A 3 5.43 -27.62 -15.49
C ALA A 3 4.95 -26.19 -15.28
N GLY A 4 4.90 -25.76 -14.02
CA GLY A 4 4.45 -24.42 -13.71
C GLY A 4 3.81 -24.33 -12.34
N ARG A 5 3.74 -23.10 -11.81
CA ARG A 5 3.15 -22.89 -10.49
C ARG A 5 3.01 -21.39 -10.21
N SER A 6 2.30 -21.07 -9.13
CA SER A 6 2.09 -19.68 -8.74
C SER A 6 3.26 -19.15 -7.93
N ALA A 7 3.17 -17.89 -7.53
CA ALA A 7 4.22 -17.25 -6.74
C ALA A 7 5.49 -17.08 -7.56
N ALA A 8 6.25 -18.15 -7.72
CA ALA A 8 7.49 -18.12 -8.48
C ALA A 8 8.52 -17.22 -7.82
N ASP A 9 8.25 -16.83 -6.57
CA ASP A 9 9.15 -15.98 -5.82
C ASP A 9 8.57 -15.64 -4.44
N HIS A 10 7.85 -16.60 -3.87
CA HIS A 10 7.25 -16.40 -2.56
C HIS A 10 6.95 -17.75 -1.89
N TRP A 11 6.48 -18.70 -2.68
CA TRP A 11 6.15 -20.03 -2.17
C TRP A 11 5.02 -19.96 -1.15
N VAL A 12 4.16 -18.95 -1.29
CA VAL A 12 3.03 -18.77 -0.38
C VAL A 12 2.14 -17.63 -0.84
N LYS A 13 0.91 -17.61 -0.35
CA LYS A 13 -0.05 -16.57 -0.70
C LYS A 13 -0.62 -15.91 0.55
N ASP A 14 0.05 -14.85 1.01
CA ASP A 14 -0.38 -14.13 2.20
C ASP A 14 0.28 -12.76 2.28
N GLU A 15 0.65 -12.22 1.13
CA GLU A 15 1.31 -10.92 1.07
C GLU A 15 0.38 -9.82 1.59
N GLY A 16 -0.91 -10.13 1.67
CA GLY A 16 -1.88 -9.17 2.16
C GLY A 16 -2.12 -9.28 3.65
N GLY A 17 -1.17 -8.82 4.44
CA GLY A 17 -1.30 -8.89 5.89
C GLY A 17 -0.14 -8.23 6.61
N ASP A 18 1.07 -8.56 6.20
CA ASP A 18 2.27 -7.99 6.82
C ASP A 18 3.47 -8.11 5.89
N SER A 19 3.21 -7.99 4.59
CA SER A 19 4.27 -8.09 3.59
C SER A 19 3.99 -7.18 2.40
N CYS A 20 5.02 -6.49 1.93
CA CYS A 20 4.89 -5.58 0.80
C CYS A 20 4.18 -6.28 -0.37
N SER A 21 3.53 -5.47 -1.21
CA SER A 21 2.80 -6.01 -2.36
C SER A 21 3.63 -5.87 -3.64
N GLY A 22 4.47 -4.83 -3.67
CA GLY A 22 5.30 -4.60 -4.84
C GLY A 22 6.71 -5.16 -4.67
N CYS A 23 6.99 -5.69 -3.48
CA CYS A 23 8.30 -6.25 -3.19
C CYS A 23 8.17 -7.60 -2.48
N SER A 24 7.06 -7.77 -1.78
CA SER A 24 6.82 -9.02 -1.04
C SER A 24 7.75 -9.14 0.15
N VAL A 25 8.44 -8.05 0.46
CA VAL A 25 9.37 -8.04 1.59
C VAL A 25 8.63 -8.03 2.91
N ARG A 26 8.93 -9.01 3.76
CA ARG A 26 8.29 -9.13 5.07
C ARG A 26 8.67 -7.94 5.97
N PHE A 27 7.69 -7.10 6.27
CA PHE A 27 7.93 -5.93 7.11
C PHE A 27 8.54 -6.34 8.44
N SER A 28 9.38 -5.48 8.99
CA SER A 28 10.04 -5.75 10.26
C SER A 28 10.52 -4.46 10.91
N LEU A 29 11.28 -4.59 11.99
CA LEU A 29 11.81 -3.43 12.71
C LEU A 29 12.61 -2.53 11.77
N THR A 30 13.14 -3.12 10.71
CA THR A 30 13.93 -2.37 9.73
C THR A 30 13.08 -1.95 8.54
N GLU A 31 11.98 -2.68 8.32
CA GLU A 31 11.08 -2.38 7.22
C GLU A 31 9.70 -1.97 7.73
N ARG A 32 9.36 -0.70 7.58
CA ARG A 32 8.07 -0.18 8.02
C ARG A 32 6.96 -0.62 7.08
N ARG A 33 5.75 -0.75 7.61
CA ARG A 33 4.59 -1.16 6.83
C ARG A 33 3.55 -0.05 6.77
N HIS A 34 2.73 -0.06 5.73
CA HIS A 34 1.68 0.94 5.57
C HIS A 34 0.67 0.50 4.51
N HIS A 35 -0.61 0.55 4.87
CA HIS A 35 -1.67 0.15 3.95
C HIS A 35 -2.19 1.36 3.17
N CYS A 36 -2.30 1.19 1.86
CA CYS A 36 -2.78 2.26 0.99
C CYS A 36 -4.30 2.38 1.06
N ARG A 37 -4.79 3.57 1.40
CA ARG A 37 -6.22 3.81 1.51
C ARG A 37 -6.83 4.01 0.13
N ASN A 38 -6.01 3.88 -0.91
CA ASN A 38 -6.47 4.05 -2.29
C ASN A 38 -6.84 2.71 -2.91
N CYS A 39 -6.05 1.69 -2.61
CA CYS A 39 -6.29 0.36 -3.14
C CYS A 39 -6.49 -0.66 -2.01
N GLY A 40 -5.74 -0.48 -0.93
CA GLY A 40 -5.86 -1.37 0.21
C GLY A 40 -4.72 -2.39 0.25
N GLN A 41 -3.58 -2.03 -0.34
CA GLN A 41 -2.43 -2.92 -0.36
C GLN A 41 -1.33 -2.40 0.55
N LEU A 42 -0.53 -3.31 1.09
CA LEU A 42 0.57 -2.95 1.98
C LEU A 42 1.88 -2.82 1.21
N PHE A 43 2.55 -1.70 1.39
CA PHE A 43 3.82 -1.45 0.71
C PHE A 43 4.89 -1.02 1.70
N CYS A 44 6.15 -1.10 1.28
CA CYS A 44 7.27 -0.71 2.12
C CYS A 44 7.64 0.75 1.91
N GLN A 45 8.35 1.32 2.88
CA GLN A 45 8.78 2.72 2.81
C GLN A 45 9.58 2.97 1.53
N LYS A 46 10.16 1.91 0.98
CA LYS A 46 10.95 2.02 -0.23
C LYS A 46 10.07 1.86 -1.47
N CYS A 47 8.86 1.35 -1.27
CA CYS A 47 7.92 1.16 -2.37
C CYS A 47 7.16 2.45 -2.67
N SER A 48 6.61 3.06 -1.63
CA SER A 48 5.86 4.30 -1.78
C SER A 48 6.72 5.51 -1.43
N ARG A 49 7.54 5.37 -0.39
CA ARG A 49 8.41 6.45 0.06
C ARG A 49 7.72 7.80 -0.09
N PHE A 50 6.39 7.79 0.03
CA PHE A 50 5.61 9.02 -0.09
C PHE A 50 4.50 9.05 0.94
N GLN A 51 3.81 10.19 1.05
CA GLN A 51 2.72 10.34 2.00
C GLN A 51 1.83 11.53 1.62
N SER A 52 0.53 11.28 1.55
CA SER A 52 -0.43 12.32 1.19
C SER A 52 -1.86 11.80 1.30
N GLU A 53 -2.83 12.69 1.09
CA GLU A 53 -4.23 12.33 1.17
C GLU A 53 -4.69 11.63 -0.12
N ILE A 54 -5.96 11.26 -0.17
CA ILE A 54 -6.52 10.60 -1.33
C ILE A 54 -7.90 11.15 -1.67
N LYS A 55 -7.94 12.26 -2.40
CA LYS A 55 -9.19 12.88 -2.79
C LYS A 55 -10.04 11.93 -3.62
N ARG A 56 -9.38 10.94 -4.23
CA ARG A 56 -10.08 9.96 -5.06
C ARG A 56 -10.98 9.07 -4.21
N LEU A 57 -10.65 8.98 -2.92
CA LEU A 57 -11.42 8.15 -2.01
C LEU A 57 -12.14 9.02 -0.98
N LYS A 58 -12.29 10.31 -1.29
CA LYS A 58 -12.95 11.25 -0.40
C LYS A 58 -12.12 11.52 0.84
N ILE A 59 -10.81 11.26 0.73
CA ILE A 59 -9.91 11.48 1.85
C ILE A 59 -9.06 12.73 1.64
N SER A 60 -9.29 13.74 2.47
CA SER A 60 -8.55 14.99 2.37
C SER A 60 -7.35 14.99 3.31
N SER A 61 -7.42 14.17 4.36
CA SER A 61 -6.34 14.07 5.32
C SER A 61 -5.18 13.26 4.77
N PRO A 62 -3.96 13.54 5.27
CA PRO A 62 -2.75 12.84 4.85
C PRO A 62 -2.71 11.39 5.33
N VAL A 63 -2.59 10.46 4.39
CA VAL A 63 -2.55 9.05 4.70
C VAL A 63 -1.50 8.32 3.86
N ARG A 64 -1.37 7.01 4.08
CA ARG A 64 -0.41 6.20 3.34
C ARG A 64 -0.89 5.98 1.90
N VAL A 65 0.00 6.21 0.95
CA VAL A 65 -0.32 6.03 -0.47
C VAL A 65 0.89 5.56 -1.25
N CYS A 66 0.68 4.60 -2.14
CA CYS A 66 1.76 4.06 -2.95
C CYS A 66 2.13 5.03 -4.08
N GLN A 67 3.37 4.95 -4.54
CA GLN A 67 3.84 5.82 -5.61
C GLN A 67 2.87 5.80 -6.79
N ASN A 68 2.37 4.61 -7.13
CA ASN A 68 1.44 4.45 -8.24
C ASN A 68 0.24 5.39 -8.07
N CYS A 69 -0.21 5.54 -6.83
CA CYS A 69 -1.36 6.39 -6.54
C CYS A 69 -0.91 7.85 -6.31
N TYR A 70 0.05 8.03 -5.41
CA TYR A 70 0.56 9.35 -5.10
C TYR A 70 0.85 10.14 -6.38
N TYR A 71 1.38 9.45 -7.38
CA TYR A 71 1.70 10.07 -8.65
C TYR A 71 0.47 10.75 -9.26
N ASN A 72 -0.65 10.04 -9.27
CA ASN A 72 -1.89 10.57 -9.80
C ASN A 72 -2.56 11.51 -8.81
N LEU A 73 -2.31 11.29 -7.53
CA LEU A 73 -2.88 12.13 -6.48
C LEU A 73 -2.29 13.54 -6.52
N GLN A 74 -0.97 13.62 -6.70
CA GLN A 74 -0.29 14.90 -6.76
C GLN A 74 -0.47 15.56 -8.13
N HIS A 75 -0.72 14.73 -9.15
CA HIS A 75 -0.91 15.23 -10.51
C HIS A 75 -2.40 15.27 -10.86
N GLU A 76 -3.24 15.14 -9.85
CA GLU A 76 -4.69 15.16 -10.06
C GLU A 76 -5.16 16.56 -10.47
N ARG A 77 -4.44 17.57 -10.01
CA ARG A 77 -4.79 18.96 -10.32
C ARG A 77 -4.38 19.30 -11.76
N GLY A 78 -3.37 18.60 -12.26
CA GLY A 78 -2.90 18.85 -13.61
C GLY A 78 -3.80 18.23 -14.66
N SER A 1 -18.38 -6.09 -13.83
CA SER A 1 -17.74 -4.96 -14.49
C SER A 1 -17.24 -5.36 -15.89
N ASN A 2 -18.17 -5.42 -16.84
CA ASN A 2 -17.84 -5.78 -18.21
C ASN A 2 -17.23 -7.18 -18.27
N ALA A 3 -16.71 -7.56 -19.43
CA ALA A 3 -16.10 -8.86 -19.62
C ALA A 3 -14.62 -8.72 -20.01
N GLY A 4 -13.99 -9.85 -20.30
CA GLY A 4 -12.59 -9.84 -20.68
C GLY A 4 -11.92 -11.18 -20.47
N ARG A 5 -10.67 -11.30 -20.93
CA ARG A 5 -9.92 -12.54 -20.79
C ARG A 5 -8.60 -12.29 -20.07
N SER A 6 -8.09 -13.33 -19.41
CA SER A 6 -6.83 -13.23 -18.68
C SER A 6 -5.98 -14.48 -18.89
N ALA A 7 -4.90 -14.58 -18.11
CA ALA A 7 -4.00 -15.72 -18.22
C ALA A 7 -4.60 -16.95 -17.57
N ALA A 8 -5.51 -16.74 -16.62
CA ALA A 8 -6.17 -17.84 -15.93
C ALA A 8 -5.16 -18.66 -15.13
N ASP A 9 -4.06 -18.02 -14.75
CA ASP A 9 -3.03 -18.69 -13.97
C ASP A 9 -2.14 -17.67 -13.26
N HIS A 10 -2.70 -16.50 -13.00
CA HIS A 10 -1.95 -15.43 -12.31
C HIS A 10 -2.88 -14.28 -11.95
N TRP A 11 -3.54 -14.39 -10.81
CA TRP A 11 -4.45 -13.35 -10.34
C TRP A 11 -4.13 -12.95 -8.91
N VAL A 12 -2.87 -13.09 -8.53
CA VAL A 12 -2.43 -12.73 -7.18
C VAL A 12 -0.92 -12.88 -7.04
N LYS A 13 -0.36 -12.21 -6.03
CA LYS A 13 1.08 -12.26 -5.78
C LYS A 13 1.42 -11.66 -4.42
N ASP A 14 0.47 -11.76 -3.49
CA ASP A 14 0.68 -11.24 -2.14
C ASP A 14 -0.52 -11.56 -1.25
N GLU A 15 -0.33 -12.50 -0.33
CA GLU A 15 -1.39 -12.91 0.58
C GLU A 15 -2.00 -11.69 1.28
N GLY A 16 -1.16 -10.72 1.61
CA GLY A 16 -1.63 -9.52 2.28
C GLY A 16 -1.81 -9.71 3.77
N GLY A 17 -0.79 -9.33 4.54
CA GLY A 17 -0.87 -9.47 5.98
C GLY A 17 0.23 -8.69 6.69
N ASP A 18 1.48 -8.98 6.36
CA ASP A 18 2.61 -8.31 6.97
C ASP A 18 3.82 -8.31 6.04
N SER A 19 3.58 -8.06 4.76
CA SER A 19 4.65 -8.04 3.77
C SER A 19 4.28 -7.13 2.60
N CYS A 20 5.28 -6.42 2.08
CA CYS A 20 5.07 -5.52 0.95
C CYS A 20 4.34 -6.23 -0.19
N SER A 21 3.63 -5.46 -1.00
CA SER A 21 2.89 -6.01 -2.13
C SER A 21 3.69 -5.89 -3.42
N GLY A 22 4.53 -4.86 -3.49
CA GLY A 22 5.33 -4.65 -4.68
C GLY A 22 6.74 -5.18 -4.53
N CYS A 23 7.06 -5.65 -3.32
CA CYS A 23 8.39 -6.19 -3.03
C CYS A 23 8.29 -7.54 -2.35
N SER A 24 7.18 -7.77 -1.66
CA SER A 24 6.97 -9.02 -0.94
C SER A 24 7.89 -9.13 0.26
N VAL A 25 8.56 -8.03 0.59
CA VAL A 25 9.48 -8.00 1.72
C VAL A 25 8.72 -7.97 3.04
N ARG A 26 8.93 -8.99 3.86
CA ARG A 26 8.26 -9.08 5.16
C ARG A 26 8.64 -7.88 6.04
N PHE A 27 7.65 -7.05 6.34
CA PHE A 27 7.87 -5.87 7.17
C PHE A 27 8.55 -6.25 8.49
N SER A 28 9.56 -5.48 8.87
CA SER A 28 10.29 -5.75 10.10
C SER A 28 10.87 -4.45 10.67
N LEU A 29 11.70 -4.59 11.71
CA LEU A 29 12.32 -3.44 12.34
C LEU A 29 13.16 -2.63 11.33
N THR A 30 13.52 -3.28 10.24
CA THR A 30 14.32 -2.64 9.20
C THR A 30 13.45 -2.23 8.02
N GLU A 31 12.30 -2.88 7.88
CA GLU A 31 11.38 -2.58 6.79
C GLU A 31 10.02 -2.11 7.32
N ARG A 32 9.73 -0.83 7.13
CA ARG A 32 8.48 -0.26 7.60
C ARG A 32 7.31 -0.72 6.73
N ARG A 33 6.11 -0.61 7.28
CA ARG A 33 4.90 -1.02 6.56
C ARG A 33 3.95 0.16 6.37
N HIS A 34 3.19 0.14 5.28
CA HIS A 34 2.24 1.20 5.00
C HIS A 34 1.06 0.67 4.21
N HIS A 35 -0.15 0.82 4.76
CA HIS A 35 -1.36 0.36 4.09
C HIS A 35 -2.00 1.47 3.28
N CYS A 36 -1.96 1.35 1.96
CA CYS A 36 -2.53 2.34 1.07
C CYS A 36 -4.04 2.43 1.25
N ARG A 37 -4.53 3.62 1.55
CA ARG A 37 -5.96 3.83 1.74
C ARG A 37 -6.68 4.02 0.41
N ASN A 38 -5.91 3.90 -0.68
CA ASN A 38 -6.47 4.06 -2.01
C ASN A 38 -6.88 2.71 -2.59
N CYS A 39 -6.03 1.70 -2.38
CA CYS A 39 -6.30 0.35 -2.88
C CYS A 39 -6.49 -0.63 -1.73
N GLY A 40 -5.72 -0.42 -0.65
CA GLY A 40 -5.82 -1.29 0.51
C GLY A 40 -4.70 -2.30 0.56
N GLN A 41 -3.58 -1.98 -0.10
CA GLN A 41 -2.43 -2.87 -0.11
C GLN A 41 -1.31 -2.36 0.78
N LEU A 42 -0.52 -3.28 1.33
CA LEU A 42 0.58 -2.91 2.21
C LEU A 42 1.88 -2.80 1.43
N PHE A 43 2.58 -1.68 1.60
CA PHE A 43 3.84 -1.44 0.91
C PHE A 43 4.92 -1.00 1.89
N CYS A 44 6.17 -1.02 1.44
CA CYS A 44 7.30 -0.61 2.27
C CYS A 44 7.64 0.85 2.04
N GLN A 45 8.36 1.44 2.98
CA GLN A 45 8.77 2.84 2.87
C GLN A 45 9.57 3.08 1.60
N LYS A 46 10.11 2.01 1.04
CA LYS A 46 10.91 2.10 -0.19
C LYS A 46 10.00 1.97 -1.41
N CYS A 47 8.80 1.47 -1.21
CA CYS A 47 7.85 1.29 -2.30
C CYS A 47 7.06 2.58 -2.56
N SER A 48 6.52 3.15 -1.49
CA SER A 48 5.75 4.38 -1.60
C SER A 48 6.63 5.60 -1.36
N ARG A 49 7.51 5.50 -0.36
CA ARG A 49 8.41 6.60 -0.04
C ARG A 49 7.72 7.94 -0.21
N PHE A 50 6.40 7.96 -0.06
CA PHE A 50 5.61 9.17 -0.20
C PHE A 50 4.52 9.24 0.86
N GLN A 51 3.83 10.38 0.91
CA GLN A 51 2.75 10.57 1.89
C GLN A 51 1.82 11.70 1.44
N SER A 52 0.53 11.41 1.43
CA SER A 52 -0.46 12.40 1.02
C SER A 52 -1.88 11.86 1.21
N GLU A 53 -2.86 12.74 1.06
CA GLU A 53 -4.26 12.35 1.21
C GLU A 53 -4.78 11.68 -0.06
N ILE A 54 -6.04 11.25 -0.02
CA ILE A 54 -6.65 10.59 -1.16
C ILE A 54 -8.07 11.10 -1.40
N LYS A 55 -8.18 12.23 -2.09
CA LYS A 55 -9.48 12.83 -2.39
C LYS A 55 -10.38 11.82 -3.09
N ARG A 56 -9.81 11.00 -3.96
CA ARG A 56 -10.57 10.00 -4.68
C ARG A 56 -11.26 9.04 -3.73
N LEU A 57 -10.75 8.97 -2.50
CA LEU A 57 -11.32 8.08 -1.49
C LEU A 57 -12.02 8.89 -0.40
N LYS A 58 -12.31 10.15 -0.69
CA LYS A 58 -13.00 11.02 0.26
C LYS A 58 -12.09 11.31 1.46
N ILE A 59 -10.79 11.20 1.26
CA ILE A 59 -9.82 11.46 2.32
C ILE A 59 -9.07 12.76 2.09
N SER A 60 -9.22 13.70 3.01
CA SER A 60 -8.57 15.00 2.91
C SER A 60 -7.25 14.99 3.69
N SER A 61 -7.16 14.14 4.71
CA SER A 61 -5.95 14.05 5.52
C SER A 61 -4.90 13.19 4.83
N PRO A 62 -3.62 13.53 5.07
CA PRO A 62 -2.49 12.80 4.48
C PRO A 62 -2.33 11.41 5.07
N VAL A 63 -2.36 10.40 4.20
CA VAL A 63 -2.21 9.02 4.63
C VAL A 63 -1.25 8.26 3.72
N ARG A 64 -1.05 6.98 4.01
CA ARG A 64 -0.15 6.14 3.22
C ARG A 64 -0.67 5.98 1.80
N VAL A 65 0.24 6.08 0.83
CA VAL A 65 -0.12 5.95 -0.57
C VAL A 65 1.05 5.43 -1.39
N CYS A 66 0.76 4.47 -2.27
CA CYS A 66 1.79 3.88 -3.12
C CYS A 66 2.18 4.84 -4.25
N GLN A 67 3.43 4.74 -4.71
CA GLN A 67 3.91 5.60 -5.78
C GLN A 67 2.97 5.55 -6.98
N ASN A 68 2.30 4.42 -7.16
CA ASN A 68 1.37 4.25 -8.27
C ASN A 68 0.13 5.13 -8.08
N CYS A 69 -0.29 5.29 -6.84
CA CYS A 69 -1.46 6.11 -6.51
C CYS A 69 -1.06 7.57 -6.33
N TYR A 70 -0.07 7.80 -5.47
CA TYR A 70 0.40 9.15 -5.20
C TYR A 70 0.65 9.92 -6.50
N TYR A 71 1.11 9.20 -7.52
CA TYR A 71 1.41 9.80 -8.81
C TYR A 71 0.16 10.48 -9.38
N ASN A 72 -0.98 9.83 -9.24
CA ASN A 72 -2.24 10.36 -9.74
C ASN A 72 -2.84 11.36 -8.75
N LEU A 73 -2.53 11.18 -7.47
CA LEU A 73 -3.04 12.05 -6.43
C LEU A 73 -2.41 13.44 -6.53
N GLN A 74 -1.09 13.48 -6.66
CA GLN A 74 -0.37 14.75 -6.77
C GLN A 74 -0.71 15.44 -8.09
N HIS A 75 -1.04 14.66 -9.10
CA HIS A 75 -1.38 15.19 -10.41
C HIS A 75 -2.84 15.63 -10.45
N GLU A 76 -3.67 15.00 -9.63
CA GLU A 76 -5.09 15.33 -9.57
C GLU A 76 -5.33 16.59 -8.76
N ARG A 77 -4.49 16.80 -7.74
CA ARG A 77 -4.61 17.97 -6.88
C ARG A 77 -3.54 18.99 -7.21
N GLY A 78 -3.08 18.98 -8.46
CA GLY A 78 -2.06 19.93 -8.88
C GLY A 78 -1.60 19.68 -10.30
N SER A 1 17.74 -31.35 -4.98
CA SER A 1 16.77 -30.37 -5.45
C SER A 1 15.45 -30.51 -4.68
N ASN A 2 15.38 -29.85 -3.53
CA ASN A 2 14.19 -29.91 -2.69
C ASN A 2 14.03 -28.62 -1.89
N ALA A 3 14.83 -28.48 -0.84
CA ALA A 3 14.78 -27.29 0.00
C ALA A 3 13.45 -27.19 0.72
N GLY A 4 13.32 -26.18 1.58
CA GLY A 4 12.09 -26.00 2.32
C GLY A 4 11.77 -24.53 2.56
N ARG A 5 10.67 -24.26 3.24
CA ARG A 5 10.26 -22.89 3.53
C ARG A 5 9.03 -22.88 4.45
N SER A 6 9.04 -21.98 5.42
CA SER A 6 7.93 -21.85 6.36
C SER A 6 8.19 -20.72 7.35
N ALA A 7 7.17 -20.43 8.16
CA ALA A 7 7.28 -19.36 9.16
C ALA A 7 7.66 -19.93 10.52
N ALA A 8 7.92 -19.03 11.47
CA ALA A 8 8.29 -19.44 12.82
C ALA A 8 7.21 -19.04 13.83
N ASP A 9 6.34 -18.13 13.42
CA ASP A 9 5.26 -17.66 14.29
C ASP A 9 4.03 -17.30 13.47
N HIS A 10 3.60 -18.23 12.62
CA HIS A 10 2.42 -18.00 11.77
C HIS A 10 2.03 -19.27 11.03
N TRP A 11 1.10 -20.02 11.61
CA TRP A 11 0.64 -21.26 11.01
C TRP A 11 -0.67 -21.06 10.25
N VAL A 12 -0.87 -19.84 9.75
CA VAL A 12 -2.07 -19.50 9.01
C VAL A 12 -2.00 -18.08 8.46
N LYS A 13 -2.82 -17.81 7.44
CA LYS A 13 -2.85 -16.49 6.82
C LYS A 13 -4.28 -16.09 6.45
N ASP A 14 -4.96 -15.44 7.39
CA ASP A 14 -6.33 -15.00 7.17
C ASP A 14 -6.60 -13.67 7.87
N GLU A 15 -5.53 -12.91 8.11
CA GLU A 15 -5.65 -11.62 8.78
C GLU A 15 -5.29 -10.48 7.82
N GLY A 16 -4.70 -10.83 6.69
CA GLY A 16 -4.31 -9.82 5.71
C GLY A 16 -3.00 -10.16 5.03
N GLY A 17 -1.91 -9.63 5.56
CA GLY A 17 -0.61 -9.88 4.97
C GLY A 17 0.41 -8.82 5.34
N ASP A 18 1.25 -9.12 6.33
CA ASP A 18 2.27 -8.18 6.78
C ASP A 18 3.49 -8.23 5.86
N SER A 19 3.25 -8.06 4.56
CA SER A 19 4.33 -8.08 3.58
C SER A 19 4.03 -7.14 2.42
N CYS A 20 5.07 -6.47 1.93
CA CYS A 20 4.93 -5.53 0.82
C CYS A 20 4.22 -6.18 -0.36
N SER A 21 3.56 -5.36 -1.17
CA SER A 21 2.84 -5.86 -2.34
C SER A 21 3.71 -5.78 -3.59
N GLY A 22 4.58 -4.77 -3.64
CA GLY A 22 5.45 -4.61 -4.78
C GLY A 22 6.84 -5.16 -4.54
N CYS A 23 7.04 -5.75 -3.36
CA CYS A 23 8.34 -6.31 -3.01
C CYS A 23 8.17 -7.63 -2.25
N SER A 24 7.06 -7.75 -1.53
CA SER A 24 6.77 -8.95 -0.75
C SER A 24 7.71 -9.07 0.43
N VAL A 25 8.41 -7.98 0.75
CA VAL A 25 9.34 -7.96 1.87
C VAL A 25 8.61 -7.97 3.20
N ARG A 26 8.67 -9.10 3.90
CA ARG A 26 8.02 -9.23 5.19
C ARG A 26 8.38 -8.08 6.11
N PHE A 27 7.42 -7.19 6.36
CA PHE A 27 7.64 -6.04 7.22
C PHE A 27 8.16 -6.47 8.59
N SER A 28 9.14 -5.76 9.11
CA SER A 28 9.72 -6.08 10.41
C SER A 28 10.15 -4.80 11.14
N LEU A 29 10.89 -4.97 12.23
CA LEU A 29 11.36 -3.84 13.01
C LEU A 29 12.23 -2.91 12.17
N THR A 30 12.74 -3.43 11.06
CA THR A 30 13.58 -2.65 10.17
C THR A 30 12.80 -2.18 8.95
N GLU A 31 11.69 -2.85 8.67
CA GLU A 31 10.86 -2.51 7.52
C GLU A 31 9.42 -2.23 7.96
N ARG A 32 9.01 -0.97 7.90
CA ARG A 32 7.66 -0.58 8.29
C ARG A 32 6.66 -0.96 7.21
N ARG A 33 5.39 -1.06 7.60
CA ARG A 33 4.33 -1.42 6.66
C ARG A 33 3.39 -0.24 6.44
N HIS A 34 2.98 -0.03 5.19
CA HIS A 34 2.08 1.06 4.85
C HIS A 34 0.90 0.56 4.02
N HIS A 35 -0.30 0.76 4.54
CA HIS A 35 -1.51 0.32 3.86
C HIS A 35 -2.11 1.45 3.03
N CYS A 36 -2.04 1.32 1.71
CA CYS A 36 -2.57 2.33 0.81
C CYS A 36 -4.08 2.43 0.93
N ARG A 37 -4.57 3.63 1.23
CA ARG A 37 -6.00 3.85 1.38
C ARG A 37 -6.67 4.03 0.02
N ASN A 38 -5.88 3.91 -1.04
CA ASN A 38 -6.38 4.06 -2.40
C ASN A 38 -6.77 2.70 -2.99
N CYS A 39 -5.94 1.70 -2.74
CA CYS A 39 -6.19 0.36 -3.25
C CYS A 39 -6.37 -0.63 -2.10
N GLY A 40 -5.61 -0.43 -1.02
CA GLY A 40 -5.71 -1.31 0.12
C GLY A 40 -4.60 -2.33 0.15
N GLN A 41 -3.47 -2.01 -0.47
CA GLN A 41 -2.34 -2.92 -0.53
C GLN A 41 -1.19 -2.42 0.35
N LEU A 42 -0.53 -3.33 1.05
CA LEU A 42 0.59 -2.97 1.92
C LEU A 42 1.86 -2.75 1.11
N PHE A 43 2.58 -1.69 1.45
CA PHE A 43 3.83 -1.36 0.76
C PHE A 43 4.89 -0.89 1.75
N CYS A 44 6.15 -1.04 1.36
CA CYS A 44 7.27 -0.63 2.21
C CYS A 44 7.63 0.83 1.98
N GLN A 45 8.33 1.42 2.94
CA GLN A 45 8.74 2.82 2.83
C GLN A 45 9.55 3.05 1.57
N LYS A 46 10.12 1.98 1.03
CA LYS A 46 10.92 2.08 -0.19
C LYS A 46 10.05 1.94 -1.43
N CYS A 47 8.83 1.45 -1.24
CA CYS A 47 7.90 1.28 -2.35
C CYS A 47 7.13 2.57 -2.63
N SER A 48 6.58 3.16 -1.57
CA SER A 48 5.82 4.40 -1.70
C SER A 48 6.72 5.61 -1.48
N ARG A 49 7.65 5.50 -0.53
CA ARG A 49 8.57 6.58 -0.23
C ARG A 49 7.88 7.94 -0.35
N PHE A 50 6.56 7.95 -0.14
CA PHE A 50 5.79 9.18 -0.24
C PHE A 50 4.71 9.22 0.85
N GLN A 51 4.02 10.36 0.94
CA GLN A 51 2.96 10.54 1.92
C GLN A 51 1.99 11.63 1.50
N SER A 52 0.70 11.30 1.51
CA SER A 52 -0.32 12.26 1.12
C SER A 52 -1.72 11.67 1.31
N GLU A 53 -2.74 12.51 1.21
CA GLU A 53 -4.12 12.07 1.37
C GLU A 53 -4.64 11.43 0.08
N ILE A 54 -5.92 11.08 0.08
CA ILE A 54 -6.54 10.47 -1.08
C ILE A 54 -7.98 10.95 -1.26
N LYS A 55 -8.13 12.11 -1.90
CA LYS A 55 -9.44 12.68 -2.14
C LYS A 55 -10.32 11.72 -2.94
N ARG A 56 -9.69 10.91 -3.79
CA ARG A 56 -10.40 9.95 -4.61
C ARG A 56 -11.24 9.01 -3.74
N LEU A 57 -10.79 8.79 -2.51
CA LEU A 57 -11.49 7.92 -1.57
C LEU A 57 -12.14 8.72 -0.45
N LYS A 58 -12.29 10.03 -0.68
CA LYS A 58 -12.89 10.90 0.31
C LYS A 58 -11.98 11.09 1.50
N ILE A 59 -10.68 10.92 1.28
CA ILE A 59 -9.69 11.09 2.35
C ILE A 59 -8.97 12.42 2.23
N SER A 60 -9.17 13.29 3.22
CA SER A 60 -8.53 14.61 3.22
C SER A 60 -7.29 14.60 4.10
N SER A 61 -7.20 13.61 4.99
CA SER A 61 -6.06 13.49 5.89
C SER A 61 -4.89 12.78 5.21
N PRO A 62 -3.66 13.10 5.64
CA PRO A 62 -2.45 12.50 5.09
C PRO A 62 -2.31 11.03 5.47
N VAL A 63 -2.20 10.16 4.46
CA VAL A 63 -2.05 8.74 4.70
C VAL A 63 -1.00 8.13 3.77
N ARG A 64 -0.77 6.83 3.91
CA ARG A 64 0.21 6.14 3.08
C ARG A 64 -0.35 5.86 1.69
N VAL A 65 0.45 6.13 0.67
CA VAL A 65 0.04 5.91 -0.71
C VAL A 65 1.20 5.43 -1.57
N CYS A 66 0.92 4.42 -2.40
CA CYS A 66 1.95 3.85 -3.27
C CYS A 66 2.35 4.84 -4.36
N GLN A 67 3.60 4.77 -4.79
CA GLN A 67 4.10 5.66 -5.83
C GLN A 67 3.19 5.63 -7.04
N ASN A 68 2.54 4.51 -7.28
CA ASN A 68 1.63 4.36 -8.41
C ASN A 68 0.39 5.23 -8.23
N CYS A 69 -0.05 5.38 -6.98
CA CYS A 69 -1.23 6.19 -6.68
C CYS A 69 -0.84 7.64 -6.46
N TYR A 70 0.16 7.87 -5.61
CA TYR A 70 0.63 9.21 -5.31
C TYR A 70 0.87 10.00 -6.59
N TYR A 71 1.36 9.31 -7.61
CA TYR A 71 1.64 9.95 -8.90
C TYR A 71 0.37 10.54 -9.50
N ASN A 72 -0.73 9.82 -9.38
CA ASN A 72 -2.02 10.27 -9.90
C ASN A 72 -2.70 11.22 -8.94
N LEU A 73 -2.38 11.08 -7.65
CA LEU A 73 -2.97 11.93 -6.62
C LEU A 73 -2.54 13.38 -6.80
N GLN A 74 -1.33 13.58 -7.32
CA GLN A 74 -0.80 14.92 -7.54
C GLN A 74 -1.27 15.47 -8.89
N HIS A 75 -1.51 14.58 -9.83
CA HIS A 75 -1.95 14.97 -11.16
C HIS A 75 -3.48 14.97 -11.25
N GLU A 76 -4.12 14.90 -10.09
CA GLU A 76 -5.58 14.89 -10.04
C GLU A 76 -6.16 16.26 -10.40
N ARG A 77 -5.36 17.30 -10.17
CA ARG A 77 -5.79 18.65 -10.48
C ARG A 77 -5.68 18.94 -11.96
N GLY A 78 -4.72 18.29 -12.62
CA GLY A 78 -4.53 18.49 -14.04
C GLY A 78 -4.27 17.19 -14.78
N SER A 1 -14.32 -28.69 -25.68
CA SER A 1 -13.61 -29.63 -24.82
C SER A 1 -13.26 -28.99 -23.48
N ASN A 2 -14.16 -28.14 -22.98
CA ASN A 2 -13.94 -27.46 -21.71
C ASN A 2 -14.61 -28.21 -20.56
N ALA A 3 -14.51 -27.66 -19.36
CA ALA A 3 -15.11 -28.28 -18.19
C ALA A 3 -15.40 -27.23 -17.11
N GLY A 4 -14.34 -26.69 -16.52
CA GLY A 4 -14.50 -25.69 -15.49
C GLY A 4 -14.67 -26.31 -14.11
N ARG A 5 -14.56 -25.49 -13.08
CA ARG A 5 -14.71 -25.95 -11.71
C ARG A 5 -14.54 -24.81 -10.71
N SER A 6 -14.98 -25.03 -9.48
CA SER A 6 -14.89 -24.01 -8.43
C SER A 6 -15.70 -22.78 -8.81
N ALA A 7 -15.70 -21.78 -7.93
CA ALA A 7 -16.43 -20.55 -8.16
C ALA A 7 -15.97 -19.87 -9.43
N ALA A 8 -14.68 -19.99 -9.74
CA ALA A 8 -14.11 -19.38 -10.94
C ALA A 8 -14.28 -17.87 -10.92
N ASP A 9 -14.36 -17.30 -9.72
CA ASP A 9 -14.51 -15.86 -9.57
C ASP A 9 -14.11 -15.41 -8.17
N HIS A 10 -13.19 -16.16 -7.55
CA HIS A 10 -12.73 -15.85 -6.21
C HIS A 10 -11.60 -16.79 -5.80
N TRP A 11 -10.40 -16.52 -6.29
CA TRP A 11 -9.24 -17.35 -5.97
C TRP A 11 -8.29 -16.61 -5.02
N VAL A 12 -8.85 -15.72 -4.21
CA VAL A 12 -8.06 -14.95 -3.26
C VAL A 12 -8.95 -14.08 -2.38
N LYS A 13 -8.41 -13.66 -1.23
CA LYS A 13 -9.16 -12.83 -0.30
C LYS A 13 -8.24 -12.28 0.79
N ASP A 14 -6.97 -12.09 0.45
CA ASP A 14 -5.99 -11.57 1.40
C ASP A 14 -4.64 -11.37 0.73
N GLU A 15 -4.28 -10.11 0.49
CA GLU A 15 -3.01 -9.77 -0.15
C GLU A 15 -1.84 -10.27 0.70
N GLY A 16 -2.10 -10.52 1.98
CA GLY A 16 -1.06 -10.98 2.87
C GLY A 16 -1.38 -10.73 4.32
N GLY A 17 -0.72 -9.72 4.90
CA GLY A 17 -0.95 -9.39 6.30
C GLY A 17 0.15 -8.52 6.87
N ASP A 18 1.40 -8.84 6.55
CA ASP A 18 2.54 -8.10 7.04
C ASP A 18 3.73 -8.22 6.09
N SER A 19 3.45 -8.13 4.79
CA SER A 19 4.49 -8.23 3.77
C SER A 19 4.18 -7.33 2.58
N CYS A 20 5.20 -6.65 2.09
CA CYS A 20 5.05 -5.74 0.95
C CYS A 20 4.34 -6.44 -0.20
N SER A 21 3.69 -5.66 -1.06
CA SER A 21 2.97 -6.20 -2.20
C SER A 21 3.79 -6.05 -3.48
N GLY A 22 4.60 -5.00 -3.54
CA GLY A 22 5.42 -4.76 -4.70
C GLY A 22 6.83 -5.29 -4.54
N CYS A 23 7.13 -5.84 -3.37
CA CYS A 23 8.45 -6.39 -3.09
C CYS A 23 8.33 -7.73 -2.36
N SER A 24 7.24 -7.90 -1.61
CA SER A 24 7.02 -9.14 -0.87
C SER A 24 7.97 -9.23 0.32
N VAL A 25 8.67 -8.14 0.61
CA VAL A 25 9.61 -8.10 1.71
C VAL A 25 8.89 -8.11 3.05
N ARG A 26 9.15 -9.13 3.86
CA ARG A 26 8.53 -9.25 5.17
C ARG A 26 8.90 -8.07 6.07
N PHE A 27 7.93 -7.21 6.35
CA PHE A 27 8.15 -6.05 7.20
C PHE A 27 8.74 -6.46 8.55
N SER A 28 9.62 -5.63 9.08
CA SER A 28 10.26 -5.90 10.36
C SER A 28 10.68 -4.61 11.04
N LEU A 29 11.50 -4.74 12.08
CA LEU A 29 11.98 -3.58 12.84
C LEU A 29 12.83 -2.67 11.94
N THR A 30 13.24 -3.20 10.79
CA THR A 30 14.06 -2.43 9.86
C THR A 30 13.25 -2.06 8.61
N GLU A 31 12.10 -2.68 8.45
CA GLU A 31 11.24 -2.42 7.30
C GLU A 31 9.83 -2.04 7.76
N ARG A 32 9.49 -0.76 7.59
CA ARG A 32 8.17 -0.26 7.98
C ARG A 32 7.10 -0.71 6.98
N ARG A 33 5.84 -0.67 7.41
CA ARG A 33 4.73 -1.07 6.56
C ARG A 33 3.64 0.00 6.56
N HIS A 34 2.77 -0.05 5.55
CA HIS A 34 1.68 0.90 5.44
C HIS A 34 0.63 0.42 4.45
N HIS A 35 -0.61 0.30 4.90
CA HIS A 35 -1.71 -0.16 4.06
C HIS A 35 -2.30 1.01 3.27
N CYS A 36 -2.09 0.98 1.95
CA CYS A 36 -2.60 2.04 1.08
C CYS A 36 -4.12 2.18 1.23
N ARG A 37 -4.55 3.37 1.64
CA ARG A 37 -5.97 3.64 1.82
C ARG A 37 -6.69 3.77 0.47
N ASN A 38 -5.92 3.63 -0.61
CA ASN A 38 -6.48 3.73 -1.96
C ASN A 38 -6.79 2.36 -2.52
N CYS A 39 -5.82 1.46 -2.46
CA CYS A 39 -5.98 0.10 -2.96
C CYS A 39 -6.16 -0.88 -1.82
N GLY A 40 -5.44 -0.66 -0.72
CA GLY A 40 -5.53 -1.53 0.43
C GLY A 40 -4.44 -2.58 0.45
N GLN A 41 -3.31 -2.27 -0.16
CA GLN A 41 -2.18 -3.19 -0.22
C GLN A 41 -1.02 -2.69 0.63
N LEU A 42 -0.35 -3.60 1.32
CA LEU A 42 0.78 -3.25 2.17
C LEU A 42 2.04 -3.01 1.32
N PHE A 43 2.71 -1.89 1.57
CA PHE A 43 3.92 -1.55 0.84
C PHE A 43 5.02 -1.11 1.79
N CYS A 44 6.27 -1.22 1.35
CA CYS A 44 7.42 -0.84 2.16
C CYS A 44 7.76 0.64 1.95
N GLN A 45 8.50 1.21 2.90
CA GLN A 45 8.89 2.60 2.83
C GLN A 45 9.64 2.90 1.54
N LYS A 46 10.21 1.85 0.94
CA LYS A 46 10.94 1.99 -0.31
C LYS A 46 10.02 1.82 -1.52
N CYS A 47 8.84 1.26 -1.28
CA CYS A 47 7.87 1.05 -2.34
C CYS A 47 7.09 2.33 -2.63
N SER A 48 6.52 2.92 -1.58
CA SER A 48 5.75 4.15 -1.72
C SER A 48 6.61 5.37 -1.40
N ARG A 49 7.45 5.24 -0.38
CA ARG A 49 8.32 6.34 0.03
C ARG A 49 7.62 7.68 -0.12
N PHE A 50 6.30 7.67 0.02
CA PHE A 50 5.51 8.89 -0.11
C PHE A 50 4.38 8.91 0.93
N GLN A 51 3.70 10.04 1.02
CA GLN A 51 2.60 10.20 1.96
C GLN A 51 1.70 11.37 1.57
N SER A 52 0.39 11.11 1.51
CA SER A 52 -0.57 12.13 1.14
C SER A 52 -2.00 11.62 1.28
N GLU A 53 -2.97 12.50 1.06
CA GLU A 53 -4.37 12.13 1.17
C GLU A 53 -4.86 11.47 -0.13
N ILE A 54 -6.11 11.03 -0.13
CA ILE A 54 -6.70 10.38 -1.29
C ILE A 54 -8.11 10.90 -1.56
N LYS A 55 -8.20 12.01 -2.27
CA LYS A 55 -9.49 12.60 -2.60
C LYS A 55 -10.40 11.60 -3.31
N ARG A 56 -9.78 10.75 -4.13
CA ARG A 56 -10.53 9.74 -4.87
C ARG A 56 -11.23 8.78 -3.92
N LEU A 57 -10.79 8.75 -2.67
CA LEU A 57 -11.37 7.87 -1.67
C LEU A 57 -12.08 8.68 -0.59
N LYS A 58 -12.37 9.95 -0.89
CA LYS A 58 -13.06 10.82 0.04
C LYS A 58 -12.18 11.12 1.26
N ILE A 59 -10.87 11.01 1.07
CA ILE A 59 -9.92 11.27 2.14
C ILE A 59 -9.16 12.57 1.92
N SER A 60 -9.33 13.52 2.82
CA SER A 60 -8.66 14.81 2.73
C SER A 60 -7.40 14.85 3.59
N SER A 61 -7.38 14.00 4.62
CA SER A 61 -6.25 13.94 5.53
C SER A 61 -5.10 13.14 4.92
N PRO A 62 -3.87 13.44 5.35
CA PRO A 62 -2.66 12.76 4.86
C PRO A 62 -2.58 11.32 5.36
N VAL A 63 -2.50 10.38 4.41
CA VAL A 63 -2.41 8.97 4.75
C VAL A 63 -1.38 8.27 3.88
N ARG A 64 -1.21 6.96 4.10
CA ARG A 64 -0.24 6.17 3.35
C ARG A 64 -0.78 5.86 1.96
N VAL A 65 0.05 6.09 0.95
CA VAL A 65 -0.34 5.82 -0.44
C VAL A 65 0.86 5.39 -1.27
N CYS A 66 0.67 4.37 -2.09
CA CYS A 66 1.73 3.86 -2.95
C CYS A 66 2.15 4.90 -3.98
N GLN A 67 3.34 4.72 -4.54
CA GLN A 67 3.86 5.64 -5.54
C GLN A 67 2.88 5.80 -6.70
N ASN A 68 2.32 4.68 -7.16
CA ASN A 68 1.37 4.69 -8.27
C ASN A 68 0.23 5.66 -7.99
N CYS A 69 -0.32 5.59 -6.78
CA CYS A 69 -1.43 6.46 -6.39
C CYS A 69 -0.93 7.89 -6.18
N TYR A 70 0.11 8.04 -5.37
CA TYR A 70 0.67 9.35 -5.08
C TYR A 70 0.90 10.14 -6.36
N TYR A 71 1.53 9.50 -7.34
CA TYR A 71 1.83 10.14 -8.62
C TYR A 71 0.55 10.76 -9.21
N ASN A 72 -0.57 10.07 -9.03
CA ASN A 72 -1.84 10.56 -9.55
C ASN A 72 -2.49 11.53 -8.58
N LEU A 73 -2.10 11.45 -7.30
CA LEU A 73 -2.64 12.32 -6.28
C LEU A 73 -1.99 13.70 -6.33
N GLN A 74 -0.73 13.74 -6.77
CA GLN A 74 0.00 14.99 -6.87
C GLN A 74 -0.30 15.69 -8.19
N HIS A 75 -0.76 14.92 -9.17
CA HIS A 75 -1.09 15.48 -10.48
C HIS A 75 -2.26 16.45 -10.38
N GLU A 76 -3.09 16.26 -9.35
CA GLU A 76 -4.24 17.12 -9.14
C GLU A 76 -3.82 18.50 -8.66
N ARG A 77 -2.65 18.57 -8.02
CA ARG A 77 -2.13 19.83 -7.51
C ARG A 77 -0.89 20.26 -8.29
N GLY A 78 -0.88 19.97 -9.59
CA GLY A 78 0.25 20.34 -10.42
C GLY A 78 -0.14 20.48 -11.88
N SER A 1 -18.45 9.34 -14.01
CA SER A 1 -18.38 8.20 -14.91
C SER A 1 -19.59 8.17 -15.84
N ASN A 2 -19.36 7.88 -17.11
CA ASN A 2 -20.43 7.81 -18.09
C ASN A 2 -20.31 6.55 -18.95
N ALA A 3 -19.11 6.31 -19.47
CA ALA A 3 -18.87 5.14 -20.31
C ALA A 3 -18.68 3.89 -19.45
N GLY A 4 -18.38 2.77 -20.11
CA GLY A 4 -18.20 1.52 -19.39
C GLY A 4 -17.20 1.65 -18.25
N ARG A 5 -17.30 0.75 -17.29
CA ARG A 5 -16.41 0.77 -16.13
C ARG A 5 -16.10 -0.65 -15.66
N SER A 6 -15.06 -0.78 -14.85
CA SER A 6 -14.66 -2.09 -14.33
C SER A 6 -15.10 -2.25 -12.87
N ALA A 7 -14.67 -3.34 -12.25
CA ALA A 7 -15.01 -3.61 -10.86
C ALA A 7 -13.91 -3.14 -9.92
N ALA A 8 -13.14 -2.15 -10.36
CA ALA A 8 -12.05 -1.60 -9.56
C ALA A 8 -11.00 -2.67 -9.28
N ASP A 9 -10.77 -3.54 -10.24
CA ASP A 9 -9.78 -4.61 -10.10
C ASP A 9 -10.15 -5.54 -8.96
N HIS A 10 -10.80 -6.66 -9.29
CA HIS A 10 -11.21 -7.63 -8.29
C HIS A 10 -10.90 -9.05 -8.75
N TRP A 11 -9.71 -9.53 -8.42
CA TRP A 11 -9.27 -10.87 -8.80
C TRP A 11 -8.43 -11.49 -7.71
N VAL A 12 -8.64 -11.07 -6.47
CA VAL A 12 -7.89 -11.60 -5.33
C VAL A 12 -8.42 -11.03 -4.02
N LYS A 13 -8.03 -11.66 -2.92
CA LYS A 13 -8.46 -11.22 -1.59
C LYS A 13 -7.45 -11.63 -0.52
N ASP A 14 -6.19 -11.72 -0.92
CA ASP A 14 -5.11 -12.10 0.00
C ASP A 14 -4.05 -11.01 0.07
N GLU A 15 -4.35 -9.95 0.82
CA GLU A 15 -3.43 -8.83 0.97
C GLU A 15 -2.13 -9.30 1.64
N GLY A 16 -2.20 -10.42 2.33
CA GLY A 16 -1.03 -10.95 3.01
C GLY A 16 -1.19 -11.00 4.51
N GLY A 17 -0.90 -9.87 5.16
CA GLY A 17 -1.02 -9.81 6.61
C GLY A 17 0.07 -8.95 7.24
N ASP A 18 1.22 -8.91 6.59
CA ASP A 18 2.35 -8.13 7.10
C ASP A 18 3.55 -8.23 6.16
N SER A 19 3.29 -8.15 4.86
CA SER A 19 4.35 -8.24 3.86
C SER A 19 4.03 -7.37 2.66
N CYS A 20 5.04 -6.68 2.15
CA CYS A 20 4.87 -5.80 1.00
C CYS A 20 4.15 -6.53 -0.13
N SER A 21 3.50 -5.76 -0.99
CA SER A 21 2.76 -6.34 -2.12
C SER A 21 3.57 -6.23 -3.41
N GLY A 22 4.40 -5.19 -3.50
CA GLY A 22 5.22 -5.00 -4.67
C GLY A 22 6.63 -5.53 -4.50
N CYS A 23 6.94 -5.99 -3.29
CA CYS A 23 8.26 -6.54 -2.99
C CYS A 23 8.15 -7.86 -2.25
N SER A 24 7.04 -8.05 -1.53
CA SER A 24 6.81 -9.27 -0.78
C SER A 24 7.76 -9.36 0.41
N VAL A 25 8.45 -8.25 0.70
CA VAL A 25 9.38 -8.21 1.82
C VAL A 25 8.65 -8.17 3.15
N ARG A 26 8.99 -9.11 4.04
CA ARG A 26 8.36 -9.18 5.34
C ARG A 26 8.71 -7.97 6.19
N PHE A 27 7.71 -7.14 6.46
CA PHE A 27 7.91 -5.93 7.26
C PHE A 27 8.59 -6.27 8.58
N SER A 28 9.58 -5.46 8.96
CA SER A 28 10.32 -5.67 10.20
C SER A 28 10.74 -4.34 10.81
N LEU A 29 11.56 -4.42 11.86
CA LEU A 29 12.04 -3.21 12.53
C LEU A 29 12.82 -2.32 11.57
N THR A 30 13.27 -2.90 10.46
CA THR A 30 14.02 -2.16 9.46
C THR A 30 13.15 -1.78 8.28
N GLU A 31 12.07 -2.52 8.09
CA GLU A 31 11.14 -2.27 6.99
C GLU A 31 9.77 -1.85 7.52
N ARG A 32 9.44 -0.58 7.36
CA ARG A 32 8.14 -0.06 7.81
C ARG A 32 7.01 -0.56 6.93
N ARG A 33 5.81 -0.62 7.49
CA ARG A 33 4.64 -1.07 6.74
C ARG A 33 3.58 0.03 6.67
N HIS A 34 2.72 -0.05 5.65
CA HIS A 34 1.67 0.94 5.47
C HIS A 34 0.62 0.44 4.47
N HIS A 35 -0.63 0.42 4.89
CA HIS A 35 -1.73 -0.03 4.04
C HIS A 35 -2.29 1.13 3.23
N CYS A 36 -2.28 0.98 1.91
CA CYS A 36 -2.80 2.02 1.02
C CYS A 36 -4.31 2.14 1.15
N ARG A 37 -4.77 3.34 1.52
CA ARG A 37 -6.20 3.58 1.67
C ARG A 37 -6.88 3.77 0.33
N ASN A 38 -6.11 3.62 -0.75
CA ASN A 38 -6.63 3.78 -2.09
C ASN A 38 -6.90 2.43 -2.74
N CYS A 39 -5.96 1.50 -2.56
CA CYS A 39 -6.10 0.16 -3.11
C CYS A 39 -6.39 -0.87 -2.02
N GLY A 40 -5.76 -0.68 -0.86
CA GLY A 40 -5.97 -1.59 0.26
C GLY A 40 -4.87 -2.63 0.36
N GLN A 41 -3.68 -2.29 -0.14
CA GLN A 41 -2.54 -3.20 -0.10
C GLN A 41 -1.45 -2.66 0.81
N LEU A 42 -0.61 -3.56 1.32
CA LEU A 42 0.47 -3.18 2.21
C LEU A 42 1.80 -3.09 1.44
N PHE A 43 2.44 -1.94 1.51
CA PHE A 43 3.71 -1.72 0.83
C PHE A 43 4.79 -1.27 1.81
N CYS A 44 6.04 -1.29 1.36
CA CYS A 44 7.16 -0.89 2.20
C CYS A 44 7.53 0.57 1.94
N GLN A 45 8.22 1.18 2.90
CA GLN A 45 8.65 2.57 2.77
C GLN A 45 9.47 2.77 1.51
N LYS A 46 10.01 1.68 0.97
CA LYS A 46 10.82 1.75 -0.24
C LYS A 46 9.95 1.58 -1.48
N CYS A 47 8.73 1.09 -1.28
CA CYS A 47 7.80 0.88 -2.39
C CYS A 47 7.00 2.15 -2.67
N SER A 48 6.41 2.72 -1.64
CA SER A 48 5.62 3.94 -1.78
C SER A 48 6.46 5.18 -1.46
N ARG A 49 7.28 5.07 -0.42
CA ARG A 49 8.13 6.18 0.00
C ARG A 49 7.38 7.51 -0.10
N PHE A 50 6.06 7.44 -0.10
CA PHE A 50 5.23 8.63 -0.19
C PHE A 50 4.02 8.52 0.72
N GLN A 51 3.30 9.63 0.88
CA GLN A 51 2.12 9.67 1.73
C GLN A 51 1.31 10.94 1.49
N SER A 52 0.01 10.78 1.34
CA SER A 52 -0.88 11.92 1.10
C SER A 52 -2.34 11.50 1.16
N GLU A 53 -3.24 12.49 1.17
CA GLU A 53 -4.66 12.22 1.23
C GLU A 53 -5.16 11.62 -0.09
N ILE A 54 -6.41 11.14 -0.09
CA ILE A 54 -7.00 10.56 -1.28
C ILE A 54 -8.38 11.14 -1.55
N LYS A 55 -8.41 12.35 -2.10
CA LYS A 55 -9.67 13.02 -2.41
C LYS A 55 -10.55 12.14 -3.29
N ARG A 56 -9.91 11.33 -4.13
CA ARG A 56 -10.64 10.44 -5.03
C ARG A 56 -11.57 9.51 -4.24
N LEU A 57 -11.24 9.28 -2.98
CA LEU A 57 -12.04 8.42 -2.12
C LEU A 57 -12.72 9.23 -1.02
N LYS A 58 -12.80 10.54 -1.22
CA LYS A 58 -13.42 11.42 -0.24
C LYS A 58 -12.56 11.55 1.02
N ILE A 59 -11.26 11.34 0.86
CA ILE A 59 -10.33 11.43 1.97
C ILE A 59 -9.56 12.75 1.94
N SER A 60 -9.87 13.63 2.88
CA SER A 60 -9.22 14.93 2.97
C SER A 60 -7.96 14.86 3.82
N SER A 61 -7.92 13.85 4.71
CA SER A 61 -6.78 13.67 5.60
C SER A 61 -5.66 12.92 4.89
N PRO A 62 -4.41 13.30 5.21
CA PRO A 62 -3.21 12.68 4.61
C PRO A 62 -3.02 11.25 5.10
N VAL A 63 -2.97 10.31 4.16
CA VAL A 63 -2.78 8.90 4.49
C VAL A 63 -1.68 8.28 3.62
N ARG A 64 -1.39 7.01 3.87
CA ARG A 64 -0.37 6.30 3.12
C ARG A 64 -0.91 5.85 1.76
N VAL A 65 -0.18 6.21 0.71
CA VAL A 65 -0.58 5.85 -0.65
C VAL A 65 0.61 5.42 -1.48
N CYS A 66 0.46 4.32 -2.21
CA CYS A 66 1.54 3.81 -3.06
C CYS A 66 1.95 4.84 -4.10
N GLN A 67 3.17 4.71 -4.60
CA GLN A 67 3.69 5.64 -5.60
C GLN A 67 2.70 5.80 -6.76
N ASN A 68 2.19 4.67 -7.26
CA ASN A 68 1.25 4.69 -8.36
C ASN A 68 0.07 5.61 -8.05
N CYS A 69 -0.28 5.70 -6.77
CA CYS A 69 -1.38 6.56 -6.34
C CYS A 69 -0.91 7.99 -6.08
N TYR A 70 0.16 8.12 -5.30
CA TYR A 70 0.71 9.43 -4.98
C TYR A 70 0.93 10.25 -6.25
N TYR A 71 1.60 9.66 -7.22
CA TYR A 71 1.87 10.35 -8.48
C TYR A 71 0.59 10.91 -9.09
N ASN A 72 -0.51 10.20 -8.89
CA ASN A 72 -1.80 10.63 -9.41
C ASN A 72 -2.49 11.60 -8.45
N LEU A 73 -2.11 11.52 -7.18
CA LEU A 73 -2.68 12.38 -6.16
C LEU A 73 -2.05 13.77 -6.21
N GLN A 74 -0.83 13.84 -6.71
CA GLN A 74 -0.11 15.11 -6.82
C GLN A 74 -0.48 15.83 -8.10
N HIS A 75 -0.76 15.07 -9.16
CA HIS A 75 -1.12 15.64 -10.45
C HIS A 75 -2.58 16.10 -10.44
N GLU A 76 -3.40 15.44 -9.63
CA GLU A 76 -4.82 15.78 -9.54
C GLU A 76 -5.02 16.99 -8.62
N ARG A 77 -4.10 17.19 -7.69
CA ARG A 77 -4.18 18.29 -6.75
C ARG A 77 -2.86 19.05 -6.68
N GLY A 78 -2.44 19.60 -7.82
CA GLY A 78 -1.19 20.35 -7.87
C GLY A 78 -0.49 20.19 -9.20
N SER A 1 -6.87 -27.84 20.98
CA SER A 1 -6.93 -26.38 20.85
C SER A 1 -6.41 -25.71 22.11
N ASN A 2 -5.73 -24.58 21.94
CA ASN A 2 -5.18 -23.84 23.07
C ASN A 2 -5.09 -22.35 22.73
N ALA A 3 -4.54 -21.58 23.67
CA ALA A 3 -4.37 -20.14 23.48
C ALA A 3 -5.72 -19.47 23.23
N GLY A 4 -5.70 -18.14 23.14
CA GLY A 4 -6.93 -17.40 22.90
C GLY A 4 -7.42 -17.53 21.48
N ARG A 5 -7.55 -16.40 20.79
CA ARG A 5 -8.01 -16.39 19.41
C ARG A 5 -7.93 -14.99 18.82
N SER A 6 -8.21 -13.98 19.63
CA SER A 6 -8.18 -12.60 19.20
C SER A 6 -6.76 -12.20 18.77
N ALA A 7 -6.68 -11.18 17.92
CA ALA A 7 -5.38 -10.69 17.44
C ALA A 7 -5.40 -9.18 17.25
N ALA A 8 -5.99 -8.73 16.16
CA ALA A 8 -6.07 -7.31 15.86
C ALA A 8 -7.36 -6.98 15.11
N ASP A 9 -8.48 -7.47 15.62
CA ASP A 9 -9.77 -7.23 15.00
C ASP A 9 -9.86 -7.92 13.63
N HIS A 10 -9.28 -9.11 13.55
CA HIS A 10 -9.29 -9.87 12.30
C HIS A 10 -10.72 -10.16 11.85
N TRP A 11 -11.23 -9.34 10.95
CA TRP A 11 -12.59 -9.50 10.44
C TRP A 11 -12.60 -9.51 8.91
N VAL A 12 -11.48 -9.92 8.31
CA VAL A 12 -11.37 -9.98 6.86
C VAL A 12 -10.03 -10.58 6.44
N LYS A 13 -9.95 -10.98 5.18
CA LYS A 13 -8.72 -11.57 4.65
C LYS A 13 -8.31 -10.90 3.34
N ASP A 14 -8.79 -9.68 3.14
CA ASP A 14 -8.48 -8.93 1.93
C ASP A 14 -7.55 -7.75 2.25
N GLU A 15 -6.84 -7.86 3.36
CA GLU A 15 -5.92 -6.80 3.78
C GLU A 15 -4.47 -7.23 3.57
N GLY A 16 -4.26 -8.53 3.43
CA GLY A 16 -2.91 -9.06 3.23
C GLY A 16 -2.37 -9.75 4.46
N GLY A 17 -1.82 -8.97 5.39
CA GLY A 17 -1.28 -9.54 6.60
C GLY A 17 -0.13 -8.71 7.16
N ASP A 18 1.01 -8.74 6.49
CA ASP A 18 2.18 -8.00 6.92
C ASP A 18 3.36 -8.21 5.97
N SER A 19 3.14 -7.89 4.70
CA SER A 19 4.17 -8.05 3.68
C SER A 19 3.92 -7.13 2.49
N CYS A 20 4.98 -6.50 2.01
CA CYS A 20 4.87 -5.58 0.87
C CYS A 20 4.16 -6.26 -0.30
N SER A 21 3.56 -5.45 -1.16
CA SER A 21 2.84 -5.96 -2.33
C SER A 21 3.70 -5.86 -3.58
N GLY A 22 4.56 -4.84 -3.62
CA GLY A 22 5.42 -4.64 -4.77
C GLY A 22 6.81 -5.22 -4.57
N CYS A 23 7.06 -5.76 -3.37
CA CYS A 23 8.35 -6.35 -3.05
C CYS A 23 8.17 -7.68 -2.32
N SER A 24 7.05 -7.82 -1.61
CA SER A 24 6.76 -9.04 -0.87
C SER A 24 7.68 -9.17 0.34
N VAL A 25 8.41 -8.10 0.64
CA VAL A 25 9.33 -8.09 1.77
C VAL A 25 8.57 -8.05 3.09
N ARG A 26 8.71 -9.11 3.88
CA ARG A 26 8.04 -9.21 5.17
C ARG A 26 8.45 -8.04 6.08
N PHE A 27 7.50 -7.15 6.35
CA PHE A 27 7.76 -6.00 7.20
C PHE A 27 8.36 -6.43 8.53
N SER A 28 9.44 -5.75 8.93
CA SER A 28 10.11 -6.07 10.19
C SER A 28 10.57 -4.80 10.90
N LEU A 29 11.35 -4.96 11.96
CA LEU A 29 11.86 -3.83 12.73
C LEU A 29 12.72 -2.92 11.85
N THR A 30 13.15 -3.44 10.71
CA THR A 30 13.98 -2.67 9.78
C THR A 30 13.17 -2.22 8.57
N GLU A 31 12.01 -2.84 8.37
CA GLU A 31 11.15 -2.50 7.25
C GLU A 31 9.74 -2.14 7.73
N ARG A 32 9.40 -0.87 7.64
CA ARG A 32 8.09 -0.39 8.07
C ARG A 32 7.01 -0.84 7.09
N ARG A 33 5.76 -0.72 7.51
CA ARG A 33 4.63 -1.11 6.68
C ARG A 33 3.67 0.06 6.45
N HIS A 34 3.03 0.07 5.29
CA HIS A 34 2.09 1.14 4.94
C HIS A 34 0.95 0.60 4.08
N HIS A 35 -0.28 0.78 4.55
CA HIS A 35 -1.45 0.32 3.82
C HIS A 35 -2.07 1.46 3.01
N CYS A 36 -2.08 1.31 1.69
CA CYS A 36 -2.64 2.32 0.81
C CYS A 36 -4.17 2.37 0.93
N ARG A 37 -4.69 3.54 1.27
CA ARG A 37 -6.13 3.71 1.43
C ARG A 37 -6.79 3.89 0.07
N ASN A 38 -6.00 3.82 -1.00
CA ASN A 38 -6.51 3.99 -2.35
C ASN A 38 -6.88 2.63 -2.96
N CYS A 39 -6.04 1.63 -2.71
CA CYS A 39 -6.27 0.29 -3.23
C CYS A 39 -6.46 -0.71 -2.09
N GLY A 40 -5.73 -0.51 -1.00
CA GLY A 40 -5.83 -1.39 0.14
C GLY A 40 -4.69 -2.39 0.20
N GLN A 41 -3.57 -2.05 -0.42
CA GLN A 41 -2.40 -2.92 -0.43
C GLN A 41 -1.32 -2.39 0.50
N LEU A 42 -0.52 -3.30 1.04
CA LEU A 42 0.55 -2.93 1.95
C LEU A 42 1.89 -2.82 1.21
N PHE A 43 2.54 -1.68 1.36
CA PHE A 43 3.82 -1.44 0.70
C PHE A 43 4.88 -1.00 1.70
N CYS A 44 6.14 -1.11 1.31
CA CYS A 44 7.25 -0.73 2.18
C CYS A 44 7.63 0.73 1.98
N GLN A 45 8.31 1.30 2.97
CA GLN A 45 8.73 2.70 2.90
C GLN A 45 9.55 2.96 1.64
N LYS A 46 10.16 1.90 1.11
CA LYS A 46 10.97 2.02 -0.09
C LYS A 46 10.11 1.86 -1.35
N CYS A 47 8.90 1.35 -1.18
CA CYS A 47 7.99 1.15 -2.29
C CYS A 47 7.23 2.44 -2.61
N SER A 48 6.62 3.04 -1.60
CA SER A 48 5.87 4.27 -1.77
C SER A 48 6.72 5.48 -1.40
N ARG A 49 7.54 5.34 -0.36
CA ARG A 49 8.41 6.42 0.09
C ARG A 49 7.72 7.77 -0.06
N PHE A 50 6.38 7.76 0.05
CA PHE A 50 5.60 8.99 -0.09
C PHE A 50 4.48 9.03 0.94
N GLN A 51 3.79 10.16 1.03
CA GLN A 51 2.70 10.32 1.97
C GLN A 51 1.78 11.47 1.55
N SER A 52 0.48 11.21 1.51
CA SER A 52 -0.49 12.21 1.13
C SER A 52 -1.92 11.69 1.27
N GLU A 53 -2.89 12.56 1.03
CA GLU A 53 -4.30 12.18 1.14
C GLU A 53 -4.80 11.57 -0.17
N ILE A 54 -6.06 11.15 -0.18
CA ILE A 54 -6.66 10.56 -1.37
C ILE A 54 -8.07 11.10 -1.59
N LYS A 55 -8.16 12.23 -2.29
CA LYS A 55 -9.44 12.85 -2.58
C LYS A 55 -10.35 11.89 -3.34
N ARG A 56 -9.76 11.11 -4.24
CA ARG A 56 -10.51 10.15 -5.03
C ARG A 56 -11.20 9.12 -4.13
N LEU A 57 -10.74 9.04 -2.89
CA LEU A 57 -11.31 8.09 -1.93
C LEU A 57 -12.03 8.83 -0.81
N LYS A 58 -12.33 10.10 -1.03
CA LYS A 58 -13.02 10.92 -0.04
C LYS A 58 -12.14 11.15 1.17
N ILE A 59 -10.83 11.08 0.98
CA ILE A 59 -9.87 11.29 2.07
C ILE A 59 -9.11 12.59 1.88
N SER A 60 -9.27 13.51 2.83
CA SER A 60 -8.60 14.81 2.78
C SER A 60 -7.37 14.81 3.67
N SER A 61 -7.34 13.90 4.65
CA SER A 61 -6.22 13.81 5.57
C SER A 61 -5.08 13.02 4.95
N PRO A 62 -3.84 13.33 5.38
CA PRO A 62 -2.63 12.66 4.88
C PRO A 62 -2.54 11.21 5.35
N VAL A 63 -2.45 10.30 4.39
CA VAL A 63 -2.36 8.88 4.69
C VAL A 63 -1.33 8.19 3.80
N ARG A 64 -1.14 6.89 4.01
CA ARG A 64 -0.18 6.12 3.23
C ARG A 64 -0.69 5.89 1.81
N VAL A 65 0.16 6.16 0.83
CA VAL A 65 -0.21 5.98 -0.58
C VAL A 65 0.99 5.53 -1.40
N CYS A 66 0.78 4.52 -2.23
CA CYS A 66 1.84 4.00 -3.08
C CYS A 66 2.25 5.02 -4.14
N GLN A 67 3.45 4.85 -4.69
CA GLN A 67 3.95 5.76 -5.71
C GLN A 67 2.98 5.85 -6.89
N ASN A 68 2.45 4.71 -7.30
CA ASN A 68 1.50 4.66 -8.41
C ASN A 68 0.32 5.59 -8.17
N CYS A 69 -0.32 5.44 -7.02
CA CYS A 69 -1.46 6.26 -6.66
C CYS A 69 -1.04 7.71 -6.40
N TYR A 70 -0.06 7.88 -5.53
CA TYR A 70 0.44 9.21 -5.19
C TYR A 70 0.77 10.00 -6.45
N TYR A 71 1.35 9.31 -7.44
CA TYR A 71 1.71 9.95 -8.70
C TYR A 71 0.52 10.67 -9.32
N ASN A 72 -0.63 9.99 -9.31
CA ASN A 72 -1.85 10.56 -9.87
C ASN A 72 -2.50 11.54 -8.89
N LEU A 73 -2.32 11.27 -7.60
CA LEU A 73 -2.88 12.13 -6.56
C LEU A 73 -2.35 13.54 -6.66
N GLN A 74 -1.10 13.66 -7.12
CA GLN A 74 -0.47 14.97 -7.27
C GLN A 74 -0.82 15.61 -8.61
N HIS A 75 -1.19 14.76 -9.58
CA HIS A 75 -1.55 15.24 -10.91
C HIS A 75 -2.94 15.86 -10.90
N GLU A 76 -3.78 15.40 -9.97
CA GLU A 76 -5.14 15.93 -9.86
C GLU A 76 -5.14 17.37 -9.36
N ARG A 77 -4.06 17.75 -8.68
CA ARG A 77 -3.94 19.11 -8.15
C ARG A 77 -3.39 20.05 -9.22
N GLY A 78 -2.63 19.51 -10.16
CA GLY A 78 -2.06 20.32 -11.22
C GLY A 78 -3.09 21.15 -11.93
N SER A 1 -26.56 -14.32 19.47
CA SER A 1 -27.61 -14.19 18.48
C SER A 1 -27.24 -13.17 17.41
N ASN A 2 -27.13 -13.62 16.17
CA ASN A 2 -26.78 -12.76 15.05
C ASN A 2 -27.42 -13.24 13.76
N ALA A 3 -27.01 -12.64 12.65
CA ALA A 3 -27.55 -13.02 11.34
C ALA A 3 -26.52 -13.82 10.54
N GLY A 4 -25.39 -13.19 10.25
CA GLY A 4 -24.35 -13.86 9.48
C GLY A 4 -23.64 -12.92 8.52
N ARG A 5 -22.32 -13.00 8.49
CA ARG A 5 -21.52 -12.15 7.61
C ARG A 5 -20.04 -12.46 7.76
N SER A 6 -19.48 -12.18 8.93
CA SER A 6 -18.07 -12.42 9.20
C SER A 6 -17.88 -13.05 10.57
N ALA A 7 -16.63 -13.14 11.01
CA ALA A 7 -16.31 -13.71 12.31
C ALA A 7 -16.06 -12.62 13.34
N ALA A 8 -16.13 -13.00 14.62
CA ALA A 8 -15.91 -12.06 15.71
C ALA A 8 -14.49 -11.50 15.68
N ASP A 9 -13.61 -12.19 14.97
CA ASP A 9 -12.21 -11.77 14.86
C ASP A 9 -11.49 -12.56 13.78
N HIS A 10 -11.16 -11.88 12.68
CA HIS A 10 -10.46 -12.53 11.57
C HIS A 10 -9.09 -11.88 11.35
N TRP A 11 -8.99 -10.60 11.66
CA TRP A 11 -7.73 -9.87 11.49
C TRP A 11 -7.08 -10.21 10.16
N VAL A 12 -7.90 -10.53 9.16
CA VAL A 12 -7.40 -10.88 7.84
C VAL A 12 -8.42 -10.53 6.76
N LYS A 13 -7.93 -10.08 5.61
CA LYS A 13 -8.81 -9.72 4.50
C LYS A 13 -8.27 -10.28 3.18
N ASP A 14 -7.60 -11.42 3.26
CA ASP A 14 -7.03 -12.06 2.08
C ASP A 14 -6.26 -11.06 1.23
N GLU A 15 -5.58 -10.13 1.90
CA GLU A 15 -4.80 -9.11 1.22
C GLU A 15 -3.30 -9.36 1.40
N GLY A 16 -2.96 -10.18 2.40
CA GLY A 16 -1.57 -10.48 2.66
C GLY A 16 -1.32 -10.88 4.10
N GLY A 17 -0.74 -9.97 4.88
CA GLY A 17 -0.46 -10.25 6.28
C GLY A 17 0.52 -9.27 6.88
N ASP A 18 1.76 -9.31 6.42
CA ASP A 18 2.80 -8.42 6.93
C ASP A 18 3.96 -8.34 5.96
N SER A 19 3.66 -8.34 4.67
CA SER A 19 4.69 -8.26 3.63
C SER A 19 4.26 -7.34 2.50
N CYS A 20 5.23 -6.63 1.94
CA CYS A 20 4.96 -5.71 0.83
C CYS A 20 4.17 -6.40 -0.28
N SER A 21 3.44 -5.61 -1.05
CA SER A 21 2.63 -6.15 -2.15
C SER A 21 3.40 -6.07 -3.47
N GLY A 22 4.24 -5.05 -3.59
CA GLY A 22 5.02 -4.88 -4.81
C GLY A 22 6.44 -5.39 -4.66
N CYS A 23 6.76 -5.89 -3.47
CA CYS A 23 8.11 -6.41 -3.21
C CYS A 23 8.03 -7.72 -2.43
N SER A 24 6.97 -7.88 -1.65
CA SER A 24 6.78 -9.09 -0.85
C SER A 24 7.81 -9.16 0.27
N VAL A 25 8.52 -8.05 0.49
CA VAL A 25 9.53 -7.98 1.54
C VAL A 25 8.88 -7.99 2.93
N ARG A 26 9.05 -9.08 3.65
CA ARG A 26 8.49 -9.22 4.99
C ARG A 26 8.86 -8.01 5.85
N PHE A 27 7.87 -7.21 6.19
CA PHE A 27 8.08 -6.02 7.01
C PHE A 27 8.79 -6.39 8.31
N SER A 28 9.56 -5.44 8.85
CA SER A 28 10.28 -5.67 10.10
C SER A 28 10.67 -4.35 10.74
N LEU A 29 11.47 -4.42 11.80
CA LEU A 29 11.92 -3.23 12.51
C LEU A 29 12.66 -2.28 11.58
N THR A 30 13.23 -2.84 10.51
CA THR A 30 13.97 -2.05 9.53
C THR A 30 13.09 -1.69 8.34
N GLU A 31 12.04 -2.47 8.12
CA GLU A 31 11.12 -2.23 7.02
C GLU A 31 9.74 -1.83 7.53
N ARG A 32 9.38 -0.57 7.33
CA ARG A 32 8.09 -0.05 7.77
C ARG A 32 6.97 -0.54 6.85
N ARG A 33 5.76 -0.62 7.40
CA ARG A 33 4.61 -1.07 6.63
C ARG A 33 3.53 0.01 6.59
N HIS A 34 2.67 -0.06 5.59
CA HIS A 34 1.60 0.91 5.42
C HIS A 34 0.56 0.42 4.43
N HIS A 35 -0.70 0.36 4.86
CA HIS A 35 -1.79 -0.10 4.00
C HIS A 35 -2.38 1.07 3.21
N CYS A 36 -2.20 1.03 1.89
CA CYS A 36 -2.71 2.08 1.02
C CYS A 36 -4.21 2.24 1.19
N ARG A 37 -4.64 3.44 1.57
CA ARG A 37 -6.05 3.73 1.76
C ARG A 37 -6.76 3.95 0.43
N ASN A 38 -6.02 3.78 -0.66
CA ASN A 38 -6.57 3.95 -2.00
C ASN A 38 -6.87 2.60 -2.64
N CYS A 39 -5.95 1.66 -2.47
CA CYS A 39 -6.11 0.33 -3.04
C CYS A 39 -6.39 -0.69 -1.95
N GLY A 40 -5.76 -0.52 -0.79
CA GLY A 40 -5.96 -1.44 0.31
C GLY A 40 -4.88 -2.50 0.38
N GLN A 41 -3.70 -2.19 -0.13
CA GLN A 41 -2.60 -3.13 -0.13
C GLN A 41 -1.45 -2.63 0.75
N LEU A 42 -0.70 -3.56 1.33
CA LEU A 42 0.42 -3.21 2.20
C LEU A 42 1.71 -3.09 1.39
N PHE A 43 2.37 -1.94 1.52
CA PHE A 43 3.62 -1.70 0.79
C PHE A 43 4.72 -1.28 1.77
N CYS A 44 5.95 -1.24 1.26
CA CYS A 44 7.10 -0.86 2.08
C CYS A 44 7.47 0.60 1.85
N GLN A 45 8.22 1.17 2.78
CA GLN A 45 8.64 2.57 2.68
C GLN A 45 9.40 2.82 1.38
N LYS A 46 9.93 1.74 0.80
CA LYS A 46 10.68 1.83 -0.46
C LYS A 46 9.75 1.73 -1.66
N CYS A 47 8.53 1.24 -1.42
CA CYS A 47 7.55 1.08 -2.48
C CYS A 47 6.78 2.37 -2.70
N SER A 48 6.26 2.95 -1.62
CA SER A 48 5.51 4.19 -1.69
C SER A 48 6.41 5.40 -1.45
N ARG A 49 7.30 5.28 -0.47
CA ARG A 49 8.22 6.35 -0.14
C ARG A 49 7.54 7.71 -0.30
N PHE A 50 6.22 7.74 -0.14
CA PHE A 50 5.45 8.97 -0.26
C PHE A 50 4.33 9.02 0.77
N GLN A 51 3.66 10.16 0.86
CA GLN A 51 2.56 10.34 1.80
C GLN A 51 1.67 11.50 1.39
N SER A 52 0.37 11.25 1.32
CA SER A 52 -0.59 12.28 0.94
C SER A 52 -2.02 11.78 1.12
N GLU A 53 -2.99 12.68 0.97
CA GLU A 53 -4.39 12.33 1.12
C GLU A 53 -4.93 11.70 -0.16
N ILE A 54 -6.18 11.25 -0.11
CA ILE A 54 -6.82 10.63 -1.27
C ILE A 54 -8.21 11.19 -1.50
N LYS A 55 -8.27 12.30 -2.23
CA LYS A 55 -9.54 12.95 -2.52
C LYS A 55 -10.42 12.04 -3.38
N ARG A 56 -9.79 11.18 -4.17
CA ARG A 56 -10.52 10.25 -5.03
C ARG A 56 -11.39 9.32 -4.21
N LEU A 57 -11.10 9.21 -2.93
CA LEU A 57 -11.85 8.35 -2.03
C LEU A 57 -12.52 9.16 -0.92
N LYS A 58 -12.62 10.46 -1.14
CA LYS A 58 -13.23 11.36 -0.16
C LYS A 58 -12.32 11.53 1.07
N ILE A 59 -11.03 11.33 0.86
CA ILE A 59 -10.05 11.47 1.94
C ILE A 59 -9.23 12.75 1.79
N SER A 60 -9.47 13.71 2.68
CA SER A 60 -8.75 14.98 2.63
C SER A 60 -7.49 14.92 3.49
N SER A 61 -7.50 14.02 4.47
CA SER A 61 -6.36 13.87 5.37
C SER A 61 -5.25 13.05 4.70
N PRO A 62 -3.99 13.41 5.01
CA PRO A 62 -2.82 12.73 4.45
C PRO A 62 -2.66 11.31 5.00
N VAL A 63 -2.61 10.34 4.09
CA VAL A 63 -2.45 8.94 4.48
C VAL A 63 -1.43 8.23 3.60
N ARG A 64 -1.21 6.95 3.87
CA ARG A 64 -0.26 6.16 3.11
C ARG A 64 -0.79 5.88 1.70
N VAL A 65 0.06 6.06 0.70
CA VAL A 65 -0.34 5.83 -0.69
C VAL A 65 0.84 5.31 -1.51
N CYS A 66 0.58 4.32 -2.34
CA CYS A 66 1.61 3.72 -3.19
C CYS A 66 2.09 4.71 -4.24
N GLN A 67 3.32 4.53 -4.71
CA GLN A 67 3.89 5.41 -5.71
C GLN A 67 2.96 5.56 -6.91
N ASN A 68 2.29 4.47 -7.27
CA ASN A 68 1.36 4.48 -8.40
C ASN A 68 0.18 5.40 -8.12
N CYS A 69 -0.17 5.55 -6.85
CA CYS A 69 -1.28 6.40 -6.45
C CYS A 69 -0.82 7.85 -6.26
N TYR A 70 0.24 8.02 -5.47
CA TYR A 70 0.78 9.34 -5.20
C TYR A 70 1.02 10.11 -6.49
N TYR A 71 1.70 9.46 -7.44
CA TYR A 71 2.01 10.08 -8.72
C TYR A 71 0.75 10.66 -9.36
N ASN A 72 -0.38 9.97 -9.16
CA ASN A 72 -1.65 10.41 -9.71
C ASN A 72 -2.33 11.43 -8.80
N LEU A 73 -1.99 11.37 -7.51
CA LEU A 73 -2.56 12.27 -6.53
C LEU A 73 -1.97 13.67 -6.66
N GLN A 74 -0.73 13.73 -7.15
CA GLN A 74 -0.04 15.00 -7.33
C GLN A 74 -0.41 15.63 -8.67
N HIS A 75 -0.79 14.78 -9.62
CA HIS A 75 -1.17 15.26 -10.96
C HIS A 75 -2.41 16.16 -10.88
N GLU A 76 -3.21 15.96 -9.85
CA GLU A 76 -4.43 16.75 -9.66
C GLU A 76 -4.10 18.12 -9.06
N ARG A 77 -2.95 18.21 -8.39
CA ARG A 77 -2.53 19.46 -7.77
C ARG A 77 -1.67 20.27 -8.74
N GLY A 78 -0.90 19.57 -9.56
CA GLY A 78 -0.04 20.24 -10.52
C GLY A 78 0.11 19.46 -11.81
N SER A 1 -28.36 -10.61 11.30
CA SER A 1 -28.47 -9.43 12.14
C SER A 1 -27.34 -8.45 11.84
N ASN A 2 -26.11 -8.91 11.99
CA ASN A 2 -24.94 -8.07 11.74
C ASN A 2 -23.76 -8.91 11.24
N ALA A 3 -23.12 -9.62 12.15
CA ALA A 3 -21.98 -10.46 11.79
C ALA A 3 -20.78 -9.62 11.38
N GLY A 4 -20.82 -9.11 10.15
CA GLY A 4 -19.73 -8.29 9.64
C GLY A 4 -20.06 -7.62 8.33
N ARG A 5 -19.42 -8.07 7.26
CA ARG A 5 -19.65 -7.51 5.93
C ARG A 5 -19.93 -8.61 4.91
N SER A 6 -20.85 -8.33 4.00
CA SER A 6 -21.22 -9.30 2.97
C SER A 6 -20.56 -8.94 1.64
N ALA A 7 -20.74 -7.71 1.21
CA ALA A 7 -20.17 -7.24 -0.05
C ALA A 7 -20.54 -8.17 -1.21
N ALA A 8 -19.92 -7.96 -2.36
CA ALA A 8 -20.19 -8.78 -3.54
C ALA A 8 -19.68 -10.21 -3.34
N ASP A 9 -18.80 -10.39 -2.37
CA ASP A 9 -18.23 -11.70 -2.08
C ASP A 9 -17.76 -11.78 -0.63
N HIS A 10 -16.66 -11.10 -0.33
CA HIS A 10 -16.10 -11.10 1.02
C HIS A 10 -15.88 -12.53 1.52
N TRP A 11 -15.37 -13.38 0.63
CA TRP A 11 -15.10 -14.78 0.99
C TRP A 11 -13.62 -15.01 1.23
N VAL A 12 -12.92 -13.96 1.66
CA VAL A 12 -11.49 -14.05 1.94
C VAL A 12 -10.97 -12.75 2.55
N LYS A 13 -9.82 -12.83 3.20
CA LYS A 13 -9.20 -11.67 3.82
C LYS A 13 -7.70 -11.86 3.97
N ASP A 14 -6.93 -11.23 3.09
CA ASP A 14 -5.47 -11.35 3.13
C ASP A 14 -4.86 -10.13 3.83
N GLU A 15 -5.65 -9.48 4.67
CA GLU A 15 -5.19 -8.30 5.39
C GLU A 15 -4.08 -8.66 6.38
N GLY A 16 -3.96 -9.96 6.65
CA GLY A 16 -2.94 -10.42 7.58
C GLY A 16 -1.75 -11.04 6.88
N GLY A 17 -0.87 -10.20 6.35
CA GLY A 17 0.31 -10.69 5.66
C GLY A 17 1.59 -10.07 6.17
N ASP A 18 1.51 -8.80 6.57
CA ASP A 18 2.68 -8.09 7.09
C ASP A 18 3.84 -8.18 6.11
N SER A 19 3.54 -8.13 4.82
CA SER A 19 4.56 -8.21 3.78
C SER A 19 4.21 -7.30 2.60
N CYS A 20 5.21 -6.60 2.09
CA CYS A 20 5.01 -5.70 0.97
C CYS A 20 4.29 -6.41 -0.18
N SER A 21 3.60 -5.63 -1.00
CA SER A 21 2.86 -6.18 -2.13
C SER A 21 3.63 -6.01 -3.43
N GLY A 22 4.44 -4.96 -3.49
CA GLY A 22 5.23 -4.69 -4.68
C GLY A 22 6.66 -5.21 -4.55
N CYS A 23 6.99 -5.74 -3.38
CA CYS A 23 8.33 -6.26 -3.14
C CYS A 23 8.26 -7.61 -2.43
N SER A 24 7.20 -7.82 -1.66
CA SER A 24 7.02 -9.06 -0.93
C SER A 24 7.99 -9.15 0.24
N VAL A 25 8.67 -8.05 0.52
CA VAL A 25 9.64 -8.00 1.61
C VAL A 25 8.94 -8.02 2.96
N ARG A 26 9.24 -9.04 3.76
CA ARG A 26 8.65 -9.17 5.08
C ARG A 26 9.03 -7.99 5.97
N PHE A 27 8.05 -7.15 6.27
CA PHE A 27 8.28 -5.97 7.11
C PHE A 27 8.93 -6.38 8.43
N SER A 28 9.92 -5.61 8.86
CA SER A 28 10.62 -5.88 10.11
C SER A 28 11.04 -4.59 10.80
N LEU A 29 11.96 -4.70 11.75
CA LEU A 29 12.45 -3.54 12.49
C LEU A 29 13.23 -2.61 11.58
N THR A 30 13.58 -3.09 10.39
CA THR A 30 14.33 -2.30 9.42
C THR A 30 13.46 -1.92 8.23
N GLU A 31 12.31 -2.58 8.11
CA GLU A 31 11.39 -2.30 7.01
C GLU A 31 10.00 -1.96 7.54
N ARG A 32 9.62 -0.69 7.40
CA ARG A 32 8.32 -0.24 7.86
C ARG A 32 7.22 -0.69 6.90
N ARG A 33 5.97 -0.61 7.37
CA ARG A 33 4.83 -1.01 6.56
C ARG A 33 3.73 0.04 6.60
N HIS A 34 2.83 0.01 5.63
CA HIS A 34 1.73 0.96 5.55
C HIS A 34 0.63 0.44 4.64
N HIS A 35 -0.58 0.37 5.18
CA HIS A 35 -1.73 -0.11 4.41
C HIS A 35 -2.33 1.01 3.57
N CYS A 36 -2.15 0.93 2.26
CA CYS A 36 -2.67 1.94 1.35
C CYS A 36 -4.19 2.05 1.48
N ARG A 37 -4.67 3.23 1.84
CA ARG A 37 -6.10 3.47 1.99
C ARG A 37 -6.77 3.65 0.62
N ASN A 38 -5.98 3.55 -0.44
CA ASN A 38 -6.49 3.70 -1.78
C ASN A 38 -6.76 2.34 -2.43
N CYS A 39 -5.80 1.44 -2.30
CA CYS A 39 -5.93 0.10 -2.87
C CYS A 39 -6.17 -0.93 -1.77
N GLY A 40 -5.51 -0.74 -0.63
CA GLY A 40 -5.66 -1.66 0.48
C GLY A 40 -4.57 -2.72 0.52
N GLN A 41 -3.40 -2.37 0.00
CA GLN A 41 -2.27 -3.30 -0.02
C GLN A 41 -1.11 -2.76 0.81
N LEU A 42 -0.43 -3.65 1.50
CA LEU A 42 0.71 -3.27 2.34
C LEU A 42 1.95 -3.03 1.48
N PHE A 43 2.62 -1.91 1.72
CA PHE A 43 3.83 -1.57 0.98
C PHE A 43 4.94 -1.12 1.92
N CYS A 44 6.17 -1.17 1.44
CA CYS A 44 7.32 -0.77 2.24
C CYS A 44 7.68 0.70 2.00
N GLN A 45 8.45 1.28 2.91
CA GLN A 45 8.85 2.68 2.79
C GLN A 45 9.58 2.92 1.47
N LYS A 46 10.13 1.85 0.90
CA LYS A 46 10.85 1.96 -0.36
C LYS A 46 9.90 1.81 -1.55
N CYS A 47 8.70 1.33 -1.28
CA CYS A 47 7.69 1.14 -2.33
C CYS A 47 6.90 2.42 -2.54
N SER A 48 6.38 2.99 -1.46
CA SER A 48 5.59 4.21 -1.53
C SER A 48 6.48 5.45 -1.31
N ARG A 49 7.38 5.35 -0.35
CA ARG A 49 8.29 6.45 -0.04
C ARG A 49 7.58 7.79 -0.19
N PHE A 50 6.27 7.79 0.00
CA PHE A 50 5.47 9.00 -0.11
C PHE A 50 4.37 9.03 0.95
N GLN A 51 3.68 10.17 1.03
CA GLN A 51 2.61 10.33 2.00
C GLN A 51 1.68 11.48 1.61
N SER A 52 0.39 11.21 1.59
CA SER A 52 -0.60 12.23 1.23
C SER A 52 -2.02 11.68 1.38
N GLU A 53 -3.00 12.55 1.18
CA GLU A 53 -4.40 12.16 1.29
C GLU A 53 -4.87 11.46 0.03
N ILE A 54 -6.16 11.11 -0.01
CA ILE A 54 -6.73 10.44 -1.17
C ILE A 54 -8.09 11.02 -1.53
N LYS A 55 -8.08 12.12 -2.27
CA LYS A 55 -9.30 12.78 -2.70
C LYS A 55 -10.16 11.84 -3.54
N ARG A 56 -9.51 10.94 -4.26
CA ARG A 56 -10.21 9.99 -5.11
C ARG A 56 -11.15 9.11 -4.29
N LEU A 57 -10.89 9.04 -2.99
CA LEU A 57 -11.72 8.24 -2.09
C LEU A 57 -12.41 9.12 -1.05
N LYS A 58 -12.48 10.41 -1.34
CA LYS A 58 -13.13 11.37 -0.44
C LYS A 58 -12.30 11.56 0.83
N ILE A 59 -10.99 11.32 0.72
CA ILE A 59 -10.10 11.47 1.86
C ILE A 59 -9.26 12.74 1.73
N SER A 60 -9.44 13.66 2.69
CA SER A 60 -8.70 14.91 2.68
C SER A 60 -7.51 14.85 3.64
N SER A 61 -7.60 13.95 4.62
CA SER A 61 -6.54 13.79 5.60
C SER A 61 -5.36 13.02 5.01
N PRO A 62 -4.15 13.32 5.51
CA PRO A 62 -2.92 12.67 5.05
C PRO A 62 -2.84 11.21 5.47
N VAL A 63 -2.71 10.32 4.50
CA VAL A 63 -2.62 8.89 4.77
C VAL A 63 -1.53 8.23 3.92
N ARG A 64 -1.37 6.92 4.08
CA ARG A 64 -0.38 6.18 3.34
C ARG A 64 -0.90 5.81 1.95
N VAL A 65 -0.09 6.11 0.93
CA VAL A 65 -0.47 5.82 -0.45
C VAL A 65 0.73 5.36 -1.26
N CYS A 66 0.54 4.32 -2.06
CA CYS A 66 1.61 3.77 -2.89
C CYS A 66 2.01 4.78 -3.97
N GLN A 67 3.23 4.64 -4.47
CA GLN A 67 3.75 5.53 -5.50
C GLN A 67 2.76 5.66 -6.65
N ASN A 68 2.21 4.53 -7.10
CA ASN A 68 1.25 4.52 -8.19
C ASN A 68 0.07 5.43 -7.88
N CYS A 69 -0.25 5.58 -6.60
CA CYS A 69 -1.35 6.42 -6.18
C CYS A 69 -0.89 7.87 -5.99
N TYR A 70 0.17 8.05 -5.21
CA TYR A 70 0.71 9.38 -4.94
C TYR A 70 0.91 10.15 -6.25
N TYR A 71 1.59 9.52 -7.20
CA TYR A 71 1.85 10.14 -8.49
C TYR A 71 0.56 10.69 -9.10
N ASN A 72 -0.54 9.98 -8.89
CA ASN A 72 -1.83 10.39 -9.42
C ASN A 72 -2.51 11.39 -8.49
N LEU A 73 -2.13 11.36 -7.21
CA LEU A 73 -2.70 12.27 -6.22
C LEU A 73 -2.14 13.68 -6.40
N GLN A 74 -0.85 13.77 -6.70
CA GLN A 74 -0.20 15.06 -6.90
C GLN A 74 -0.44 15.58 -8.30
N HIS A 75 -0.66 14.68 -9.24
CA HIS A 75 -0.89 15.05 -10.63
C HIS A 75 -2.40 15.09 -10.93
N GLU A 76 -3.20 15.06 -9.87
CA GLU A 76 -4.65 15.10 -10.02
C GLU A 76 -5.12 16.46 -10.52
N ARG A 77 -4.38 17.50 -10.16
CA ARG A 77 -4.72 18.86 -10.57
C ARG A 77 -3.99 19.24 -11.86
N GLY A 78 -2.81 18.67 -12.04
CA GLY A 78 -2.02 18.96 -13.23
C GLY A 78 -0.63 18.37 -13.18
N SER A 1 14.18 -36.34 23.57
CA SER A 1 12.77 -36.03 23.31
C SER A 1 12.35 -34.77 24.04
N ASN A 2 11.89 -33.77 23.29
CA ASN A 2 11.45 -32.51 23.86
C ASN A 2 10.18 -32.70 24.68
N ALA A 3 9.57 -31.58 25.08
CA ALA A 3 8.35 -31.62 25.87
C ALA A 3 7.32 -30.64 25.32
N GLY A 4 7.53 -29.36 25.59
CA GLY A 4 6.61 -28.33 25.12
C GLY A 4 5.30 -28.34 25.89
N ARG A 5 4.56 -27.24 25.81
CA ARG A 5 3.29 -27.12 26.49
C ARG A 5 2.40 -26.08 25.82
N SER A 6 2.74 -24.80 26.02
CA SER A 6 1.98 -23.71 25.42
C SER A 6 2.76 -22.40 25.49
N ALA A 7 2.21 -21.35 24.88
CA ALA A 7 2.86 -20.05 24.87
C ALA A 7 1.98 -19.00 25.55
N ALA A 8 0.96 -18.54 24.84
CA ALA A 8 0.05 -17.53 25.37
C ALA A 8 -1.36 -17.74 24.85
N ASP A 9 -1.83 -18.97 24.91
CA ASP A 9 -3.18 -19.31 24.43
C ASP A 9 -3.30 -19.06 22.93
N HIS A 10 -2.80 -20.00 22.14
CA HIS A 10 -2.86 -19.88 20.69
C HIS A 10 -4.29 -19.85 20.20
N TRP A 11 -4.83 -18.64 20.03
CA TRP A 11 -6.20 -18.48 19.56
C TRP A 11 -6.24 -17.69 18.25
N VAL A 12 -5.18 -17.80 17.47
CA VAL A 12 -5.09 -17.11 16.19
C VAL A 12 -3.83 -17.50 15.44
N LYS A 13 -3.83 -17.27 14.13
CA LYS A 13 -2.68 -17.59 13.30
C LYS A 13 -2.83 -16.99 11.90
N ASP A 14 -3.53 -15.87 11.82
CA ASP A 14 -3.75 -15.18 10.55
C ASP A 14 -4.50 -13.88 10.76
N GLU A 15 -3.80 -12.76 10.63
CA GLU A 15 -4.40 -11.44 10.80
C GLU A 15 -4.36 -10.65 9.50
N GLY A 16 -3.52 -11.09 8.58
CA GLY A 16 -3.39 -10.42 7.30
C GLY A 16 -2.23 -10.93 6.47
N GLY A 17 -1.11 -10.21 6.51
CA GLY A 17 0.06 -10.62 5.75
C GLY A 17 1.33 -10.01 6.30
N ASP A 18 1.33 -8.69 6.50
CA ASP A 18 2.49 -7.99 7.01
C ASP A 18 3.65 -8.04 6.02
N SER A 19 3.32 -7.95 4.73
CA SER A 19 4.34 -8.00 3.68
C SER A 19 4.00 -7.01 2.57
N CYS A 20 5.04 -6.58 1.85
CA CYS A 20 4.85 -5.63 0.75
C CYS A 20 4.12 -6.29 -0.42
N SER A 21 3.40 -5.48 -1.18
CA SER A 21 2.65 -5.98 -2.33
C SER A 21 3.50 -5.90 -3.60
N GLY A 22 4.37 -4.91 -3.67
CA GLY A 22 5.22 -4.75 -4.83
C GLY A 22 6.62 -5.28 -4.59
N CYS A 23 6.83 -5.94 -3.47
CA CYS A 23 8.13 -6.49 -3.12
C CYS A 23 7.98 -7.80 -2.33
N SER A 24 6.92 -7.87 -1.53
CA SER A 24 6.65 -9.05 -0.72
C SER A 24 7.66 -9.16 0.42
N VAL A 25 8.42 -8.09 0.63
CA VAL A 25 9.42 -8.06 1.69
C VAL A 25 8.76 -8.05 3.08
N ARG A 26 8.86 -9.16 3.79
CA ARG A 26 8.28 -9.27 5.12
C ARG A 26 8.70 -8.09 6.01
N PHE A 27 7.76 -7.20 6.28
CA PHE A 27 8.04 -6.03 7.11
C PHE A 27 8.63 -6.44 8.45
N SER A 28 9.46 -5.57 9.02
CA SER A 28 10.09 -5.84 10.29
C SER A 28 10.47 -4.55 11.00
N LEU A 29 11.28 -4.67 12.05
CA LEU A 29 11.72 -3.50 12.82
C LEU A 29 12.59 -2.58 11.97
N THR A 30 13.11 -3.13 10.88
CA THR A 30 13.96 -2.36 9.97
C THR A 30 13.20 -1.94 8.71
N GLU A 31 12.13 -2.67 8.41
CA GLU A 31 11.31 -2.36 7.24
C GLU A 31 9.93 -1.87 7.65
N ARG A 32 9.69 -0.57 7.43
CA ARG A 32 8.41 0.03 7.78
C ARG A 32 7.31 -0.42 6.82
N ARG A 33 6.08 -0.47 7.33
CA ARG A 33 4.95 -0.89 6.51
C ARG A 33 3.85 0.17 6.53
N HIS A 34 2.92 0.08 5.58
CA HIS A 34 1.82 1.02 5.49
C HIS A 34 0.72 0.50 4.57
N HIS A 35 -0.53 0.63 5.01
CA HIS A 35 -1.66 0.16 4.22
C HIS A 35 -2.24 1.29 3.38
N CYS A 36 -2.19 1.10 2.06
CA CYS A 36 -2.71 2.11 1.14
C CYS A 36 -4.22 2.22 1.23
N ARG A 37 -4.70 3.41 1.58
CA ARG A 37 -6.14 3.65 1.72
C ARG A 37 -6.79 3.82 0.35
N ASN A 38 -5.98 3.73 -0.69
CA ASN A 38 -6.48 3.88 -2.06
C ASN A 38 -6.77 2.52 -2.69
N CYS A 39 -5.81 1.59 -2.55
CA CYS A 39 -5.97 0.26 -3.10
C CYS A 39 -6.22 -0.76 -1.99
N GLY A 40 -5.55 -0.57 -0.86
CA GLY A 40 -5.71 -1.48 0.26
C GLY A 40 -4.63 -2.54 0.31
N GLN A 41 -3.46 -2.21 -0.21
CA GLN A 41 -2.33 -3.14 -0.23
C GLN A 41 -1.18 -2.61 0.61
N LEU A 42 -0.53 -3.51 1.35
CA LEU A 42 0.61 -3.13 2.19
C LEU A 42 1.87 -2.95 1.36
N PHE A 43 2.52 -1.81 1.53
CA PHE A 43 3.75 -1.51 0.78
C PHE A 43 4.86 -1.07 1.74
N CYS A 44 6.10 -1.23 1.29
CA CYS A 44 7.26 -0.84 2.10
C CYS A 44 7.63 0.61 1.85
N GLN A 45 8.35 1.20 2.80
CA GLN A 45 8.77 2.59 2.70
C GLN A 45 9.57 2.82 1.41
N LYS A 46 10.10 1.73 0.86
CA LYS A 46 10.89 1.81 -0.36
C LYS A 46 9.99 1.67 -1.60
N CYS A 47 8.77 1.21 -1.38
CA CYS A 47 7.83 1.02 -2.47
C CYS A 47 7.06 2.31 -2.75
N SER A 48 6.47 2.88 -1.71
CA SER A 48 5.70 4.11 -1.84
C SER A 48 6.57 5.33 -1.52
N ARG A 49 7.42 5.20 -0.52
CA ARG A 49 8.30 6.28 -0.11
C ARG A 49 7.61 7.62 -0.25
N PHE A 50 6.29 7.63 -0.11
CA PHE A 50 5.51 8.85 -0.22
C PHE A 50 4.38 8.87 0.81
N GLN A 51 3.70 10.02 0.92
CA GLN A 51 2.61 10.16 1.87
C GLN A 51 1.73 11.35 1.51
N SER A 52 0.43 11.13 1.45
CA SER A 52 -0.52 12.18 1.10
C SER A 52 -1.95 11.68 1.23
N GLU A 53 -2.90 12.61 1.13
CA GLU A 53 -4.32 12.26 1.24
C GLU A 53 -4.80 11.57 -0.02
N ILE A 54 -6.06 11.13 -0.01
CA ILE A 54 -6.65 10.45 -1.15
C ILE A 54 -8.05 10.96 -1.45
N LYS A 55 -8.14 12.07 -2.18
CA LYS A 55 -9.42 12.66 -2.53
C LYS A 55 -10.27 11.68 -3.34
N ARG A 56 -9.60 10.72 -3.98
CA ARG A 56 -10.30 9.72 -4.79
C ARG A 56 -11.17 8.84 -3.92
N LEU A 57 -10.78 8.66 -2.67
CA LEU A 57 -11.54 7.83 -1.73
C LEU A 57 -12.25 8.69 -0.69
N LYS A 58 -12.41 9.98 -1.00
CA LYS A 58 -13.09 10.90 -0.11
C LYS A 58 -12.24 11.17 1.14
N ILE A 59 -10.93 11.01 1.00
CA ILE A 59 -10.01 11.23 2.11
C ILE A 59 -9.27 12.56 1.95
N SER A 60 -9.66 13.54 2.76
CA SER A 60 -9.03 14.86 2.71
C SER A 60 -7.78 14.90 3.57
N SER A 61 -7.68 13.97 4.51
CA SER A 61 -6.53 13.90 5.40
C SER A 61 -5.41 13.09 4.77
N PRO A 62 -4.16 13.43 5.13
CA PRO A 62 -2.97 12.74 4.61
C PRO A 62 -2.85 11.31 5.16
N VAL A 63 -2.68 10.36 4.25
CA VAL A 63 -2.55 8.96 4.64
C VAL A 63 -1.52 8.25 3.77
N ARG A 64 -1.33 6.95 4.02
CA ARG A 64 -0.37 6.16 3.26
C ARG A 64 -0.88 5.88 1.86
N VAL A 65 -0.02 6.09 0.87
CA VAL A 65 -0.39 5.86 -0.53
C VAL A 65 0.81 5.40 -1.35
N CYS A 66 0.60 4.39 -2.18
CA CYS A 66 1.66 3.85 -3.02
C CYS A 66 2.07 4.86 -4.09
N GLN A 67 3.30 4.73 -4.59
CA GLN A 67 3.81 5.63 -5.62
C GLN A 67 2.82 5.74 -6.78
N ASN A 68 2.32 4.60 -7.24
CA ASN A 68 1.38 4.56 -8.34
C ASN A 68 0.19 5.48 -8.06
N CYS A 69 -0.16 5.63 -6.79
CA CYS A 69 -1.27 6.48 -6.39
C CYS A 69 -0.81 7.92 -6.19
N TYR A 70 0.23 8.09 -5.39
CA TYR A 70 0.76 9.42 -5.11
C TYR A 70 0.97 10.21 -6.40
N TYR A 71 1.65 9.58 -7.35
CA TYR A 71 1.92 10.23 -8.63
C TYR A 71 0.64 10.78 -9.25
N ASN A 72 -0.46 10.06 -9.05
CA ASN A 72 -1.75 10.47 -9.59
C ASN A 72 -2.43 11.47 -8.64
N LEU A 73 -2.09 11.40 -7.37
CA LEU A 73 -2.66 12.30 -6.36
C LEU A 73 -2.11 13.70 -6.52
N GLN A 74 -0.88 13.81 -7.01
CA GLN A 74 -0.24 15.10 -7.20
C GLN A 74 -0.64 15.71 -8.54
N HIS A 75 -1.03 14.86 -9.48
CA HIS A 75 -1.44 15.31 -10.81
C HIS A 75 -2.72 16.13 -10.73
N GLU A 76 -3.52 15.88 -9.69
CA GLU A 76 -4.77 16.59 -9.50
C GLU A 76 -4.53 17.99 -8.96
N ARG A 77 -3.39 18.18 -8.30
CA ARG A 77 -3.03 19.47 -7.73
C ARG A 77 -2.58 20.44 -8.83
N GLY A 78 -1.95 19.91 -9.86
CA GLY A 78 -1.47 20.74 -10.95
C GLY A 78 -2.59 21.53 -11.59
N SER A 1 4.19 5.24 -27.48
CA SER A 1 3.38 4.44 -26.58
C SER A 1 4.24 3.76 -25.52
N ASN A 2 5.15 2.91 -25.96
CA ASN A 2 6.04 2.20 -25.04
C ASN A 2 5.24 1.33 -24.07
N ALA A 3 5.95 0.71 -23.13
CA ALA A 3 5.30 -0.15 -22.14
C ALA A 3 6.31 -0.64 -21.10
N GLY A 4 5.83 -1.47 -20.17
CA GLY A 4 6.71 -1.99 -19.13
C GLY A 4 6.24 -3.33 -18.60
N ARG A 5 6.98 -3.89 -17.66
CA ARG A 5 6.65 -5.18 -17.08
C ARG A 5 7.03 -5.23 -15.60
N SER A 6 6.75 -6.35 -14.95
CA SER A 6 7.06 -6.53 -13.54
C SER A 6 8.08 -7.63 -13.34
N ALA A 7 7.63 -8.88 -13.48
CA ALA A 7 8.51 -10.03 -13.32
C ALA A 7 8.16 -11.13 -14.30
N ALA A 8 9.14 -11.54 -15.10
CA ALA A 8 8.93 -12.59 -16.09
C ALA A 8 8.28 -13.82 -15.46
N ASP A 9 8.50 -14.00 -14.16
CA ASP A 9 7.93 -15.13 -13.44
C ASP A 9 6.97 -14.66 -12.36
N HIS A 10 6.67 -15.55 -11.42
CA HIS A 10 5.77 -15.22 -10.32
C HIS A 10 4.35 -15.02 -10.83
N TRP A 11 3.58 -16.10 -10.86
CA TRP A 11 2.20 -16.06 -11.34
C TRP A 11 1.23 -15.99 -10.17
N VAL A 12 1.68 -15.42 -9.05
CA VAL A 12 0.85 -15.31 -7.86
C VAL A 12 1.10 -13.98 -7.15
N LYS A 13 0.02 -13.29 -6.79
CA LYS A 13 0.13 -12.01 -6.10
C LYS A 13 -1.07 -11.80 -5.16
N ASP A 14 -0.87 -12.13 -3.90
CA ASP A 14 -1.93 -11.98 -2.90
C ASP A 14 -1.33 -11.76 -1.51
N GLU A 15 -0.08 -11.31 -1.47
CA GLU A 15 0.59 -11.06 -0.20
C GLU A 15 -0.05 -9.90 0.55
N GLY A 16 -1.00 -10.22 1.42
CA GLY A 16 -1.67 -9.19 2.19
C GLY A 16 -1.82 -9.56 3.66
N GLY A 17 -0.87 -9.11 4.47
CA GLY A 17 -0.91 -9.40 5.88
C GLY A 17 0.25 -8.79 6.64
N ASP A 18 1.47 -9.13 6.22
CA ASP A 18 2.67 -8.60 6.86
C ASP A 18 3.87 -8.66 5.91
N SER A 19 3.64 -8.24 4.68
CA SER A 19 4.70 -8.25 3.66
C SER A 19 4.35 -7.32 2.51
N CYS A 20 5.34 -6.56 2.05
CA CYS A 20 5.15 -5.63 0.95
C CYS A 20 4.49 -6.33 -0.25
N SER A 21 3.78 -5.56 -1.06
CA SER A 21 3.11 -6.11 -2.23
C SER A 21 3.93 -5.87 -3.50
N GLY A 22 4.68 -4.77 -3.50
CA GLY A 22 5.51 -4.45 -4.65
C GLY A 22 6.94 -4.92 -4.49
N CYS A 23 7.23 -5.52 -3.34
CA CYS A 23 8.58 -6.01 -3.06
C CYS A 23 8.52 -7.40 -2.42
N SER A 24 7.45 -7.66 -1.68
CA SER A 24 7.28 -8.93 -1.00
C SER A 24 8.20 -9.05 0.21
N VAL A 25 8.89 -7.95 0.51
CA VAL A 25 9.81 -7.92 1.65
C VAL A 25 9.05 -7.97 2.97
N ARG A 26 9.37 -8.95 3.79
CA ARG A 26 8.73 -9.11 5.09
C ARG A 26 9.02 -7.92 6.00
N PHE A 27 7.98 -7.16 6.32
CA PHE A 27 8.14 -5.99 7.19
C PHE A 27 8.85 -6.35 8.48
N SER A 28 9.78 -5.50 8.90
CA SER A 28 10.54 -5.73 10.12
C SER A 28 11.05 -4.42 10.71
N LEU A 29 11.95 -4.52 11.69
CA LEU A 29 12.51 -3.34 12.32
C LEU A 29 13.26 -2.48 11.32
N THR A 30 13.59 -3.06 10.17
CA THR A 30 14.30 -2.35 9.12
C THR A 30 13.37 -2.03 7.94
N GLU A 31 12.20 -2.66 7.93
CA GLU A 31 11.24 -2.43 6.86
C GLU A 31 9.88 -2.03 7.44
N ARG A 32 9.52 -0.77 7.24
CA ARG A 32 8.25 -0.26 7.75
C ARG A 32 7.08 -0.75 6.88
N ARG A 33 5.88 -0.72 7.46
CA ARG A 33 4.69 -1.17 6.75
C ARG A 33 3.61 -0.10 6.75
N HIS A 34 2.74 -0.12 5.74
CA HIS A 34 1.67 0.85 5.64
C HIS A 34 0.62 0.40 4.61
N HIS A 35 -0.63 0.33 5.06
CA HIS A 35 -1.73 -0.09 4.18
C HIS A 35 -2.29 1.10 3.42
N CYS A 36 -2.08 1.09 2.10
CA CYS A 36 -2.57 2.18 1.25
C CYS A 36 -4.08 2.35 1.40
N ARG A 37 -4.50 3.57 1.73
CA ARG A 37 -5.92 3.87 1.91
C ARG A 37 -6.61 4.04 0.55
N ASN A 38 -5.86 3.82 -0.52
CA ASN A 38 -6.40 3.95 -1.87
C ASN A 38 -6.81 2.59 -2.42
N CYS A 39 -6.01 1.57 -2.15
CA CYS A 39 -6.28 0.22 -2.63
C CYS A 39 -6.45 -0.74 -1.45
N GLY A 40 -5.65 -0.54 -0.41
CA GLY A 40 -5.71 -1.40 0.75
C GLY A 40 -4.61 -2.43 0.79
N GLN A 41 -3.51 -2.14 0.10
CA GLN A 41 -2.37 -3.05 0.04
C GLN A 41 -1.24 -2.58 0.96
N LEU A 42 -0.41 -3.51 1.40
CA LEU A 42 0.70 -3.20 2.28
C LEU A 42 1.98 -2.99 1.49
N PHE A 43 2.66 -1.87 1.72
CA PHE A 43 3.90 -1.56 1.02
C PHE A 43 4.97 -1.10 2.01
N CYS A 44 6.22 -1.09 1.55
CA CYS A 44 7.34 -0.67 2.39
C CYS A 44 7.64 0.81 2.18
N GLN A 45 8.32 1.40 3.16
CA GLN A 45 8.68 2.83 3.08
C GLN A 45 9.47 3.12 1.82
N LYS A 46 10.07 2.08 1.24
CA LYS A 46 10.86 2.23 0.02
C LYS A 46 9.97 2.09 -1.22
N CYS A 47 8.78 1.55 -1.02
CA CYS A 47 7.83 1.36 -2.12
C CYS A 47 7.04 2.63 -2.38
N SER A 48 6.47 3.20 -1.32
CA SER A 48 5.68 4.41 -1.44
C SER A 48 6.55 5.65 -1.24
N ARG A 49 7.44 5.59 -0.26
CA ARG A 49 8.33 6.70 0.03
C ARG A 49 7.62 8.04 -0.16
N PHE A 50 6.29 8.02 -0.01
CA PHE A 50 5.51 9.24 -0.17
C PHE A 50 4.38 9.28 0.87
N GLN A 51 3.67 10.42 0.91
CA GLN A 51 2.58 10.60 1.85
C GLN A 51 1.66 11.74 1.41
N SER A 52 0.37 11.46 1.34
CA SER A 52 -0.61 12.46 0.94
C SER A 52 -2.03 11.95 1.14
N GLU A 53 -3.01 12.83 0.93
CA GLU A 53 -4.41 12.47 1.09
C GLU A 53 -4.96 11.86 -0.19
N ILE A 54 -6.18 11.35 -0.12
CA ILE A 54 -6.84 10.74 -1.28
C ILE A 54 -8.25 11.28 -1.46
N LYS A 55 -8.36 12.43 -2.11
CA LYS A 55 -9.66 13.06 -2.35
C LYS A 55 -10.54 12.14 -3.19
N ARG A 56 -9.93 11.40 -4.11
CA ARG A 56 -10.66 10.48 -4.97
C ARG A 56 -11.47 9.49 -4.15
N LEU A 57 -11.07 9.30 -2.90
CA LEU A 57 -11.76 8.37 -2.01
C LEU A 57 -12.43 9.11 -0.86
N LYS A 58 -12.61 10.42 -1.03
CA LYS A 58 -13.24 11.24 -0.01
C LYS A 58 -12.31 11.43 1.19
N ILE A 59 -11.01 11.42 0.94
CA ILE A 59 -10.02 11.58 2.00
C ILE A 59 -9.29 12.91 1.86
N SER A 60 -9.61 13.85 2.74
CA SER A 60 -8.98 15.17 2.71
C SER A 60 -7.72 15.19 3.57
N SER A 61 -7.59 14.20 4.45
CA SER A 61 -6.44 14.11 5.33
C SER A 61 -5.34 13.27 4.68
N PRO A 62 -4.08 13.62 4.99
CA PRO A 62 -2.91 12.91 4.45
C PRO A 62 -2.76 11.51 5.03
N VAL A 63 -2.66 10.52 4.15
CA VAL A 63 -2.52 9.13 4.58
C VAL A 63 -1.48 8.40 3.72
N ARG A 64 -1.29 7.12 4.02
CA ARG A 64 -0.33 6.31 3.27
C ARG A 64 -0.82 6.06 1.85
N VAL A 65 0.10 6.16 0.89
CA VAL A 65 -0.24 5.94 -0.51
C VAL A 65 0.96 5.42 -1.29
N CYS A 66 0.72 4.43 -2.14
CA CYS A 66 1.78 3.84 -2.94
C CYS A 66 2.19 4.76 -4.08
N GLN A 67 3.44 4.66 -4.51
CA GLN A 67 3.95 5.48 -5.59
C GLN A 67 3.03 5.43 -6.81
N ASN A 68 2.35 4.30 -6.98
CA ASN A 68 1.44 4.13 -8.10
C ASN A 68 0.20 5.00 -7.94
N CYS A 69 -0.22 5.20 -6.70
CA CYS A 69 -1.38 6.02 -6.40
C CYS A 69 -1.01 7.49 -6.26
N TYR A 70 0.02 7.75 -5.46
CA TYR A 70 0.48 9.11 -5.22
C TYR A 70 0.70 9.84 -6.55
N TYR A 71 1.29 9.14 -7.51
CA TYR A 71 1.55 9.72 -8.82
C TYR A 71 0.26 10.25 -9.45
N ASN A 72 -0.83 9.52 -9.26
CA ASN A 72 -2.12 9.91 -9.81
C ASN A 72 -2.81 10.93 -8.91
N LEU A 73 -2.45 10.91 -7.63
CA LEU A 73 -3.04 11.82 -6.65
C LEU A 73 -2.57 13.25 -6.90
N GLN A 74 -1.28 13.42 -7.16
CA GLN A 74 -0.71 14.72 -7.41
C GLN A 74 -1.01 15.18 -8.83
N HIS A 75 -1.31 14.23 -9.71
CA HIS A 75 -1.62 14.53 -11.10
C HIS A 75 -2.86 15.42 -11.20
N GLU A 76 -3.73 15.33 -10.20
CA GLU A 76 -4.94 16.12 -10.17
C GLU A 76 -4.64 17.60 -9.95
N ARG A 77 -3.56 17.86 -9.22
CA ARG A 77 -3.15 19.24 -8.94
C ARG A 77 -2.47 19.87 -10.16
N GLY A 78 -1.74 19.04 -10.90
CA GLY A 78 -1.04 19.53 -12.08
C GLY A 78 -1.33 18.70 -13.31
N SER A 1 23.50 -24.90 20.29
CA SER A 1 22.47 -24.65 19.29
C SER A 1 21.91 -25.96 18.75
N ASN A 2 20.60 -25.97 18.51
CA ASN A 2 19.94 -27.17 18.00
C ASN A 2 19.26 -26.88 16.66
N ALA A 3 18.14 -26.17 16.72
CA ALA A 3 17.39 -25.81 15.51
C ALA A 3 16.26 -24.84 15.83
N GLY A 4 15.58 -25.07 16.95
CA GLY A 4 14.50 -24.21 17.35
C GLY A 4 14.88 -22.74 17.35
N ARG A 5 13.91 -21.87 17.10
CA ARG A 5 14.15 -20.44 17.08
C ARG A 5 12.88 -19.66 17.39
N SER A 6 11.83 -19.88 16.59
CA SER A 6 10.56 -19.21 16.78
C SER A 6 9.51 -19.73 15.81
N ALA A 7 8.30 -19.21 15.93
CA ALA A 7 7.20 -19.62 15.06
C ALA A 7 6.48 -18.41 14.47
N ALA A 8 6.30 -18.42 13.15
CA ALA A 8 5.62 -17.33 12.47
C ALA A 8 4.11 -17.43 12.63
N ASP A 9 3.64 -18.60 13.02
CA ASP A 9 2.21 -18.83 13.21
C ASP A 9 1.72 -18.17 14.49
N HIS A 10 2.11 -18.73 15.63
CA HIS A 10 1.72 -18.19 16.92
C HIS A 10 0.22 -18.34 17.13
N TRP A 11 -0.30 -19.54 16.89
CA TRP A 11 -1.72 -19.81 17.05
C TRP A 11 -2.55 -18.98 16.08
N VAL A 12 -1.98 -18.68 14.91
CA VAL A 12 -2.66 -17.89 13.90
C VAL A 12 -1.84 -17.80 12.63
N LYS A 13 -2.50 -17.46 11.52
CA LYS A 13 -1.83 -17.34 10.24
C LYS A 13 -2.74 -16.68 9.21
N ASP A 14 -3.63 -15.81 9.69
CA ASP A 14 -4.56 -15.11 8.80
C ASP A 14 -4.88 -13.72 9.35
N GLU A 15 -3.97 -13.18 10.16
CA GLU A 15 -4.15 -11.86 10.75
C GLU A 15 -4.10 -10.78 9.68
N GLY A 16 -3.58 -11.14 8.51
CA GLY A 16 -3.48 -10.18 7.42
C GLY A 16 -2.32 -10.47 6.50
N GLY A 17 -1.20 -9.79 6.73
CA GLY A 17 -0.02 -9.99 5.91
C GLY A 17 0.95 -8.82 5.99
N ASP A 18 1.90 -8.91 6.92
CA ASP A 18 2.89 -7.86 7.10
C ASP A 18 4.01 -7.99 6.08
N SER A 19 3.65 -8.05 4.80
CA SER A 19 4.62 -8.18 3.74
C SER A 19 4.27 -7.26 2.57
N CYS A 20 5.29 -6.60 2.02
CA CYS A 20 5.08 -5.69 0.89
C CYS A 20 4.34 -6.39 -0.24
N SER A 21 3.64 -5.60 -1.07
CA SER A 21 2.89 -6.15 -2.19
C SER A 21 3.67 -5.99 -3.49
N GLY A 22 4.49 -4.96 -3.56
CA GLY A 22 5.29 -4.72 -4.75
C GLY A 22 6.70 -5.25 -4.63
N CYS A 23 7.03 -5.78 -3.45
CA CYS A 23 8.36 -6.33 -3.20
C CYS A 23 8.28 -7.67 -2.48
N SER A 24 7.20 -7.86 -1.71
CA SER A 24 7.01 -9.09 -0.96
C SER A 24 7.98 -9.18 0.20
N VAL A 25 8.69 -8.09 0.46
CA VAL A 25 9.66 -8.05 1.55
C VAL A 25 8.97 -8.05 2.91
N ARG A 26 9.28 -9.04 3.73
CA ARG A 26 8.70 -9.17 5.06
C ARG A 26 9.08 -7.97 5.93
N PHE A 27 8.09 -7.13 6.23
CA PHE A 27 8.33 -5.95 7.05
C PHE A 27 8.95 -6.34 8.39
N SER A 28 9.75 -5.43 8.95
CA SER A 28 10.41 -5.67 10.22
C SER A 28 10.85 -4.35 10.87
N LEU A 29 11.61 -4.46 11.95
CA LEU A 29 12.09 -3.28 12.67
C LEU A 29 12.94 -2.40 11.75
N THR A 30 13.45 -2.99 10.68
CA THR A 30 14.27 -2.26 9.71
C THR A 30 13.47 -1.87 8.49
N GLU A 31 12.38 -2.59 8.24
CA GLU A 31 11.52 -2.32 7.10
C GLU A 31 10.16 -1.81 7.55
N ARG A 32 9.89 -0.53 7.29
CA ARG A 32 8.63 0.08 7.67
C ARG A 32 7.50 -0.35 6.74
N ARG A 33 6.28 -0.42 7.27
CA ARG A 33 5.13 -0.83 6.48
C ARG A 33 4.04 0.23 6.53
N HIS A 34 3.09 0.15 5.60
CA HIS A 34 1.99 1.10 5.54
C HIS A 34 0.87 0.59 4.64
N HIS A 35 -0.35 0.59 5.15
CA HIS A 35 -1.51 0.12 4.40
C HIS A 35 -2.11 1.25 3.57
N CYS A 36 -2.09 1.09 2.25
CA CYS A 36 -2.64 2.10 1.35
C CYS A 36 -4.15 2.18 1.49
N ARG A 37 -4.65 3.39 1.76
CA ARG A 37 -6.08 3.61 1.91
C ARG A 37 -6.76 3.76 0.56
N ASN A 38 -5.98 3.60 -0.51
CA ASN A 38 -6.51 3.73 -1.87
C ASN A 38 -6.87 2.35 -2.43
N CYS A 39 -6.00 1.37 -2.20
CA CYS A 39 -6.22 0.02 -2.68
C CYS A 39 -6.32 -0.96 -1.52
N GLY A 40 -5.53 -0.72 -0.48
CA GLY A 40 -5.54 -1.60 0.67
C GLY A 40 -4.41 -2.61 0.65
N GLN A 41 -3.33 -2.27 -0.03
CA GLN A 41 -2.18 -3.16 -0.13
C GLN A 41 -1.00 -2.63 0.69
N LEU A 42 -0.33 -3.52 1.39
CA LEU A 42 0.82 -3.14 2.22
C LEU A 42 2.06 -2.93 1.36
N PHE A 43 2.76 -1.82 1.61
CA PHE A 43 3.97 -1.50 0.86
C PHE A 43 5.08 -1.04 1.80
N CYS A 44 6.32 -1.17 1.33
CA CYS A 44 7.48 -0.77 2.13
C CYS A 44 7.82 0.70 1.90
N GLN A 45 8.56 1.29 2.83
CA GLN A 45 8.96 2.68 2.73
C GLN A 45 9.72 2.94 1.43
N LYS A 46 10.25 1.87 0.84
CA LYS A 46 11.00 1.98 -0.39
C LYS A 46 10.09 1.81 -1.60
N CYS A 47 8.88 1.32 -1.36
CA CYS A 47 7.90 1.10 -2.42
C CYS A 47 7.11 2.37 -2.69
N SER A 48 6.54 2.95 -1.64
CA SER A 48 5.74 4.16 -1.77
C SER A 48 6.60 5.40 -1.47
N ARG A 49 7.45 5.29 -0.46
CA ARG A 49 8.32 6.39 -0.07
C ARG A 49 7.60 7.73 -0.22
N PHE A 50 6.28 7.70 -0.09
CA PHE A 50 5.47 8.91 -0.21
C PHE A 50 4.36 8.92 0.83
N GLN A 51 3.66 10.06 0.93
CA GLN A 51 2.57 10.20 1.90
C GLN A 51 1.68 11.39 1.53
N SER A 52 0.37 11.14 1.47
CA SER A 52 -0.59 12.18 1.12
C SER A 52 -2.02 11.68 1.25
N GLU A 53 -2.98 12.56 1.05
CA GLU A 53 -4.39 12.20 1.14
C GLU A 53 -4.86 11.49 -0.12
N ILE A 54 -6.10 11.02 -0.11
CA ILE A 54 -6.66 10.33 -1.26
C ILE A 54 -8.06 10.85 -1.58
N LYS A 55 -8.12 11.99 -2.25
CA LYS A 55 -9.40 12.59 -2.62
C LYS A 55 -10.28 11.59 -3.37
N ARG A 56 -9.65 10.77 -4.21
CA ARG A 56 -10.37 9.77 -4.98
C ARG A 56 -11.14 8.82 -4.07
N LEU A 57 -10.70 8.73 -2.81
CA LEU A 57 -11.34 7.87 -1.84
C LEU A 57 -12.11 8.68 -0.80
N LYS A 58 -12.36 9.95 -1.13
CA LYS A 58 -13.09 10.83 -0.22
C LYS A 58 -12.27 11.13 1.02
N ILE A 59 -10.95 11.04 0.89
CA ILE A 59 -10.05 11.30 2.00
C ILE A 59 -9.33 12.65 1.82
N SER A 60 -9.67 13.60 2.68
CA SER A 60 -9.06 14.93 2.61
C SER A 60 -7.79 14.99 3.45
N SER A 61 -7.68 14.07 4.40
CA SER A 61 -6.52 14.02 5.28
C SER A 61 -5.42 13.16 4.68
N PRO A 62 -4.16 13.49 5.00
CA PRO A 62 -2.99 12.75 4.50
C PRO A 62 -2.88 11.36 5.11
N VAL A 63 -2.72 10.36 4.26
CA VAL A 63 -2.60 8.98 4.72
C VAL A 63 -1.60 8.21 3.86
N ARG A 64 -1.44 6.92 4.18
CA ARG A 64 -0.52 6.07 3.44
C ARG A 64 -0.99 5.87 2.00
N VAL A 65 -0.08 6.02 1.05
CA VAL A 65 -0.41 5.85 -0.36
C VAL A 65 0.81 5.38 -1.16
N CYS A 66 0.59 4.41 -2.03
CA CYS A 66 1.67 3.86 -2.85
C CYS A 66 2.02 4.83 -3.99
N GLN A 67 3.26 4.74 -4.47
CA GLN A 67 3.72 5.60 -5.54
C GLN A 67 2.73 5.60 -6.71
N ASN A 68 2.18 4.42 -7.00
CA ASN A 68 1.23 4.28 -8.09
C ASN A 68 0.02 5.20 -7.89
N CYS A 69 -0.39 5.34 -6.63
CA CYS A 69 -1.53 6.18 -6.29
C CYS A 69 -1.09 7.63 -6.11
N TYR A 70 -0.08 7.83 -5.27
CA TYR A 70 0.44 9.17 -5.00
C TYR A 70 0.65 9.94 -6.30
N TYR A 71 1.26 9.27 -7.28
CA TYR A 71 1.54 9.89 -8.57
C TYR A 71 0.29 10.53 -9.14
N ASN A 72 -0.80 9.77 -9.16
CA ASN A 72 -2.07 10.26 -9.69
C ASN A 72 -2.70 11.27 -8.73
N LEU A 73 -2.43 11.10 -7.44
CA LEU A 73 -2.97 11.99 -6.42
C LEU A 73 -2.47 13.42 -6.63
N GLN A 74 -1.23 13.55 -7.08
CA GLN A 74 -0.64 14.85 -7.32
C GLN A 74 -1.05 15.39 -8.69
N HIS A 75 -1.44 14.50 -9.58
CA HIS A 75 -1.86 14.88 -10.92
C HIS A 75 -3.14 15.71 -10.88
N GLU A 76 -3.92 15.51 -9.82
CA GLU A 76 -5.18 16.23 -9.66
C GLU A 76 -4.93 17.71 -9.38
N ARG A 77 -3.77 18.02 -8.81
CA ARG A 77 -3.41 19.39 -8.49
C ARG A 77 -2.25 19.86 -9.38
N GLY A 78 -2.39 19.64 -10.68
CA GLY A 78 -1.35 20.05 -11.61
C GLY A 78 -1.13 19.04 -12.72
#